data_4QOM
#
_entry.id   4QOM
#
_cell.length_a   91.853
_cell.length_b   109.424
_cell.length_c   103.368
_cell.angle_alpha   90.000
_cell.angle_beta   92.210
_cell.angle_gamma   90.000
#
_symmetry.space_group_name_H-M   'P 1 21 1'
#
loop_
_entity.id
_entity.type
_entity.pdbx_description
1 polymer Catalase
2 non-polymer 'PROTOPORPHYRIN IX CONTAINING FE'
3 non-polymer BENZENE-1,2,3-TRIOL
4 non-polymer 'CHLORIDE ION'
5 non-polymer 'SODIUM ION'
6 water water
#
_entity_poly.entity_id   1
_entity_poly.type   'polypeptide(L)'
_entity_poly.pdbx_seq_one_letter_code
;MTNSNHKNLTTNQGVPVGDNQNSRTAGHRGPSFLDDYHLIEKLAHFDRERIPERVVHARGAGAYGVFEVENSMEKHTRAA
FLSEEGKQTDVFVRFSTVIHPKGSPETLRDPRGFAVKFYTEEGNYDLVGNNLPIFFIRDALKFPDMVHSLKPDPVTNIQD
PDRYWDFMTLTPESTHMLTWLFSDEGIPANYAEMRGSGVHTFRWVNKYGETKYVKYHWRPSEGIRNLSMEEAAEIQANDF
QHATRDLYDRIEKGNYPAWDLYVQLMPLSDYDELDYDPCDPTKTWSEEDYPLQKVGRMTLNRNPENFFAETEQAAFTPSA
LVPGIEASEDKLLQGRLFSYPDTQRHRLGANYMRIPVNCPYAPVHNNQQDGFMTTTRPSGHINYEPNRYDDQPKENPHYK
ESEPVLHGDRMVRQKIEKPNDFKQAGEKYRSYSEEEKQALIKNLTADLKGVNEKTKLLAICNFYRADEDYGQRLADSLGV
DIRSYLQGSMK
;
_entity_poly.pdbx_strand_id   A,B,C,D
#
loop_
_chem_comp.id
_chem_comp.type
_chem_comp.name
_chem_comp.formula
CL non-polymer 'CHLORIDE ION' 'Cl -1'
HEM non-polymer 'PROTOPORPHYRIN IX CONTAINING FE' 'C34 H32 Fe N4 O4'
NA non-polymer 'SODIUM ION' 'Na 1'
PYG non-polymer BENZENE-1,2,3-TRIOL 'C6 H6 O3'
#
# COMPACT_ATOMS: atom_id res chain seq x y z
N HIS A 6 -27.01 8.32 -25.52
CA HIS A 6 -26.02 9.42 -25.23
C HIS A 6 -25.82 9.64 -23.72
N LYS A 7 -24.56 9.78 -23.30
CA LYS A 7 -24.15 9.83 -21.91
C LYS A 7 -23.17 11.02 -21.74
N ASN A 8 -23.22 11.73 -20.62
CA ASN A 8 -22.14 12.66 -20.25
C ASN A 8 -20.91 11.92 -19.74
N LEU A 9 -19.74 12.35 -20.18
CA LEU A 9 -18.55 12.15 -19.41
C LEU A 9 -18.63 12.93 -18.09
N THR A 10 -18.22 12.31 -16.99
CA THR A 10 -18.29 12.97 -15.72
C THR A 10 -17.01 12.79 -14.93
N THR A 11 -16.83 13.62 -13.93
CA THR A 11 -15.83 13.34 -12.91
C THR A 11 -16.31 12.15 -12.05
N ASN A 12 -15.46 11.61 -11.18
CA ASN A 12 -15.87 10.57 -10.18
C ASN A 12 -16.83 11.08 -9.12
N GLN A 13 -16.97 12.44 -9.04
CA GLN A 13 -18.00 13.05 -8.22
C GLN A 13 -19.35 13.07 -8.89
N GLY A 14 -19.41 12.71 -10.17
CA GLY A 14 -20.71 12.68 -10.90
C GLY A 14 -21.01 14.02 -11.54
N VAL A 15 -20.05 14.94 -11.56
CA VAL A 15 -20.23 16.27 -12.24
C VAL A 15 -19.92 16.10 -13.73
N PRO A 16 -20.84 16.53 -14.62
CA PRO A 16 -20.56 16.43 -16.03
C PRO A 16 -19.37 17.30 -16.42
N VAL A 17 -18.53 16.77 -17.30
CA VAL A 17 -17.34 17.45 -17.73
C VAL A 17 -17.67 18.39 -18.92
N GLY A 18 -17.37 19.69 -18.76
CA GLY A 18 -17.53 20.66 -19.87
C GLY A 18 -16.54 20.57 -20.99
N ASP A 19 -15.34 20.11 -20.69
CA ASP A 19 -14.23 20.14 -21.63
C ASP A 19 -13.25 19.03 -21.27
N ASN A 20 -13.23 17.98 -22.09
CA ASN A 20 -12.30 16.91 -21.89
C ASN A 20 -11.06 17.05 -22.75
N GLN A 21 -10.87 18.22 -23.39
CA GLN A 21 -9.67 18.45 -24.31
C GLN A 21 -8.61 19.36 -23.76
N ASN A 22 -9.03 20.39 -23.05
CA ASN A 22 -8.12 21.48 -22.64
C ASN A 22 -8.01 21.56 -21.13
N SER A 23 -6.77 21.60 -20.67
CA SER A 23 -6.39 22.04 -19.33
C SER A 23 -6.79 23.49 -19.05
N ARG A 24 -6.92 23.86 -17.79
CA ARG A 24 -7.25 25.20 -17.41
C ARG A 24 -5.98 26.05 -17.23
N THR A 25 -5.90 27.17 -17.96
CA THR A 25 -4.60 27.88 -18.10
C THR A 25 -4.80 29.37 -18.03
N ALA A 26 -3.71 30.09 -17.79
CA ALA A 26 -3.72 31.53 -17.85
C ALA A 26 -3.72 32.04 -19.29
N GLY A 27 -4.93 32.23 -19.81
CA GLY A 27 -5.10 32.43 -21.27
C GLY A 27 -4.82 31.21 -22.08
N HIS A 28 -4.93 31.34 -23.38
CA HIS A 28 -4.93 30.20 -24.28
C HIS A 28 -3.56 29.51 -24.35
N ARG A 29 -2.50 30.21 -24.00
CA ARG A 29 -1.17 29.61 -24.05
C ARG A 29 -0.35 29.68 -22.75
N GLY A 30 -0.99 29.96 -21.62
CA GLY A 30 -0.26 30.23 -20.41
C GLY A 30 -0.12 28.96 -19.61
N PRO A 31 0.56 29.07 -18.45
CA PRO A 31 0.74 27.92 -17.61
C PRO A 31 -0.58 27.47 -16.97
N SER A 32 -0.56 26.24 -16.43
CA SER A 32 -1.74 25.52 -15.97
C SER A 32 -2.04 25.84 -14.48
N PHE A 33 -3.31 26.00 -14.17
CA PHE A 33 -3.77 26.24 -12.86
C PHE A 33 -3.94 24.95 -12.04
N LEU A 34 -3.68 25.10 -10.75
CA LEU A 34 -3.93 24.04 -9.78
C LEU A 34 -5.42 23.67 -9.63
N ASP A 35 -6.28 24.70 -9.76
CA ASP A 35 -7.75 24.50 -9.66
C ASP A 35 -8.29 23.93 -10.97
N ASP A 36 -8.00 22.64 -11.22
CA ASP A 36 -8.51 21.94 -12.39
C ASP A 36 -8.75 20.55 -11.92
N TYR A 37 -9.89 20.35 -11.22
CA TYR A 37 -10.13 19.10 -10.54
C TYR A 37 -10.20 17.96 -11.56
N HIS A 38 -10.83 18.16 -12.69
CA HIS A 38 -10.95 17.11 -13.68
C HIS A 38 -9.56 16.66 -14.17
N LEU A 39 -8.65 17.57 -14.43
CA LEU A 39 -7.30 17.20 -14.89
C LEU A 39 -6.63 16.34 -13.81
N ILE A 40 -6.64 16.88 -12.58
CA ILE A 40 -5.87 16.23 -11.52
C ILE A 40 -6.52 14.88 -11.23
N GLU A 41 -7.86 14.81 -11.13
CA GLU A 41 -8.47 13.54 -10.81
C GLU A 41 -8.13 12.49 -11.85
N LYS A 42 -8.24 12.84 -13.12
CA LYS A 42 -8.04 11.96 -14.24
C LYS A 42 -6.57 11.50 -14.33
N LEU A 43 -5.65 12.41 -14.15
CA LEU A 43 -4.22 12.05 -14.15
C LEU A 43 -3.83 11.24 -12.92
N ALA A 44 -4.38 11.63 -11.78
CA ALA A 44 -4.06 10.90 -10.52
C ALA A 44 -4.57 9.45 -10.60
N HIS A 45 -5.74 9.24 -11.17
CA HIS A 45 -6.20 7.83 -11.27
C HIS A 45 -5.32 7.09 -12.35
N PHE A 46 -5.09 7.69 -13.48
CA PHE A 46 -4.16 7.15 -14.47
C PHE A 46 -2.79 6.74 -13.84
N ASP A 47 -2.31 7.57 -12.95
CA ASP A 47 -1.05 7.38 -12.25
C ASP A 47 -1.06 6.18 -11.24
N ARG A 48 -2.26 5.70 -10.92
CA ARG A 48 -2.44 4.58 -10.04
C ARG A 48 -3.06 3.34 -10.66
N GLU A 49 -3.09 3.21 -11.99
CA GLU A 49 -3.70 2.03 -12.60
C GLU A 49 -3.06 0.70 -12.25
N ARG A 50 -1.74 0.70 -12.07
CA ARG A 50 -1.02 -0.51 -12.01
C ARG A 50 -0.92 -1.06 -10.59
N ILE A 51 -1.01 -2.38 -10.53
CA ILE A 51 -0.80 -3.13 -9.26
C ILE A 51 0.38 -4.11 -9.50
N PRO A 52 1.02 -4.53 -8.43
CA PRO A 52 2.08 -5.55 -8.67
C PRO A 52 1.62 -6.79 -9.45
N GLU A 53 2.49 -7.30 -10.33
CA GLU A 53 2.20 -8.46 -11.11
C GLU A 53 2.44 -9.63 -10.19
N ARG A 54 1.91 -10.74 -10.62
CA ARG A 54 2.16 -11.96 -9.80
C ARG A 54 3.66 -12.26 -9.74
N VAL A 55 4.12 -12.74 -8.61
CA VAL A 55 5.56 -12.98 -8.46
C VAL A 55 6.07 -14.07 -9.41
N VAL A 56 5.24 -15.08 -9.70
CA VAL A 56 5.47 -16.00 -10.83
C VAL A 56 4.17 -16.16 -11.55
N HIS A 57 4.19 -16.68 -12.76
CA HIS A 57 3.00 -16.81 -13.61
C HIS A 57 2.33 -15.47 -14.00
N ALA A 58 3.16 -14.48 -14.06
CA ALA A 58 2.74 -13.10 -14.35
C ALA A 58 2.00 -12.96 -15.70
N ARG A 59 2.48 -13.62 -16.74
CA ARG A 59 1.88 -13.68 -18.04
C ARG A 59 0.81 -14.75 -18.10
N GLY A 60 -0.43 -14.33 -18.44
CA GLY A 60 -1.49 -15.31 -18.58
C GLY A 60 -2.76 -14.78 -19.12
N ALA A 61 -3.74 -15.68 -19.21
CA ALA A 61 -4.99 -15.40 -19.92
C ALA A 61 -6.08 -16.16 -19.24
N GLY A 62 -7.27 -15.59 -19.16
CA GLY A 62 -8.39 -16.17 -18.48
C GLY A 62 -9.67 -16.42 -19.28
N ALA A 63 -10.45 -17.37 -18.81
CA ALA A 63 -11.77 -17.64 -19.40
C ALA A 63 -12.70 -18.32 -18.46
N TYR A 64 -14.02 -18.13 -18.67
CA TYR A 64 -15.01 -18.79 -17.86
C TYR A 64 -15.58 -19.98 -18.62
N GLY A 65 -16.11 -20.90 -17.86
CA GLY A 65 -16.85 -22.02 -18.46
C GLY A 65 -17.66 -22.82 -17.50
N VAL A 66 -17.86 -24.09 -17.85
CA VAL A 66 -18.68 -24.99 -17.02
C VAL A 66 -17.99 -26.34 -16.90
N PHE A 67 -18.04 -26.91 -15.71
CA PHE A 67 -17.65 -28.30 -15.47
C PHE A 67 -18.88 -29.14 -15.28
N GLU A 68 -18.99 -30.26 -16.02
CA GLU A 68 -20.11 -31.19 -15.86
C GLU A 68 -19.63 -32.59 -15.47
N VAL A 69 -20.24 -33.13 -14.44
CA VAL A 69 -19.92 -34.48 -13.95
C VAL A 69 -20.47 -35.52 -14.92
N GLU A 70 -19.60 -36.45 -15.30
CA GLU A 70 -20.04 -37.66 -16.01
C GLU A 70 -20.28 -38.85 -15.07
N ASN A 71 -19.34 -39.07 -14.14
CA ASN A 71 -19.38 -40.19 -13.16
C ASN A 71 -19.30 -39.60 -11.75
N SER A 72 -20.38 -39.72 -10.98
CA SER A 72 -20.35 -39.22 -9.59
C SER A 72 -19.26 -39.93 -8.78
N MET A 73 -18.65 -39.14 -7.90
CA MET A 73 -17.49 -39.59 -7.16
C MET A 73 -17.80 -39.81 -5.70
N GLU A 74 -19.08 -39.85 -5.34
CA GLU A 74 -19.47 -39.98 -3.94
C GLU A 74 -18.87 -41.17 -3.21
N LYS A 75 -18.52 -42.26 -3.92
CA LYS A 75 -17.91 -43.40 -3.21
C LYS A 75 -16.59 -42.98 -2.59
N HIS A 76 -15.96 -41.90 -3.12
CA HIS A 76 -14.58 -41.62 -2.80
C HIS A 76 -14.41 -40.25 -2.19
N THR A 77 -15.37 -39.37 -2.46
CA THR A 77 -15.33 -38.04 -1.89
C THR A 77 -16.75 -37.52 -1.67
N ARG A 78 -16.92 -36.82 -0.56
CA ARG A 78 -18.16 -36.09 -0.28
C ARG A 78 -18.24 -34.71 -0.97
N ALA A 79 -17.26 -34.36 -1.78
CA ALA A 79 -17.30 -33.05 -2.50
C ALA A 79 -18.61 -32.86 -3.24
N ALA A 80 -19.31 -31.78 -2.88
CA ALA A 80 -20.66 -31.54 -3.38
C ALA A 80 -20.69 -31.44 -4.88
N PHE A 81 -19.72 -30.75 -5.48
CA PHE A 81 -19.74 -30.51 -6.93
C PHE A 81 -19.52 -31.79 -7.73
N LEU A 82 -19.02 -32.84 -7.09
CA LEU A 82 -18.81 -34.12 -7.79
C LEU A 82 -19.88 -35.18 -7.42
N SER A 83 -20.99 -34.78 -6.80
CA SER A 83 -21.86 -35.73 -6.13
C SER A 83 -22.81 -36.46 -7.07
N GLU A 84 -23.08 -35.88 -8.23
CA GLU A 84 -23.96 -36.59 -9.15
C GLU A 84 -23.76 -36.36 -10.60
N GLU A 85 -24.14 -37.39 -11.36
CA GLU A 85 -24.08 -37.31 -12.79
C GLU A 85 -24.87 -36.10 -13.32
N GLY A 86 -24.24 -35.38 -14.25
CA GLY A 86 -24.87 -34.22 -14.89
C GLY A 86 -24.79 -32.89 -14.14
N LYS A 87 -24.28 -32.92 -12.93
CA LYS A 87 -24.16 -31.73 -12.12
C LYS A 87 -23.17 -30.77 -12.75
N GLN A 88 -23.60 -29.52 -12.92
CA GLN A 88 -22.80 -28.51 -13.56
C GLN A 88 -22.35 -27.47 -12.56
N THR A 89 -21.07 -27.09 -12.65
CA THR A 89 -20.48 -26.08 -11.79
C THR A 89 -19.75 -25.07 -12.73
N ASP A 90 -20.00 -23.78 -12.52
CA ASP A 90 -19.27 -22.73 -13.16
C ASP A 90 -17.78 -22.72 -12.74
N VAL A 91 -16.91 -22.45 -13.71
CA VAL A 91 -15.49 -22.29 -13.48
C VAL A 91 -14.99 -20.95 -14.03
N PHE A 92 -13.91 -20.48 -13.43
CA PHE A 92 -13.01 -19.56 -14.05
C PHE A 92 -11.62 -20.17 -14.09
N VAL A 93 -10.94 -20.03 -15.21
CA VAL A 93 -9.65 -20.63 -15.45
C VAL A 93 -8.66 -19.59 -15.91
N ARG A 94 -7.45 -19.60 -15.34
CA ARG A 94 -6.37 -18.82 -15.86
C ARG A 94 -5.23 -19.77 -16.27
N PHE A 95 -4.75 -19.52 -17.49
CA PHE A 95 -3.56 -20.19 -18.01
C PHE A 95 -2.41 -19.22 -18.02
N SER A 96 -1.15 -19.71 -17.95
CA SER A 96 -0.04 -18.81 -17.77
C SER A 96 1.31 -19.46 -18.19
N THR A 97 2.31 -18.63 -18.47
CA THR A 97 3.68 -19.07 -18.36
C THR A 97 4.14 -18.94 -16.90
N VAL A 98 5.43 -19.03 -16.65
CA VAL A 98 5.92 -18.98 -15.26
C VAL A 98 6.86 -17.84 -14.94
N ILE A 99 8.03 -17.81 -15.62
CA ILE A 99 9.17 -17.08 -15.13
C ILE A 99 9.16 -15.59 -15.50
N HIS A 100 8.91 -15.29 -16.76
CA HIS A 100 9.08 -13.89 -17.20
C HIS A 100 7.92 -13.02 -16.84
N PRO A 101 8.12 -11.65 -16.95
CA PRO A 101 7.02 -10.79 -16.49
C PRO A 101 5.81 -10.72 -17.40
N LYS A 102 4.87 -9.82 -17.04
N LYS A 102 4.83 -9.88 -17.02
CA LYS A 102 3.80 -9.43 -17.92
CA LYS A 102 3.56 -9.77 -17.69
C LYS A 102 4.43 -8.92 -19.21
C LYS A 102 3.53 -9.67 -19.21
N GLY A 103 3.81 -9.22 -20.33
N GLY A 103 4.46 -8.95 -19.81
CA GLY A 103 4.24 -8.64 -21.55
CA GLY A 103 4.38 -8.68 -21.28
C GLY A 103 5.22 -9.60 -22.20
C GLY A 103 5.24 -9.59 -22.12
N SER A 104 5.71 -10.61 -21.47
CA SER A 104 6.74 -11.52 -22.07
C SER A 104 6.13 -12.47 -23.08
N PRO A 105 6.94 -13.03 -23.93
CA PRO A 105 6.34 -13.88 -25.01
C PRO A 105 5.81 -15.21 -24.46
N GLU A 106 4.84 -15.75 -25.18
CA GLU A 106 4.27 -17.02 -24.86
C GLU A 106 4.89 -18.19 -25.64
N THR A 107 6.02 -17.92 -26.27
CA THR A 107 6.81 -18.89 -27.05
C THR A 107 8.03 -19.36 -26.25
N LEU A 108 8.18 -18.93 -24.98
CA LEU A 108 9.37 -19.31 -24.20
C LEU A 108 9.16 -20.73 -23.63
N ARG A 109 10.26 -21.40 -23.34
CA ARG A 109 10.22 -22.65 -22.57
C ARG A 109 9.83 -22.41 -21.10
N ASP A 110 8.93 -23.22 -20.58
CA ASP A 110 8.36 -23.01 -19.21
C ASP A 110 7.28 -24.07 -19.02
N PRO A 111 7.10 -24.52 -17.78
CA PRO A 111 5.76 -25.08 -17.46
C PRO A 111 4.69 -24.05 -17.79
N ARG A 112 3.47 -24.53 -17.97
CA ARG A 112 2.32 -23.66 -18.09
C ARG A 112 1.40 -23.88 -16.91
N GLY A 113 0.94 -22.76 -16.35
CA GLY A 113 -0.09 -22.82 -15.35
C GLY A 113 -1.46 -23.13 -15.89
N PHE A 114 -2.25 -23.79 -15.05
CA PHE A 114 -3.55 -24.35 -15.41
C PHE A 114 -4.39 -24.30 -14.13
N ALA A 115 -4.91 -23.11 -13.83
CA ALA A 115 -5.54 -22.83 -12.56
C ALA A 115 -7.05 -22.78 -12.75
N VAL A 116 -7.77 -23.63 -12.06
CA VAL A 116 -9.23 -23.76 -12.18
C VAL A 116 -9.95 -23.45 -10.86
N LYS A 117 -10.85 -22.48 -10.91
CA LYS A 117 -11.68 -22.08 -9.77
C LYS A 117 -13.09 -22.57 -10.02
N PHE A 118 -13.55 -23.48 -9.16
CA PHE A 118 -14.93 -24.06 -9.24
C PHE A 118 -15.83 -23.37 -8.22
N TYR A 119 -16.88 -22.70 -8.69
CA TYR A 119 -17.78 -21.98 -7.81
C TYR A 119 -18.86 -22.94 -7.22
N THR A 120 -18.49 -23.72 -6.21
CA THR A 120 -19.34 -24.82 -5.78
C THR A 120 -20.39 -24.32 -4.74
N GLU A 121 -21.41 -25.17 -4.46
CA GLU A 121 -22.40 -24.78 -3.49
C GLU A 121 -21.84 -24.78 -2.06
N GLU A 122 -20.68 -25.37 -1.84
CA GLU A 122 -20.07 -25.46 -0.51
C GLU A 122 -18.80 -24.63 -0.44
N GLY A 123 -18.70 -23.69 -1.37
CA GLY A 123 -17.56 -22.78 -1.38
C GLY A 123 -16.74 -22.89 -2.67
N ASN A 124 -15.78 -21.99 -2.82
CA ASN A 124 -14.91 -21.99 -4.00
C ASN A 124 -13.80 -23.03 -3.82
N TYR A 125 -13.61 -23.88 -4.84
CA TYR A 125 -12.55 -24.87 -4.83
C TYR A 125 -11.60 -24.52 -5.93
N ASP A 126 -10.32 -24.27 -5.57
CA ASP A 126 -9.29 -23.97 -6.53
C ASP A 126 -8.39 -25.16 -6.74
N LEU A 127 -8.27 -25.62 -7.99
CA LEU A 127 -7.29 -26.65 -8.34
C LEU A 127 -6.21 -25.93 -9.14
N VAL A 128 -5.08 -25.58 -8.50
CA VAL A 128 -4.06 -24.72 -9.07
C VAL A 128 -2.97 -25.68 -9.65
N GLY A 129 -3.20 -26.06 -10.89
CA GLY A 129 -2.32 -26.95 -11.60
C GLY A 129 -1.30 -26.34 -12.53
N ASN A 130 -0.52 -27.24 -13.17
CA ASN A 130 0.31 -26.91 -14.29
C ASN A 130 0.05 -27.92 -15.39
N ASN A 131 0.55 -27.70 -16.58
CA ASN A 131 0.47 -28.77 -17.60
C ASN A 131 1.26 -30.00 -17.23
N LEU A 132 2.51 -29.80 -16.85
CA LEU A 132 3.40 -30.93 -16.52
C LEU A 132 3.02 -31.44 -15.15
N PRO A 133 3.12 -32.78 -14.95
CA PRO A 133 2.51 -33.43 -13.77
C PRO A 133 3.41 -33.61 -12.55
N ILE A 134 4.64 -33.07 -12.62
CA ILE A 134 5.58 -33.12 -11.50
C ILE A 134 6.22 -31.75 -11.30
N PHE A 135 7.09 -31.63 -10.32
CA PHE A 135 7.78 -30.38 -10.09
C PHE A 135 9.29 -30.62 -9.88
N PHE A 136 10.05 -29.57 -9.86
CA PHE A 136 11.51 -29.53 -9.77
C PHE A 136 11.99 -29.82 -8.36
N ILE A 137 11.17 -29.48 -7.37
CA ILE A 137 11.52 -29.55 -5.96
C ILE A 137 10.38 -30.17 -5.16
N ARG A 138 10.68 -30.58 -3.94
CA ARG A 138 9.72 -31.29 -3.08
C ARG A 138 9.49 -30.64 -1.71
N ASP A 139 10.10 -29.44 -1.47
CA ASP A 139 9.89 -28.76 -0.23
C ASP A 139 9.79 -27.24 -0.51
N ALA A 140 8.73 -26.62 0.01
CA ALA A 140 8.49 -25.19 -0.29
C ALA A 140 9.59 -24.23 0.17
N LEU A 141 10.38 -24.64 1.17
CA LEU A 141 11.52 -23.88 1.62
C LEU A 141 12.51 -23.54 0.49
N LYS A 142 12.56 -24.38 -0.57
CA LYS A 142 13.42 -24.16 -1.68
C LYS A 142 12.80 -23.28 -2.77
N PHE A 143 11.51 -22.98 -2.66
CA PHE A 143 10.90 -22.31 -3.79
C PHE A 143 11.47 -20.94 -4.15
N PRO A 144 11.78 -20.04 -3.19
CA PRO A 144 12.28 -18.71 -3.62
C PRO A 144 13.69 -18.89 -4.24
N ASP A 145 14.43 -19.95 -3.78
CA ASP A 145 15.74 -20.21 -4.36
C ASP A 145 15.64 -20.68 -5.80
N MET A 146 14.77 -21.64 -6.03
CA MET A 146 14.53 -22.15 -7.37
C MET A 146 14.11 -21.01 -8.34
N VAL A 147 13.07 -20.26 -7.94
CA VAL A 147 12.59 -19.12 -8.69
C VAL A 147 13.71 -18.11 -8.96
N HIS A 148 14.46 -17.70 -7.93
CA HIS A 148 15.49 -16.80 -8.10
C HIS A 148 16.54 -17.26 -9.12
N SER A 149 16.86 -18.56 -9.14
CA SER A 149 17.83 -19.08 -10.12
C SER A 149 17.30 -19.05 -11.53
N LEU A 150 16.00 -19.27 -11.67
CA LEU A 150 15.31 -19.28 -13.01
C LEU A 150 15.04 -17.89 -13.55
N LYS A 151 14.70 -16.97 -12.67
CA LYS A 151 14.38 -15.58 -13.04
C LYS A 151 15.58 -14.92 -13.69
N PRO A 152 15.29 -13.90 -14.52
CA PRO A 152 16.38 -13.04 -14.90
C PRO A 152 17.39 -12.75 -13.78
N ASP A 153 18.67 -12.77 -14.12
CA ASP A 153 19.73 -12.38 -13.24
C ASP A 153 19.44 -11.00 -12.61
N PRO A 154 19.70 -10.88 -11.31
CA PRO A 154 19.36 -9.65 -10.60
C PRO A 154 20.22 -8.45 -10.98
N VAL A 155 21.33 -8.66 -11.71
CA VAL A 155 22.16 -7.54 -12.24
C VAL A 155 21.79 -7.23 -13.69
N THR A 156 21.62 -8.25 -14.52
CA THR A 156 21.56 -8.04 -15.93
C THR A 156 20.13 -7.94 -16.44
N ASN A 157 19.18 -8.44 -15.67
CA ASN A 157 17.79 -8.61 -16.10
C ASN A 157 17.64 -9.54 -17.29
N ILE A 158 18.52 -10.55 -17.42
CA ILE A 158 18.35 -11.56 -18.45
C ILE A 158 18.53 -12.92 -17.83
N GLN A 159 17.66 -13.82 -18.21
CA GLN A 159 17.72 -15.19 -17.71
C GLN A 159 19.05 -15.82 -18.11
N ASP A 160 19.65 -16.59 -17.20
CA ASP A 160 20.99 -17.12 -17.43
C ASP A 160 20.96 -18.59 -17.09
N PRO A 161 21.06 -19.48 -18.13
CA PRO A 161 21.10 -20.94 -17.81
C PRO A 161 22.16 -21.32 -16.80
N ASP A 162 23.29 -20.64 -16.78
CA ASP A 162 24.34 -21.01 -15.83
C ASP A 162 23.81 -20.90 -14.40
N ARG A 163 22.86 -19.99 -14.16
CA ARG A 163 22.32 -19.84 -12.80
C ARG A 163 21.33 -20.96 -12.41
N TYR A 164 20.34 -21.22 -13.24
CA TYR A 164 19.37 -22.19 -12.86
C TYR A 164 19.95 -23.58 -12.98
N TRP A 165 20.84 -23.79 -13.95
CA TRP A 165 21.51 -25.18 -13.90
C TRP A 165 22.41 -25.39 -12.70
N ASP A 166 23.02 -24.33 -12.18
CA ASP A 166 23.77 -24.44 -10.89
C ASP A 166 22.84 -24.93 -9.79
N PHE A 167 21.71 -24.27 -9.62
CA PHE A 167 20.72 -24.73 -8.69
C PHE A 167 20.18 -26.13 -8.97
N MET A 168 19.77 -26.39 -10.20
CA MET A 168 19.09 -27.67 -10.52
C MET A 168 20.07 -28.80 -10.32
N THR A 169 21.31 -28.59 -10.72
CA THR A 169 22.27 -29.74 -10.61
C THR A 169 22.61 -30.10 -9.17
N LEU A 170 22.62 -29.11 -8.29
CA LEU A 170 22.76 -29.28 -6.84
C LEU A 170 21.47 -29.70 -6.11
N THR A 171 20.41 -29.98 -6.88
CA THR A 171 19.05 -30.25 -6.44
C THR A 171 18.61 -31.40 -7.36
N PRO A 172 19.31 -32.55 -7.23
CA PRO A 172 19.07 -33.70 -8.11
C PRO A 172 17.63 -34.21 -8.17
N GLU A 173 16.79 -33.91 -7.19
CA GLU A 173 15.38 -34.29 -7.30
C GLU A 173 14.69 -33.63 -8.49
N SER A 174 15.30 -32.59 -9.04
CA SER A 174 14.82 -31.92 -10.29
C SER A 174 14.92 -32.71 -11.58
N THR A 175 15.59 -33.85 -11.51
CA THR A 175 15.98 -34.52 -12.72
C THR A 175 14.76 -35.03 -13.53
N HIS A 176 13.75 -35.54 -12.84
CA HIS A 176 12.55 -36.01 -13.55
C HIS A 176 11.90 -34.86 -14.25
N MET A 177 11.69 -33.77 -13.53
CA MET A 177 11.06 -32.57 -14.12
C MET A 177 11.76 -32.03 -15.37
N LEU A 178 13.09 -31.94 -15.32
CA LEU A 178 13.87 -31.44 -16.46
C LEU A 178 13.76 -32.34 -17.67
N THR A 179 13.63 -33.66 -17.42
CA THR A 179 13.40 -34.64 -18.49
C THR A 179 12.05 -34.44 -19.19
N TRP A 180 11.05 -33.89 -18.49
CA TRP A 180 9.82 -33.50 -19.18
C TRP A 180 9.94 -32.13 -19.86
N LEU A 181 10.47 -31.15 -19.12
CA LEU A 181 10.47 -29.77 -19.53
C LEU A 181 11.38 -29.53 -20.78
N PHE A 182 12.42 -30.34 -20.96
CA PHE A 182 13.27 -30.21 -22.13
C PHE A 182 12.92 -31.12 -23.29
N SER A 183 11.83 -31.86 -23.16
CA SER A 183 11.09 -32.33 -24.36
C SER A 183 10.47 -31.15 -25.06
N ASP A 184 9.83 -31.36 -26.18
CA ASP A 184 9.16 -30.21 -26.80
C ASP A 184 7.91 -29.81 -25.99
N GLU A 185 7.48 -30.62 -25.05
CA GLU A 185 6.31 -30.24 -24.20
C GLU A 185 6.68 -29.08 -23.27
N GLY A 186 7.97 -28.73 -23.21
CA GLY A 186 8.36 -27.46 -22.60
C GLY A 186 7.86 -26.19 -23.31
N ILE A 187 7.38 -26.30 -24.55
CA ILE A 187 6.74 -25.23 -25.26
C ILE A 187 5.45 -25.73 -25.87
N PRO A 188 4.35 -25.73 -25.12
CA PRO A 188 3.04 -26.01 -25.71
C PRO A 188 2.67 -25.08 -26.85
N ALA A 189 1.94 -25.59 -27.85
CA ALA A 189 1.60 -24.77 -29.01
C ALA A 189 0.73 -23.61 -28.67
N ASN A 190 -0.13 -23.84 -27.69
CA ASN A 190 -1.01 -22.83 -27.18
C ASN A 190 -1.63 -23.37 -25.86
N TYR A 191 -2.55 -22.63 -25.26
CA TYR A 191 -3.14 -23.09 -24.00
C TYR A 191 -4.23 -24.17 -24.17
N ALA A 192 -4.80 -24.31 -25.38
CA ALA A 192 -5.90 -25.25 -25.60
C ALA A 192 -5.37 -26.68 -25.87
N GLU A 193 -4.26 -26.76 -26.59
CA GLU A 193 -3.72 -28.06 -27.01
C GLU A 193 -2.64 -28.47 -26.02
N MET A 194 -3.06 -28.59 -24.77
CA MET A 194 -2.20 -28.67 -23.63
C MET A 194 -2.77 -29.54 -22.55
N ARG A 195 -1.91 -30.35 -21.92
CA ARG A 195 -2.21 -31.15 -20.76
C ARG A 195 -2.49 -30.29 -19.54
N GLY A 196 -3.23 -30.81 -18.58
CA GLY A 196 -3.26 -30.19 -17.22
C GLY A 196 -3.06 -31.24 -16.19
N SER A 197 -2.53 -30.86 -15.05
CA SER A 197 -2.22 -31.78 -13.94
C SER A 197 -2.44 -31.09 -12.59
N GLY A 198 -2.95 -31.80 -11.59
CA GLY A 198 -2.98 -31.27 -10.20
C GLY A 198 -1.59 -31.26 -9.57
N VAL A 199 -0.71 -32.14 -10.11
CA VAL A 199 0.71 -32.28 -9.68
C VAL A 199 0.76 -32.98 -8.34
N HIS A 200 0.31 -32.35 -7.26
CA HIS A 200 0.28 -33.02 -5.98
C HIS A 200 -0.73 -34.14 -5.88
N THR A 201 -0.40 -35.08 -5.01
CA THR A 201 -1.38 -35.91 -4.36
C THR A 201 -2.19 -35.09 -3.37
N PHE A 202 -3.50 -35.29 -3.44
CA PHE A 202 -4.44 -34.77 -2.44
C PHE A 202 -5.09 -35.94 -1.70
N ARG A 203 -5.88 -35.63 -0.71
CA ARG A 203 -6.71 -36.60 -0.01
C ARG A 203 -8.17 -36.40 -0.37
N TRP A 204 -8.82 -37.48 -0.74
CA TRP A 204 -10.26 -37.50 -0.89
C TRP A 204 -10.88 -38.21 0.30
N VAL A 205 -11.94 -37.62 0.86
CA VAL A 205 -12.60 -38.15 2.05
C VAL A 205 -14.08 -38.28 1.79
N ASN A 206 -14.58 -39.50 1.95
CA ASN A 206 -15.99 -39.75 1.73
C ASN A 206 -16.86 -39.57 2.96
N LYS A 207 -18.16 -39.76 2.79
CA LYS A 207 -19.14 -39.52 3.87
C LYS A 207 -18.98 -40.49 5.08
N TYR A 208 -18.28 -41.58 4.91
CA TYR A 208 -17.97 -42.50 6.01
C TYR A 208 -16.63 -42.14 6.67
N GLY A 209 -15.97 -41.11 6.18
CA GLY A 209 -14.67 -40.70 6.73
C GLY A 209 -13.50 -41.53 6.20
N GLU A 210 -13.71 -42.29 5.15
CA GLU A 210 -12.65 -43.09 4.54
C GLU A 210 -11.86 -42.16 3.59
N THR A 211 -10.54 -42.30 3.59
CA THR A 211 -9.65 -41.45 2.82
C THR A 211 -8.94 -42.24 1.75
N LYS A 212 -8.85 -41.66 0.55
CA LYS A 212 -7.95 -42.16 -0.50
C LYS A 212 -7.01 -41.03 -0.93
N TYR A 213 -5.80 -41.35 -1.36
CA TYR A 213 -5.02 -40.44 -2.14
C TYR A 213 -5.52 -40.27 -3.56
N VAL A 214 -5.44 -39.02 -4.08
CA VAL A 214 -5.96 -38.75 -5.45
C VAL A 214 -4.96 -37.91 -6.20
N LYS A 215 -4.89 -38.16 -7.50
CA LYS A 215 -4.20 -37.27 -8.45
C LYS A 215 -5.18 -36.89 -9.55
N TYR A 216 -5.08 -35.63 -9.99
CA TYR A 216 -5.93 -35.11 -11.06
C TYR A 216 -5.20 -34.88 -12.39
N HIS A 217 -5.91 -35.17 -13.49
CA HIS A 217 -5.38 -35.02 -14.83
C HIS A 217 -6.41 -34.44 -15.75
N TRP A 218 -6.04 -33.43 -16.52
CA TRP A 218 -6.91 -32.86 -17.51
C TRP A 218 -6.41 -33.24 -18.89
N ARG A 219 -7.29 -33.84 -19.70
CA ARG A 219 -6.97 -34.26 -21.05
C ARG A 219 -7.67 -33.38 -22.10
N PRO A 220 -6.88 -32.68 -22.91
CA PRO A 220 -7.49 -31.74 -23.85
C PRO A 220 -8.26 -32.42 -24.93
N SER A 221 -9.50 -31.98 -25.16
CA SER A 221 -10.25 -32.40 -26.37
C SER A 221 -9.51 -32.02 -27.67
N GLU A 222 -8.79 -30.89 -27.69
CA GLU A 222 -8.01 -30.49 -28.86
C GLU A 222 -6.70 -31.29 -29.06
N GLY A 223 -6.40 -32.28 -28.20
CA GLY A 223 -5.11 -32.98 -28.19
C GLY A 223 -3.96 -32.15 -27.67
N ILE A 224 -2.83 -32.80 -27.42
CA ILE A 224 -1.59 -32.17 -27.00
C ILE A 224 -0.74 -31.88 -28.22
N ARG A 225 -0.34 -30.62 -28.39
CA ARG A 225 0.57 -30.24 -29.46
C ARG A 225 1.63 -29.26 -28.93
N ASN A 226 2.88 -29.47 -29.34
CA ASN A 226 4.06 -28.81 -28.79
C ASN A 226 4.81 -28.11 -29.92
N LEU A 227 5.70 -27.18 -29.54
CA LEU A 227 6.55 -26.49 -30.51
C LEU A 227 8.00 -26.85 -30.32
N SER A 228 8.68 -27.15 -31.42
CA SER A 228 10.15 -27.20 -31.43
C SER A 228 10.73 -25.88 -31.17
N MET A 229 12.02 -25.82 -30.84
CA MET A 229 12.66 -24.52 -30.65
C MET A 229 12.53 -23.69 -31.92
N GLU A 230 12.63 -24.33 -33.08
CA GLU A 230 12.50 -23.61 -34.36
C GLU A 230 11.09 -23.09 -34.64
N GLU A 231 10.06 -23.88 -34.33
CA GLU A 231 8.67 -23.51 -34.52
C GLU A 231 8.35 -22.35 -33.57
N ALA A 232 8.88 -22.42 -32.36
CA ALA A 232 8.67 -21.32 -31.38
C ALA A 232 9.26 -20.01 -31.82
N ALA A 233 10.49 -20.06 -32.34
CA ALA A 233 11.13 -18.84 -32.84
C ALA A 233 10.29 -18.26 -33.97
N GLU A 234 9.76 -19.10 -34.85
CA GLU A 234 9.05 -18.60 -36.04
C GLU A 234 7.79 -17.83 -35.56
N ILE A 235 7.14 -18.37 -34.54
CA ILE A 235 5.96 -17.70 -33.98
C ILE A 235 6.39 -16.44 -33.25
N GLN A 236 7.42 -16.55 -32.43
CA GLN A 236 7.89 -15.39 -31.64
C GLN A 236 8.24 -14.13 -32.50
N ALA A 237 8.76 -14.38 -33.72
CA ALA A 237 9.09 -13.34 -34.67
C ALA A 237 7.94 -12.38 -34.89
N ASN A 238 6.72 -12.90 -34.90
CA ASN A 238 5.56 -12.10 -35.33
C ASN A 238 4.50 -11.93 -34.26
N ASP A 239 4.55 -12.68 -33.17
CA ASP A 239 3.51 -12.54 -32.13
C ASP A 239 4.04 -12.98 -30.81
N PHE A 240 4.15 -12.04 -29.90
CA PHE A 240 4.61 -12.36 -28.51
C PHE A 240 3.43 -12.68 -27.55
N GLN A 241 2.19 -12.73 -28.03
CA GLN A 241 1.05 -13.11 -27.21
C GLN A 241 0.14 -14.12 -27.93
N HIS A 242 0.76 -15.07 -28.63
CA HIS A 242 -0.02 -15.93 -29.52
C HIS A 242 -1.02 -16.85 -28.80
N ALA A 243 -0.70 -17.26 -27.55
CA ALA A 243 -1.51 -18.22 -26.81
C ALA A 243 -2.71 -17.46 -26.25
N THR A 244 -2.48 -16.25 -25.78
CA THR A 244 -3.58 -15.41 -25.28
C THR A 244 -4.54 -15.15 -26.45
N ARG A 245 -3.98 -14.81 -27.61
CA ARG A 245 -4.78 -14.55 -28.80
C ARG A 245 -5.63 -15.74 -29.22
N ASP A 246 -4.98 -16.89 -29.20
CA ASP A 246 -5.60 -18.14 -29.61
C ASP A 246 -6.77 -18.54 -28.70
N LEU A 247 -6.60 -18.38 -27.37
CA LEU A 247 -7.65 -18.70 -26.46
C LEU A 247 -8.86 -17.80 -26.67
N TYR A 248 -8.64 -16.48 -26.74
CA TYR A 248 -9.70 -15.55 -26.89
C TYR A 248 -10.44 -15.84 -28.20
N ASP A 249 -9.67 -16.09 -29.23
CA ASP A 249 -10.22 -16.20 -30.58
CA ASP A 249 -10.22 -16.21 -30.58
C ASP A 249 -11.08 -17.46 -30.71
N ARG A 250 -10.63 -18.59 -30.15
CA ARG A 250 -11.41 -19.81 -30.18
C ARG A 250 -12.76 -19.59 -29.53
N ILE A 251 -12.76 -18.92 -28.36
CA ILE A 251 -13.98 -18.73 -27.64
C ILE A 251 -14.90 -17.74 -28.36
N GLU A 252 -14.34 -16.68 -28.91
CA GLU A 252 -15.17 -15.67 -29.59
C GLU A 252 -15.85 -16.31 -30.81
N LYS A 253 -15.19 -17.30 -31.43
CA LYS A 253 -15.71 -18.00 -32.63
C LYS A 253 -16.60 -19.20 -32.32
N GLY A 254 -16.77 -19.52 -31.05
CA GLY A 254 -17.65 -20.63 -30.66
C GLY A 254 -16.96 -21.98 -30.69
N ASN A 255 -15.66 -21.98 -30.95
CA ASN A 255 -14.88 -23.19 -30.96
C ASN A 255 -14.32 -23.48 -29.53
N TYR A 256 -15.18 -23.85 -28.60
CA TYR A 256 -14.87 -23.86 -27.15
C TYR A 256 -13.91 -24.98 -26.78
N PRO A 257 -12.73 -24.66 -26.20
CA PRO A 257 -11.87 -25.74 -25.81
C PRO A 257 -12.38 -26.46 -24.57
N ALA A 258 -12.12 -27.76 -24.50
CA ALA A 258 -12.51 -28.56 -23.40
C ALA A 258 -11.41 -29.49 -22.94
N TRP A 259 -11.56 -29.93 -21.69
CA TRP A 259 -10.71 -30.93 -21.05
C TRP A 259 -11.56 -31.92 -20.29
N ASP A 260 -11.28 -33.19 -20.44
CA ASP A 260 -11.83 -34.19 -19.58
C ASP A 260 -10.98 -34.36 -18.34
N LEU A 261 -11.65 -34.41 -17.19
CA LEU A 261 -10.99 -34.59 -15.94
C LEU A 261 -10.98 -36.09 -15.58
N TYR A 262 -9.79 -36.58 -15.31
CA TYR A 262 -9.57 -37.92 -14.78
C TYR A 262 -8.91 -37.88 -13.44
N VAL A 263 -9.11 -38.91 -12.67
CA VAL A 263 -8.36 -39.10 -11.43
C VAL A 263 -7.71 -40.46 -11.36
N GLN A 264 -6.64 -40.51 -10.59
CA GLN A 264 -6.11 -41.75 -10.11
C GLN A 264 -6.38 -41.80 -8.63
N LEU A 265 -6.71 -43.01 -8.13
CA LEU A 265 -6.98 -43.20 -6.73
C LEU A 265 -6.08 -44.29 -6.14
N MET A 266 -5.51 -44.02 -4.98
CA MET A 266 -4.56 -44.90 -4.34
C MET A 266 -4.86 -45.02 -2.85
N PRO A 267 -4.92 -46.24 -2.32
CA PRO A 267 -5.05 -46.40 -0.91
C PRO A 267 -3.89 -45.81 -0.12
N LEU A 268 -4.17 -45.24 1.05
CA LEU A 268 -3.14 -44.70 1.93
C LEU A 268 -2.08 -45.72 2.22
N SER A 269 -2.50 -46.97 2.37
CA SER A 269 -1.57 -48.01 2.76
C SER A 269 -0.58 -48.37 1.65
N ASP A 270 -0.85 -47.98 0.40
CA ASP A 270 0.08 -48.33 -0.67
C ASP A 270 1.40 -47.59 -0.51
N TYR A 271 1.51 -46.61 0.39
CA TYR A 271 2.79 -45.97 0.72
C TYR A 271 3.86 -47.00 0.90
N ASP A 272 3.57 -48.00 1.72
CA ASP A 272 4.66 -48.69 2.39
C ASP A 272 5.30 -49.70 1.50
N GLU A 273 4.63 -50.02 0.40
CA GLU A 273 5.21 -50.91 -0.60
C GLU A 273 5.73 -50.35 -1.93
N LEU A 274 5.60 -49.03 -2.16
CA LEU A 274 6.12 -48.34 -3.33
C LEU A 274 7.56 -47.97 -3.03
N ASP A 275 8.39 -47.91 -4.07
CA ASP A 275 9.80 -47.52 -3.88
C ASP A 275 10.02 -46.02 -4.00
N TYR A 276 8.93 -45.25 -3.93
CA TYR A 276 9.00 -43.77 -3.86
C TYR A 276 7.91 -43.39 -2.83
N ASP A 277 7.94 -42.11 -2.42
CA ASP A 277 6.86 -41.49 -1.62
C ASP A 277 5.74 -40.98 -2.54
N PRO A 278 4.51 -41.54 -2.42
CA PRO A 278 3.45 -41.14 -3.31
C PRO A 278 3.07 -39.64 -3.15
N CYS A 279 3.52 -39.00 -2.09
CA CYS A 279 3.35 -37.53 -1.86
C CYS A 279 4.63 -36.69 -2.16
N ASP A 280 5.54 -37.27 -2.89
CA ASP A 280 6.70 -36.59 -3.45
C ASP A 280 6.27 -36.06 -4.80
N PRO A 281 6.14 -34.71 -4.94
CA PRO A 281 5.64 -34.15 -6.19
C PRO A 281 6.65 -34.20 -7.32
N THR A 282 7.81 -34.80 -7.11
CA THR A 282 8.76 -35.10 -8.23
C THR A 282 8.42 -36.47 -8.87
N LYS A 283 7.35 -37.11 -8.40
CA LYS A 283 6.93 -38.47 -8.82
C LYS A 283 5.56 -38.46 -9.45
N THR A 284 5.36 -39.23 -10.51
CA THR A 284 4.05 -39.64 -11.00
C THR A 284 3.70 -41.05 -10.48
N TRP A 285 2.41 -41.40 -10.58
CA TRP A 285 1.93 -42.78 -10.30
C TRP A 285 1.69 -43.47 -11.58
N SER A 286 2.13 -44.75 -11.65
CA SER A 286 1.91 -45.56 -12.84
C SER A 286 0.44 -45.61 -13.25
N GLU A 287 0.14 -45.37 -14.52
CA GLU A 287 -1.24 -45.49 -15.03
C GLU A 287 -1.68 -46.93 -15.28
N GLU A 288 -0.71 -47.84 -15.34
CA GLU A 288 -1.09 -49.29 -15.33
C GLU A 288 -1.53 -49.70 -13.96
N ASP A 289 -0.78 -49.33 -12.91
CA ASP A 289 -1.14 -49.75 -11.54
C ASP A 289 -2.26 -48.95 -10.88
N TYR A 290 -2.39 -47.69 -11.31
CA TYR A 290 -3.43 -46.79 -10.83
C TYR A 290 -4.12 -46.12 -12.05
N PRO A 291 -5.13 -46.82 -12.61
CA PRO A 291 -5.69 -46.39 -13.85
C PRO A 291 -6.42 -45.05 -13.71
N LEU A 292 -6.42 -44.31 -14.81
CA LEU A 292 -7.20 -43.10 -14.92
C LEU A 292 -8.68 -43.44 -14.93
N GLN A 293 -9.42 -42.74 -14.10
CA GLN A 293 -10.85 -42.87 -13.95
C GLN A 293 -11.54 -41.58 -14.37
N LYS A 294 -12.40 -41.62 -15.37
CA LYS A 294 -13.04 -40.39 -15.86
C LYS A 294 -14.03 -39.80 -14.83
N VAL A 295 -13.93 -38.48 -14.60
CA VAL A 295 -14.88 -37.77 -13.75
C VAL A 295 -15.87 -36.91 -14.49
N GLY A 296 -15.37 -36.09 -15.40
CA GLY A 296 -16.24 -35.21 -16.14
C GLY A 296 -15.47 -34.35 -17.11
N ARG A 297 -16.14 -33.31 -17.59
CA ARG A 297 -15.62 -32.45 -18.65
C ARG A 297 -15.81 -30.97 -18.31
N MET A 298 -14.74 -30.21 -18.54
CA MET A 298 -14.78 -28.74 -18.44
C MET A 298 -14.75 -28.17 -19.86
N THR A 299 -15.67 -27.25 -20.13
CA THR A 299 -15.72 -26.55 -21.41
C THR A 299 -15.54 -25.04 -21.05
N LEU A 300 -14.61 -24.38 -21.68
CA LEU A 300 -14.46 -22.91 -21.59
C LEU A 300 -15.20 -22.21 -22.71
N ASN A 301 -16.22 -21.43 -22.34
CA ASN A 301 -17.11 -20.86 -23.35
C ASN A 301 -17.40 -19.37 -23.23
N ARG A 302 -16.67 -18.67 -22.36
CA ARG A 302 -16.94 -17.23 -22.20
C ARG A 302 -15.66 -16.45 -21.88
N ASN A 303 -15.37 -15.44 -22.70
CA ASN A 303 -14.24 -14.53 -22.45
C ASN A 303 -14.65 -13.50 -21.35
N PRO A 304 -13.67 -13.08 -20.53
CA PRO A 304 -14.00 -12.08 -19.53
C PRO A 304 -14.39 -10.79 -20.18
N GLU A 305 -15.11 -9.97 -19.44
CA GLU A 305 -15.44 -8.63 -19.96
C GLU A 305 -14.32 -7.57 -19.79
N ASN A 306 -13.46 -7.76 -18.80
CA ASN A 306 -12.36 -6.82 -18.57
C ASN A 306 -11.12 -7.57 -18.09
N PHE A 307 -10.01 -7.47 -18.81
CA PHE A 307 -8.84 -8.28 -18.50
C PHE A 307 -8.29 -7.96 -17.10
N PHE A 308 -8.13 -6.68 -16.78
CA PHE A 308 -7.57 -6.30 -15.47
C PHE A 308 -8.46 -6.77 -14.33
N ALA A 309 -9.77 -6.45 -14.43
CA ALA A 309 -10.65 -6.68 -13.30
C ALA A 309 -10.89 -8.17 -12.92
N GLU A 310 -10.82 -8.98 -13.95
CA GLU A 310 -11.16 -10.40 -13.88
C GLU A 310 -9.93 -11.29 -13.98
N THR A 311 -9.13 -11.18 -15.02
CA THR A 311 -7.95 -12.02 -15.17
C THR A 311 -6.77 -11.57 -14.36
N GLU A 312 -6.44 -10.28 -14.40
CA GLU A 312 -5.30 -9.85 -13.61
C GLU A 312 -5.55 -9.95 -12.14
N GLN A 313 -6.78 -9.64 -11.70
CA GLN A 313 -7.07 -9.64 -10.32
C GLN A 313 -7.48 -11.03 -9.74
N ALA A 314 -7.56 -12.05 -10.59
CA ALA A 314 -7.94 -13.38 -10.12
C ALA A 314 -6.99 -13.91 -9.13
N ALA A 315 -7.51 -14.52 -8.09
CA ALA A 315 -6.71 -15.11 -7.04
C ALA A 315 -7.10 -16.53 -6.89
N PHE A 316 -6.14 -17.43 -7.07
CA PHE A 316 -6.35 -18.89 -6.81
C PHE A 316 -5.44 -19.32 -5.65
N THR A 317 -5.86 -20.32 -4.87
CA THR A 317 -4.96 -20.87 -3.85
C THR A 317 -5.19 -22.34 -3.73
N PRO A 318 -4.10 -23.09 -3.64
CA PRO A 318 -4.37 -24.57 -3.31
C PRO A 318 -5.07 -24.86 -1.97
N SER A 319 -5.02 -23.93 -1.00
CA SER A 319 -5.75 -24.05 0.25
C SER A 319 -7.20 -23.71 0.14
N ALA A 320 -7.72 -23.39 -1.06
CA ALA A 320 -9.20 -23.23 -1.19
C ALA A 320 -9.81 -24.58 -1.46
N LEU A 321 -9.89 -25.36 -0.41
CA LEU A 321 -10.33 -26.75 -0.45
C LEU A 321 -11.81 -26.76 0.00
N VAL A 322 -12.56 -27.80 -0.37
CA VAL A 322 -13.96 -27.91 -0.04
C VAL A 322 -14.15 -29.26 0.67
N PRO A 323 -15.24 -29.41 1.44
CA PRO A 323 -15.42 -30.64 2.19
C PRO A 323 -15.32 -31.82 1.30
N GLY A 324 -14.54 -32.81 1.74
CA GLY A 324 -14.29 -33.98 0.90
C GLY A 324 -12.97 -33.97 0.16
N ILE A 325 -12.33 -32.79 0.06
CA ILE A 325 -11.03 -32.67 -0.61
C ILE A 325 -10.09 -31.93 0.32
N GLU A 326 -8.98 -32.61 0.62
CA GLU A 326 -8.04 -32.14 1.62
C GLU A 326 -6.60 -32.15 1.08
N ALA A 327 -5.72 -31.38 1.75
CA ALA A 327 -4.32 -31.45 1.41
C ALA A 327 -3.77 -32.84 1.74
N SER A 328 -2.74 -33.26 1.02
CA SER A 328 -1.84 -34.27 1.54
C SER A 328 -0.69 -33.63 2.29
N GLU A 329 0.13 -34.51 2.84
CA GLU A 329 1.36 -34.17 3.55
C GLU A 329 2.58 -33.73 2.68
N ASP A 330 2.40 -33.67 1.36
CA ASP A 330 3.37 -33.21 0.42
C ASP A 330 3.89 -31.83 0.88
N LYS A 331 5.22 -31.73 1.12
CA LYS A 331 5.78 -30.62 1.84
C LYS A 331 5.78 -29.38 0.91
N LEU A 332 5.75 -29.61 -0.40
CA LEU A 332 5.70 -28.57 -1.37
C LEU A 332 4.31 -27.92 -1.30
N LEU A 333 3.29 -28.74 -1.41
CA LEU A 333 1.93 -28.30 -1.22
C LEU A 333 1.70 -27.59 0.11
N GLN A 334 2.26 -28.11 1.19
CA GLN A 334 2.03 -27.50 2.46
C GLN A 334 2.45 -26.01 2.46
N GLY A 335 3.59 -25.64 1.87
CA GLY A 335 3.94 -24.21 1.78
C GLY A 335 3.06 -23.37 0.88
N ARG A 336 2.58 -23.97 -0.19
CA ARG A 336 1.64 -23.33 -1.10
C ARG A 336 0.32 -22.96 -0.39
N LEU A 337 -0.07 -23.74 0.60
CA LEU A 337 -1.30 -23.44 1.35
C LEU A 337 -1.22 -21.98 1.92
N PHE A 338 -0.03 -21.60 2.37
CA PHE A 338 0.29 -20.33 2.98
C PHE A 338 0.56 -19.25 1.92
N SER A 339 1.43 -19.56 0.96
CA SER A 339 1.96 -18.54 0.10
C SER A 339 0.95 -17.81 -0.77
N TYR A 340 -0.08 -18.50 -1.25
CA TYR A 340 -0.99 -17.85 -2.23
C TYR A 340 -1.83 -16.76 -1.56
N PRO A 341 -2.58 -17.08 -0.47
CA PRO A 341 -3.38 -16.00 0.13
C PRO A 341 -2.45 -14.90 0.68
N ASP A 342 -1.25 -15.27 1.11
CA ASP A 342 -0.27 -14.31 1.58
C ASP A 342 0.15 -13.32 0.52
N THR A 343 0.57 -13.81 -0.65
CA THR A 343 0.94 -12.92 -1.75
C THR A 343 -0.28 -12.15 -2.22
N GLN A 344 -1.48 -12.74 -2.21
CA GLN A 344 -2.67 -12.08 -2.69
C GLN A 344 -3.06 -10.87 -1.85
N ARG A 345 -2.89 -10.99 -0.55
CA ARG A 345 -3.14 -9.85 0.36
C ARG A 345 -2.30 -8.66 0.06
N HIS A 346 -1.05 -8.86 -0.29
CA HIS A 346 -0.15 -7.85 -0.79
C HIS A 346 -0.53 -7.35 -2.21
N ARG A 347 -0.71 -8.29 -3.14
CA ARG A 347 -0.91 -7.95 -4.56
C ARG A 347 -2.23 -7.22 -4.80
N LEU A 348 -3.26 -7.63 -4.06
CA LEU A 348 -4.66 -7.24 -4.36
C LEU A 348 -5.37 -6.48 -3.26
N GLY A 349 -4.86 -6.56 -2.02
CA GLY A 349 -5.51 -6.01 -0.85
C GLY A 349 -6.05 -7.01 0.11
N ALA A 350 -6.17 -6.59 1.35
CA ALA A 350 -6.72 -7.45 2.39
C ALA A 350 -8.08 -8.04 2.01
N ASN A 351 -8.89 -7.26 1.30
CA ASN A 351 -10.25 -7.62 0.88
C ASN A 351 -10.37 -8.23 -0.51
N TYR A 352 -9.27 -8.79 -1.03
CA TYR A 352 -9.26 -9.37 -2.37
C TYR A 352 -10.37 -10.36 -2.65
N MET A 353 -10.85 -11.06 -1.61
CA MET A 353 -11.93 -12.05 -1.79
C MET A 353 -13.30 -11.46 -2.09
N ARG A 354 -13.39 -10.12 -2.08
CA ARG A 354 -14.59 -9.43 -2.45
C ARG A 354 -14.53 -8.90 -3.89
N ILE A 355 -13.39 -9.04 -4.55
CA ILE A 355 -13.32 -8.77 -5.96
C ILE A 355 -14.19 -9.79 -6.71
N PRO A 356 -15.00 -9.34 -7.68
CA PRO A 356 -16.10 -10.20 -8.19
C PRO A 356 -15.62 -11.58 -8.65
N VAL A 357 -14.56 -11.68 -9.43
CA VAL A 357 -14.11 -12.99 -9.94
C VAL A 357 -13.70 -13.91 -8.80
N ASN A 358 -13.28 -13.35 -7.68
CA ASN A 358 -12.89 -14.14 -6.53
C ASN A 358 -14.02 -14.52 -5.58
N CYS A 359 -15.18 -13.91 -5.72
CA CYS A 359 -16.26 -14.12 -4.77
C CYS A 359 -16.83 -15.55 -4.95
N PRO A 360 -17.15 -16.21 -3.85
CA PRO A 360 -17.95 -17.43 -3.94
C PRO A 360 -19.36 -17.18 -4.36
N TYR A 361 -19.95 -18.25 -4.93
CA TYR A 361 -21.40 -18.32 -5.10
C TYR A 361 -22.11 -18.67 -3.81
N ALA A 362 -21.47 -19.47 -2.99
CA ALA A 362 -21.97 -19.80 -1.70
C ALA A 362 -21.91 -18.60 -0.73
N PRO A 363 -22.86 -18.57 0.24
CA PRO A 363 -22.95 -17.44 1.17
C PRO A 363 -21.66 -17.31 1.99
N VAL A 364 -21.28 -16.06 2.27
CA VAL A 364 -20.20 -15.79 3.15
C VAL A 364 -20.76 -15.01 4.35
N HIS A 365 -20.54 -15.53 5.52
CA HIS A 365 -20.92 -14.85 6.78
C HIS A 365 -19.83 -15.11 7.83
N ASN A 366 -19.18 -14.09 8.31
CA ASN A 366 -18.24 -14.25 9.40
C ASN A 366 -18.03 -12.96 10.16
N ASN A 367 -17.11 -13.01 11.12
CA ASN A 367 -16.88 -11.89 12.00
C ASN A 367 -15.64 -11.06 11.60
N GLN A 368 -15.12 -11.29 10.40
CA GLN A 368 -14.06 -10.41 9.89
C GLN A 368 -14.62 -9.06 9.59
N GLN A 369 -13.76 -8.08 9.63
CA GLN A 369 -14.19 -6.70 9.39
C GLN A 369 -13.09 -5.85 8.85
N ASP A 370 -13.52 -4.75 8.20
CA ASP A 370 -12.68 -3.57 7.94
C ASP A 370 -11.63 -3.94 6.89
N GLY A 371 -10.48 -3.29 6.94
CA GLY A 371 -9.42 -3.41 5.92
C GLY A 371 -9.63 -2.44 4.75
N PHE A 372 -8.56 -2.21 3.98
N PHE A 372 -8.56 -2.24 3.99
CA PHE A 372 -8.59 -1.25 2.88
CA PHE A 372 -8.52 -1.43 2.80
C PHE A 372 -9.71 -1.61 1.91
C PHE A 372 -9.70 -1.65 1.88
N MET A 373 -10.37 -0.57 1.45
CA MET A 373 -11.41 -0.69 0.45
C MET A 373 -12.53 -1.62 0.87
N THR A 374 -13.15 -1.24 1.99
CA THR A 374 -14.34 -1.88 2.46
C THR A 374 -15.53 -1.36 1.67
N THR A 375 -16.04 -2.17 0.74
CA THR A 375 -17.09 -1.72 -0.19
C THR A 375 -18.44 -2.46 0.03
N THR A 376 -18.51 -3.38 1.01
CA THR A 376 -19.60 -4.34 1.12
C THR A 376 -20.79 -3.94 2.03
N ARG A 377 -20.84 -2.68 2.45
CA ARG A 377 -21.98 -2.18 3.29
C ARG A 377 -22.27 -3.07 4.52
N PRO A 378 -21.26 -3.26 5.36
CA PRO A 378 -21.46 -4.00 6.62
C PRO A 378 -22.45 -3.33 7.59
N SER A 379 -23.04 -4.16 8.48
CA SER A 379 -23.99 -3.70 9.48
C SER A 379 -23.97 -4.63 10.64
N GLY A 380 -24.61 -4.23 11.73
CA GLY A 380 -24.70 -5.08 12.93
C GLY A 380 -23.66 -4.71 14.00
N HIS A 381 -23.96 -5.10 15.25
CA HIS A 381 -23.18 -4.80 16.41
C HIS A 381 -22.25 -5.97 16.79
N ILE A 382 -22.50 -7.13 16.22
CA ILE A 382 -21.89 -8.38 16.76
C ILE A 382 -20.90 -8.90 15.76
N ASN A 383 -19.65 -8.78 16.13
CA ASN A 383 -18.49 -9.15 15.25
C ASN A 383 -17.54 -10.10 16.00
N TYR A 384 -18.14 -10.84 16.95
CA TYR A 384 -17.39 -11.73 17.82
C TYR A 384 -18.22 -13.01 18.05
N GLU A 385 -17.55 -14.14 18.28
CA GLU A 385 -18.19 -15.40 18.59
C GLU A 385 -17.22 -16.14 19.55
N PRO A 386 -17.73 -16.79 20.59
CA PRO A 386 -19.13 -16.97 20.92
C PRO A 386 -19.86 -15.71 21.32
N ASN A 387 -21.18 -15.77 21.15
CA ASN A 387 -22.05 -14.72 21.57
C ASN A 387 -23.41 -15.33 21.94
N ARG A 388 -24.24 -14.49 22.53
CA ARG A 388 -25.55 -14.92 23.07
C ARG A 388 -26.68 -15.01 22.07
N TYR A 389 -26.41 -14.74 20.80
CA TYR A 389 -27.42 -14.49 19.79
C TYR A 389 -27.56 -15.70 18.87
N ASP A 390 -28.71 -16.34 18.96
CA ASP A 390 -28.89 -17.58 18.21
C ASP A 390 -28.89 -17.42 16.66
N ASP A 391 -29.22 -16.21 16.20
CA ASP A 391 -29.34 -15.89 14.78
C ASP A 391 -28.00 -15.49 14.13
N GLN A 392 -26.97 -15.27 14.94
CA GLN A 392 -25.68 -14.87 14.41
C GLN A 392 -25.01 -16.11 13.87
N PRO A 393 -24.03 -15.96 12.97
CA PRO A 393 -23.44 -17.18 12.40
C PRO A 393 -22.75 -18.04 13.45
N LYS A 394 -22.92 -19.36 13.34
CA LYS A 394 -22.26 -20.32 14.21
C LYS A 394 -21.57 -21.40 13.41
N GLU A 395 -20.60 -22.03 14.09
CA GLU A 395 -19.88 -23.13 13.49
C GLU A 395 -20.87 -24.28 13.23
N ASN A 396 -20.51 -25.10 12.26
CA ASN A 396 -21.36 -26.23 11.87
C ASN A 396 -20.54 -27.51 11.84
N PRO A 397 -20.72 -28.37 12.87
CA PRO A 397 -19.79 -29.47 13.02
C PRO A 397 -19.92 -30.52 11.92
N HIS A 398 -21.00 -30.50 11.14
CA HIS A 398 -21.11 -31.38 9.95
C HIS A 398 -19.95 -31.13 8.99
N TYR A 399 -19.31 -29.97 9.10
CA TYR A 399 -18.26 -29.60 8.14
C TYR A 399 -16.85 -29.65 8.73
N LYS A 400 -16.62 -30.45 9.74
CA LYS A 400 -15.25 -30.68 10.18
C LYS A 400 -14.42 -31.45 9.12
N GLU A 401 -13.15 -31.13 8.99
CA GLU A 401 -12.26 -31.94 8.16
C GLU A 401 -11.86 -33.23 8.89
N SER A 402 -11.23 -34.12 8.13
CA SER A 402 -10.65 -35.35 8.66
C SER A 402 -9.50 -35.07 9.61
N GLU A 403 -9.07 -36.14 10.29
CA GLU A 403 -7.94 -36.11 11.19
C GLU A 403 -6.82 -37.02 10.73
N PRO A 404 -6.01 -36.61 9.76
CA PRO A 404 -4.93 -37.48 9.30
C PRO A 404 -4.04 -38.06 10.42
N VAL A 405 -3.68 -39.32 10.28
CA VAL A 405 -2.78 -39.96 11.20
C VAL A 405 -1.37 -39.41 10.97
N LEU A 406 -0.69 -39.06 12.04
CA LEU A 406 0.71 -38.65 11.97
C LEU A 406 1.54 -39.89 12.29
N HIS A 407 2.51 -40.15 11.45
CA HIS A 407 3.44 -41.24 11.69
C HIS A 407 4.70 -40.75 12.44
N GLY A 408 5.02 -39.47 12.34
CA GLY A 408 6.16 -38.92 13.06
C GLY A 408 5.95 -38.66 14.55
N ASP A 409 7.04 -38.78 15.28
CA ASP A 409 7.02 -38.56 16.73
C ASP A 409 7.76 -37.31 17.23
N ARG A 410 8.38 -36.57 16.31
CA ARG A 410 9.14 -35.36 16.64
C ARG A 410 8.88 -34.28 15.55
N MET A 411 9.05 -33.03 15.96
CA MET A 411 9.15 -31.94 15.03
C MET A 411 10.57 -31.93 14.44
N VAL A 412 10.68 -32.23 13.16
CA VAL A 412 11.95 -32.38 12.52
CA VAL A 412 11.98 -32.35 12.53
C VAL A 412 12.09 -31.57 11.22
N ARG A 413 13.33 -31.30 10.82
CA ARG A 413 13.66 -30.87 9.51
C ARG A 413 14.54 -31.99 8.91
N GLN A 414 13.91 -32.76 8.03
CA GLN A 414 14.58 -33.91 7.44
C GLN A 414 13.94 -34.31 6.12
N LYS A 415 14.76 -34.68 5.16
CA LYS A 415 14.28 -35.07 3.87
C LYS A 415 13.42 -36.30 4.00
N ILE A 416 12.41 -36.40 3.16
CA ILE A 416 11.63 -37.65 3.10
C ILE A 416 12.51 -38.87 2.88
N GLU A 417 12.02 -40.03 3.38
CA GLU A 417 12.57 -41.31 2.96
C GLU A 417 12.22 -41.64 1.53
N LYS A 418 12.95 -42.59 0.97
CA LYS A 418 12.84 -43.00 -0.46
C LYS A 418 12.77 -41.83 -1.46
N PRO A 419 13.75 -40.93 -1.44
CA PRO A 419 13.70 -39.84 -2.43
C PRO A 419 13.80 -40.35 -3.88
N ASN A 420 14.59 -41.39 -4.11
CA ASN A 420 14.63 -42.03 -5.41
C ASN A 420 14.66 -41.00 -6.53
N ASP A 421 15.74 -40.23 -6.56
CA ASP A 421 15.79 -39.04 -7.48
C ASP A 421 15.85 -39.36 -8.94
N PHE A 422 16.34 -40.54 -9.32
CA PHE A 422 16.73 -40.79 -10.70
C PHE A 422 15.86 -41.78 -11.48
N LYS A 423 15.12 -42.63 -10.76
CA LYS A 423 14.46 -43.76 -11.42
C LYS A 423 13.39 -43.30 -12.42
N GLN A 424 12.46 -42.44 -12.01
CA GLN A 424 11.38 -42.07 -12.92
C GLN A 424 11.88 -41.20 -14.05
N ALA A 425 12.98 -40.46 -13.87
CA ALA A 425 13.53 -39.70 -14.97
C ALA A 425 14.01 -40.67 -16.07
N GLY A 426 14.60 -41.76 -15.65
CA GLY A 426 15.04 -42.80 -16.58
C GLY A 426 13.87 -43.47 -17.28
N GLU A 427 12.80 -43.74 -16.54
CA GLU A 427 11.60 -44.34 -17.10
C GLU A 427 10.98 -43.42 -18.12
N LYS A 428 10.90 -42.13 -17.79
CA LYS A 428 10.38 -41.15 -18.75
C LYS A 428 11.23 -41.11 -20.03
N TYR A 429 12.54 -41.03 -19.87
CA TYR A 429 13.47 -41.02 -20.99
C TYR A 429 13.22 -42.22 -21.90
N ARG A 430 13.14 -43.42 -21.32
CA ARG A 430 12.94 -44.63 -22.11
C ARG A 430 11.56 -44.71 -22.72
N SER A 431 10.58 -44.04 -22.15
CA SER A 431 9.24 -43.94 -22.74
C SER A 431 9.16 -43.06 -24.01
N TYR A 432 10.15 -42.19 -24.24
CA TYR A 432 10.20 -41.32 -25.41
C TYR A 432 10.47 -42.13 -26.67
N SER A 433 9.80 -41.76 -27.74
CA SER A 433 10.18 -42.17 -29.10
C SER A 433 11.58 -41.66 -29.46
N GLU A 434 12.20 -42.22 -30.49
CA GLU A 434 13.57 -41.83 -30.82
C GLU A 434 13.57 -40.36 -31.23
N GLU A 435 12.53 -39.96 -31.95
CA GLU A 435 12.41 -38.58 -32.42
C GLU A 435 12.34 -37.67 -31.14
N GLU A 436 11.57 -38.10 -30.13
CA GLU A 436 11.43 -37.35 -28.86
C GLU A 436 12.71 -37.31 -28.02
N LYS A 437 13.45 -38.41 -27.96
CA LYS A 437 14.80 -38.40 -27.39
C LYS A 437 15.76 -37.48 -28.10
N GLN A 438 15.75 -37.48 -29.43
CA GLN A 438 16.61 -36.52 -30.17
C GLN A 438 16.28 -35.06 -29.84
N ALA A 439 14.99 -34.76 -29.72
CA ALA A 439 14.57 -33.39 -29.39
C ALA A 439 15.02 -33.01 -27.98
N LEU A 440 14.88 -33.93 -27.04
CA LEU A 440 15.30 -33.73 -25.66
C LEU A 440 16.81 -33.41 -25.61
N ILE A 441 17.62 -34.19 -26.32
CA ILE A 441 19.05 -33.99 -26.26
C ILE A 441 19.38 -32.64 -26.89
N LYS A 442 18.75 -32.36 -28.04
CA LYS A 442 18.96 -31.12 -28.73
C LYS A 442 18.65 -29.95 -27.82
N ASN A 443 17.48 -30.02 -27.16
CA ASN A 443 17.03 -28.83 -26.37
C ASN A 443 17.93 -28.65 -25.14
N LEU A 444 18.36 -29.75 -24.56
CA LEU A 444 19.27 -29.71 -23.40
C LEU A 444 20.65 -29.19 -23.79
N THR A 445 21.13 -29.61 -24.96
CA THR A 445 22.44 -29.21 -25.41
C THR A 445 22.47 -27.69 -25.65
N ALA A 446 21.44 -27.17 -26.29
CA ALA A 446 21.38 -25.73 -26.55
C ALA A 446 21.36 -24.93 -25.25
N ASP A 447 20.75 -25.49 -24.23
CA ASP A 447 20.67 -24.85 -22.93
C ASP A 447 21.89 -24.93 -22.09
N LEU A 448 22.63 -26.06 -22.20
CA LEU A 448 23.77 -26.32 -21.35
C LEU A 448 25.10 -25.85 -21.97
N LYS A 449 25.12 -25.64 -23.27
CA LYS A 449 26.43 -25.53 -23.95
C LYS A 449 27.28 -24.37 -23.43
N GLY A 450 26.66 -23.30 -22.95
CA GLY A 450 27.37 -22.18 -22.37
C GLY A 450 27.63 -22.15 -20.86
N VAL A 451 27.19 -23.15 -20.11
CA VAL A 451 27.27 -23.10 -18.64
C VAL A 451 28.63 -23.57 -18.15
N ASN A 452 28.96 -23.18 -16.92
CA ASN A 452 30.20 -23.50 -16.23
C ASN A 452 30.48 -25.01 -16.42
N GLU A 453 31.71 -25.37 -16.75
CA GLU A 453 32.04 -26.74 -17.07
C GLU A 453 31.75 -27.73 -15.96
N LYS A 454 32.02 -27.37 -14.71
CA LYS A 454 31.74 -28.22 -13.56
C LYS A 454 30.22 -28.49 -13.42
N THR A 455 29.41 -27.43 -13.60
CA THR A 455 27.94 -27.58 -13.55
C THR A 455 27.43 -28.43 -14.70
N LYS A 456 28.01 -28.21 -15.86
CA LYS A 456 27.63 -28.96 -17.07
C LYS A 456 27.93 -30.47 -16.87
N LEU A 457 29.08 -30.78 -16.29
CA LEU A 457 29.39 -32.19 -15.96
C LEU A 457 28.41 -32.76 -14.96
N LEU A 458 28.06 -31.99 -13.93
CA LEU A 458 27.17 -32.54 -12.94
C LEU A 458 25.76 -32.79 -13.55
N ALA A 459 25.31 -31.91 -14.44
CA ALA A 459 24.10 -32.15 -15.17
C ALA A 459 24.15 -33.49 -15.91
N ILE A 460 25.24 -33.71 -16.64
CA ILE A 460 25.38 -34.90 -17.46
C ILE A 460 25.32 -36.10 -16.50
N CYS A 461 26.06 -36.04 -15.40
CA CYS A 461 26.07 -37.09 -14.44
C CYS A 461 24.68 -37.40 -13.85
N ASN A 462 23.90 -36.34 -13.60
CA ASN A 462 22.57 -36.63 -13.09
C ASN A 462 21.71 -37.35 -14.13
N PHE A 463 21.82 -36.95 -15.40
CA PHE A 463 21.04 -37.58 -16.48
C PHE A 463 21.56 -39.00 -16.73
N TYR A 464 22.87 -39.18 -16.58
CA TYR A 464 23.46 -40.52 -16.66
C TYR A 464 22.91 -41.47 -15.59
N ARG A 465 22.72 -40.97 -14.37
CA ARG A 465 22.16 -41.76 -13.32
C ARG A 465 20.68 -42.12 -13.55
N ALA A 466 19.97 -41.25 -14.23
CA ALA A 466 18.64 -41.53 -14.74
C ALA A 466 18.71 -42.69 -15.76
N ASP A 467 19.54 -42.52 -16.79
CA ASP A 467 19.71 -43.54 -17.81
C ASP A 467 21.05 -43.37 -18.48
N GLU A 468 21.79 -44.47 -18.60
CA GLU A 468 23.13 -44.38 -19.16
C GLU A 468 23.19 -43.85 -20.59
N ASP A 469 22.21 -44.22 -21.43
CA ASP A 469 22.16 -43.77 -22.81
C ASP A 469 21.84 -42.28 -22.84
N TYR A 470 20.94 -41.85 -21.95
CA TYR A 470 20.56 -40.46 -21.85
C TYR A 470 21.79 -39.60 -21.60
N GLY A 471 22.51 -39.93 -20.52
CA GLY A 471 23.68 -39.22 -20.13
C GLY A 471 24.84 -39.28 -21.10
N GLN A 472 25.09 -40.47 -21.65
CA GLN A 472 26.09 -40.56 -22.75
C GLN A 472 25.76 -39.74 -24.01
N ARG A 473 24.52 -39.79 -24.47
CA ARG A 473 24.12 -39.01 -25.64
C ARG A 473 24.28 -37.51 -25.37
N LEU A 474 23.96 -37.07 -24.16
CA LEU A 474 24.06 -35.64 -23.85
C LEU A 474 25.53 -35.23 -23.78
N ALA A 475 26.36 -36.08 -23.16
CA ALA A 475 27.79 -35.82 -23.06
C ALA A 475 28.38 -35.70 -24.49
N ASP A 476 28.03 -36.62 -25.38
CA ASP A 476 28.52 -36.62 -26.74
C ASP A 476 28.12 -35.33 -27.45
N SER A 477 26.85 -34.93 -27.26
CA SER A 477 26.26 -33.80 -27.98
C SER A 477 26.91 -32.51 -27.45
N LEU A 478 27.25 -32.49 -26.17
CA LEU A 478 27.99 -31.34 -25.59
C LEU A 478 29.53 -31.37 -25.77
N GLY A 479 30.08 -32.48 -26.28
CA GLY A 479 31.50 -32.59 -26.44
C GLY A 479 32.21 -32.75 -25.12
N VAL A 480 31.55 -33.40 -24.15
CA VAL A 480 32.14 -33.63 -22.84
C VAL A 480 32.59 -35.09 -22.68
N ASP A 481 33.88 -35.19 -22.30
CA ASP A 481 34.56 -36.43 -22.04
C ASP A 481 34.26 -36.90 -20.62
N ILE A 482 33.54 -38.01 -20.51
CA ILE A 482 33.11 -38.53 -19.21
C ILE A 482 33.85 -39.81 -18.80
N ARG A 483 34.88 -40.19 -19.56
CA ARG A 483 35.72 -41.32 -19.23
C ARG A 483 36.22 -41.37 -17.78
N SER A 484 36.75 -40.26 -17.26
CA SER A 484 37.32 -40.33 -15.90
C SER A 484 36.24 -40.65 -14.84
N TYR A 485 34.95 -40.46 -15.17
CA TYR A 485 33.81 -40.96 -14.37
C TYR A 485 33.17 -42.06 -15.23
N HIS B 6 24.24 27.75 9.92
CA HIS B 6 23.12 28.16 8.99
C HIS B 6 23.00 27.23 7.76
N LYS B 7 21.77 26.84 7.43
CA LYS B 7 21.48 25.78 6.48
C LYS B 7 20.36 26.26 5.58
N ASN B 8 20.36 25.83 4.32
CA ASN B 8 19.21 26.06 3.45
C ASN B 8 18.12 25.05 3.68
N LEU B 9 16.88 25.54 3.71
CA LEU B 9 15.74 24.65 3.47
C LEU B 9 15.79 24.22 2.01
N THR B 10 15.52 22.93 1.76
CA THR B 10 15.62 22.42 0.38
C THR B 10 14.42 21.54 0.05
N THR B 11 14.22 21.31 -1.22
CA THR B 11 13.29 20.30 -1.65
C THR B 11 13.98 18.92 -1.42
N ASN B 12 13.25 17.86 -1.65
CA ASN B 12 13.81 16.49 -1.55
C ASN B 12 14.77 16.21 -2.69
N GLN B 13 14.74 17.04 -3.72
CA GLN B 13 15.74 16.96 -4.82
C GLN B 13 17.00 17.64 -4.45
N GLY B 14 17.07 18.26 -3.29
CA GLY B 14 18.32 19.00 -2.88
C GLY B 14 18.45 20.43 -3.42
N VAL B 15 17.38 20.97 -4.01
CA VAL B 15 17.33 22.31 -4.50
C VAL B 15 16.98 23.26 -3.34
N PRO B 16 17.82 24.26 -3.08
CA PRO B 16 17.40 25.26 -2.07
C PRO B 16 16.05 25.94 -2.38
N VAL B 17 15.24 26.17 -1.35
CA VAL B 17 13.97 26.81 -1.46
C VAL B 17 14.05 28.34 -1.33
N GLY B 18 13.57 29.04 -2.35
CA GLY B 18 13.67 30.51 -2.37
C GLY B 18 12.65 31.20 -1.50
N ASP B 19 11.51 30.56 -1.33
CA ASP B 19 10.36 31.13 -0.59
C ASP B 19 9.57 30.01 0.01
N ASN B 20 9.61 29.91 1.32
CA ASN B 20 8.83 28.87 2.03
C ASN B 20 7.54 29.43 2.60
N GLN B 21 7.16 30.67 2.17
CA GLN B 21 5.98 31.34 2.70
C GLN B 21 4.80 31.43 1.73
N ASN B 22 5.11 31.63 0.45
CA ASN B 22 4.11 31.95 -0.53
C ASN B 22 4.07 30.93 -1.63
N SER B 23 2.85 30.47 -1.89
CA SER B 23 2.55 29.69 -3.05
C SER B 23 2.78 30.51 -4.34
N ARG B 24 2.95 29.81 -5.46
CA ARG B 24 3.11 30.52 -6.76
C ARG B 24 1.77 30.77 -7.41
N THR B 25 1.49 32.05 -7.72
CA THR B 25 0.13 32.45 -8.05
C THR B 25 0.15 33.44 -9.22
N ALA B 26 -1.03 33.66 -9.82
CA ALA B 26 -1.22 34.72 -10.82
C ALA B 26 -1.35 36.14 -10.23
N GLY B 27 -0.23 36.80 -10.07
CA GLY B 27 -0.12 37.98 -9.21
C GLY B 27 -0.31 37.70 -7.74
N HIS B 28 -0.23 38.75 -6.94
CA HIS B 28 -0.20 38.60 -5.49
C HIS B 28 -1.49 38.08 -4.87
N ARG B 29 -2.62 38.13 -5.59
CA ARG B 29 -3.82 37.63 -5.05
C ARG B 29 -4.59 36.65 -5.94
N GLY B 30 -3.93 36.12 -6.94
CA GLY B 30 -4.66 35.39 -7.97
C GLY B 30 -4.58 33.94 -7.58
N PRO B 31 -5.19 33.10 -8.40
CA PRO B 31 -5.17 31.67 -8.13
C PRO B 31 -3.85 31.02 -8.37
N SER B 32 -3.71 29.78 -7.84
CA SER B 32 -2.40 29.09 -7.72
C SER B 32 -2.06 28.27 -8.95
N PHE B 33 -0.81 28.21 -9.28
CA PHE B 33 -0.29 27.49 -10.44
C PHE B 33 0.13 26.07 -10.05
N LEU B 34 -0.07 25.19 -11.00
CA LEU B 34 0.33 23.78 -10.89
C LEU B 34 1.86 23.64 -10.85
N ASP B 35 2.58 24.53 -11.54
CA ASP B 35 4.04 24.50 -11.56
C ASP B 35 4.61 25.13 -10.29
N ASP B 36 4.41 24.43 -9.17
CA ASP B 36 5.00 24.84 -7.89
C ASP B 36 5.45 23.59 -7.22
N TYR B 37 6.63 23.11 -7.61
CA TYR B 37 7.05 21.76 -7.18
C TYR B 37 7.23 21.77 -5.67
N HIS B 38 7.76 22.84 -5.09
CA HIS B 38 7.91 22.86 -3.61
C HIS B 38 6.57 22.71 -2.89
N LEU B 39 5.54 23.42 -3.33
CA LEU B 39 4.22 23.32 -2.68
C LEU B 39 3.71 21.88 -2.79
N ILE B 40 3.76 21.36 -4.02
CA ILE B 40 3.16 20.06 -4.24
C ILE B 40 3.97 18.97 -3.51
N GLU B 41 5.30 19.02 -3.58
CA GLU B 41 6.08 18.02 -2.87
C GLU B 41 5.86 18.05 -1.37
N LYS B 42 5.85 19.24 -0.79
CA LYS B 42 5.64 19.43 0.63
C LYS B 42 4.25 19.03 1.12
N LEU B 43 3.23 19.36 0.37
CA LEU B 43 1.89 18.93 0.70
C LEU B 43 1.65 17.43 0.47
N ALA B 44 2.25 16.91 -0.64
CA ALA B 44 2.11 15.45 -0.96
C ALA B 44 2.74 14.62 0.15
N HIS B 45 3.93 15.06 0.62
CA HIS B 45 4.57 14.28 1.69
C HIS B 45 3.76 14.40 3.01
N PHE B 46 3.35 15.60 3.35
CA PHE B 46 2.42 15.83 4.48
C PHE B 46 1.16 14.87 4.44
N ASP B 47 0.59 14.76 3.26
CA ASP B 47 -0.59 14.03 2.96
C ASP B 47 -0.34 12.51 3.20
N ARG B 48 0.94 12.11 3.23
CA ARG B 48 1.32 10.73 3.33
C ARG B 48 2.10 10.38 4.65
N GLU B 49 2.10 11.28 5.64
CA GLU B 49 2.78 11.00 6.91
C GLU B 49 2.31 9.74 7.66
N ARG B 50 0.99 9.44 7.61
CA ARG B 50 0.45 8.47 8.54
C ARG B 50 0.51 7.10 7.95
N ILE B 51 0.76 6.12 8.83
CA ILE B 51 0.67 4.70 8.54
C ILE B 51 -0.38 4.08 9.47
N PRO B 52 -0.84 2.84 9.19
CA PRO B 52 -1.81 2.25 10.11
C PRO B 52 -1.27 2.04 11.50
N GLU B 53 -2.11 2.32 12.49
CA GLU B 53 -1.70 2.03 13.85
C GLU B 53 -1.71 0.53 14.09
N ARG B 54 -1.06 0.13 15.17
CA ARG B 54 -1.11 -1.25 15.55
C ARG B 54 -2.54 -1.69 15.80
N VAL B 55 -2.89 -2.92 15.36
CA VAL B 55 -4.32 -3.36 15.52
C VAL B 55 -4.76 -3.53 16.98
N VAL B 56 -3.84 -3.85 17.87
CA VAL B 56 -3.95 -3.69 19.30
C VAL B 56 -2.66 -3.07 19.85
N HIS B 57 -2.68 -2.58 21.07
CA HIS B 57 -1.54 -1.90 21.67
C HIS B 57 -1.07 -0.61 20.95
N ALA B 58 -2.06 0.03 20.36
CA ALA B 58 -1.79 1.17 19.53
C ALA B 58 -1.15 2.32 20.29
N ARG B 59 -1.57 2.54 21.53
CA ARG B 59 -1.06 3.55 22.41
C ARG B 59 0.10 3.07 23.21
N GLY B 60 1.26 3.69 23.02
CA GLY B 60 2.45 3.27 23.79
C GLY B 60 3.62 4.21 23.70
N ALA B 61 4.71 3.79 24.33
CA ALA B 61 5.82 4.64 24.54
C ALA B 61 7.07 3.78 24.60
N GLY B 62 8.17 4.29 24.07
CA GLY B 62 9.41 3.55 23.92
C GLY B 62 10.62 4.13 24.65
N ALA B 63 11.55 3.25 24.97
CA ALA B 63 12.86 3.69 25.43
C ALA B 63 13.94 2.64 25.14
N TYR B 64 15.19 3.08 25.12
CA TYR B 64 16.34 2.17 25.05
C TYR B 64 17.00 1.96 26.39
N GLY B 65 17.72 0.86 26.49
CA GLY B 65 18.52 0.61 27.70
C GLY B 65 19.46 -0.53 27.56
N VAL B 66 19.80 -1.12 28.72
CA VAL B 66 20.78 -2.22 28.74
C VAL B 66 20.32 -3.27 29.65
N PHE B 67 20.49 -4.55 29.26
CA PHE B 67 20.29 -5.69 30.14
C PHE B 67 21.66 -6.25 30.56
N GLU B 68 21.86 -6.48 31.86
CA GLU B 68 23.11 -7.08 32.36
C GLU B 68 22.82 -8.37 33.13
N VAL B 69 23.56 -9.41 32.76
CA VAL B 69 23.47 -10.74 33.41
C VAL B 69 24.10 -10.63 34.80
N GLU B 70 23.34 -11.06 35.80
CA GLU B 70 23.89 -11.34 37.14
C GLU B 70 24.32 -12.79 37.30
N ASN B 71 23.46 -13.75 36.89
CA ASN B 71 23.70 -15.20 37.05
C ASN B 71 23.59 -15.83 35.68
N SER B 72 24.71 -16.29 35.13
CA SER B 72 24.67 -16.94 33.87
C SER B 72 23.73 -18.15 33.84
N MET B 73 23.08 -18.39 32.69
CA MET B 73 22.01 -19.38 32.60
C MET B 73 22.43 -20.56 31.73
N GLU B 74 23.73 -20.67 31.43
CA GLU B 74 24.21 -21.71 30.52
C GLU B 74 23.88 -23.18 30.90
N LYS B 75 23.64 -23.43 32.17
CA LYS B 75 23.22 -24.81 32.55
C LYS B 75 21.88 -25.14 31.92
N HIS B 76 21.07 -24.11 31.60
CA HIS B 76 19.68 -24.31 31.23
C HIS B 76 19.36 -23.86 29.83
N THR B 77 20.16 -22.91 29.31
CA THR B 77 19.99 -22.43 27.96
C THR B 77 21.30 -22.01 27.34
N ARG B 78 21.45 -22.33 26.05
CA ARG B 78 22.60 -21.90 25.29
C ARG B 78 22.48 -20.47 24.79
N ALA B 79 21.41 -19.76 25.18
CA ALA B 79 21.27 -18.37 24.67
C ALA B 79 22.52 -17.56 24.96
N ALA B 80 23.09 -16.97 23.89
CA ALA B 80 24.36 -16.23 24.00
C ALA B 80 24.27 -15.09 24.99
N PHE B 81 23.19 -14.30 24.93
CA PHE B 81 23.13 -13.12 25.77
C PHE B 81 23.06 -13.44 27.27
N LEU B 82 22.83 -14.71 27.62
CA LEU B 82 22.74 -15.10 29.04
C LEU B 82 23.95 -15.90 29.49
N SER B 83 25.03 -15.88 28.71
CA SER B 83 26.09 -16.90 28.86
C SER B 83 27.14 -16.59 29.97
N GLU B 84 27.31 -15.34 30.37
CA GLU B 84 28.34 -14.93 31.31
C GLU B 84 27.84 -13.84 32.24
N GLU B 85 28.28 -13.92 33.49
CA GLU B 85 28.05 -12.85 34.45
C GLU B 85 28.63 -11.52 33.93
N GLY B 86 27.84 -10.46 34.05
CA GLY B 86 28.25 -9.13 33.64
C GLY B 86 28.03 -8.80 32.17
N LYS B 87 27.61 -9.80 31.38
CA LYS B 87 27.40 -9.60 29.95
C LYS B 87 26.23 -8.62 29.77
N GLN B 88 26.47 -7.62 28.97
CA GLN B 88 25.49 -6.56 28.71
C GLN B 88 24.97 -6.69 27.30
N THR B 89 23.65 -6.51 27.17
CA THR B 89 22.99 -6.52 25.87
C THR B 89 22.08 -5.31 25.76
N ASP B 90 22.15 -4.60 24.62
CA ASP B 90 21.30 -3.41 24.40
C ASP B 90 19.89 -3.87 24.19
N VAL B 91 18.95 -3.11 24.70
CA VAL B 91 17.54 -3.36 24.50
C VAL B 91 16.82 -2.13 23.95
N PHE B 92 15.69 -2.40 23.28
CA PHE B 92 14.65 -1.40 23.06
C PHE B 92 13.36 -1.95 23.63
N VAL B 93 12.60 -1.10 24.33
CA VAL B 93 11.36 -1.49 24.99
C VAL B 93 10.23 -0.58 24.61
N ARG B 94 9.10 -1.17 24.28
CA ARG B 94 7.84 -0.43 24.16
C ARG B 94 6.81 -0.89 25.16
N PHE B 95 6.21 0.09 25.84
CA PHE B 95 5.11 -0.14 26.80
C PHE B 95 3.86 0.41 26.18
N SER B 96 2.70 -0.15 26.56
CA SER B 96 1.47 0.16 25.83
C SER B 96 0.25 -0.14 26.67
N THR B 97 -0.86 0.45 26.31
CA THR B 97 -2.14 -0.06 26.61
C THR B 97 -2.55 -1.08 25.53
N VAL B 98 -3.80 -1.51 25.53
CA VAL B 98 -4.24 -2.56 24.56
C VAL B 98 -5.32 -2.13 23.56
N ILE B 99 -6.50 -1.73 24.05
CA ILE B 99 -7.64 -1.71 23.22
C ILE B 99 -7.89 -0.42 22.40
N HIS B 100 -7.75 0.70 23.03
CA HIS B 100 -8.14 1.94 22.36
C HIS B 100 -7.05 2.46 21.42
N PRO B 101 -7.38 3.35 20.47
CA PRO B 101 -6.43 3.79 19.47
C PRO B 101 -5.30 4.68 19.97
N LYS B 102 -4.41 5.02 19.07
N LYS B 102 -4.45 5.08 19.04
CA LYS B 102 -3.21 5.75 19.40
CA LYS B 102 -3.46 6.14 19.29
C LYS B 102 -3.29 6.91 20.38
C LYS B 102 -4.24 7.34 19.80
N GLY B 103 -4.33 7.73 20.32
N GLY B 103 -3.65 8.07 20.73
CA GLY B 103 -4.39 8.98 21.10
CA GLY B 103 -4.30 9.23 21.23
C GLY B 103 -5.17 8.89 22.41
C GLY B 103 -5.16 8.94 22.47
N SER B 104 -5.46 7.66 22.77
CA SER B 104 -6.39 7.33 23.88
C SER B 104 -5.70 7.47 25.24
N PRO B 105 -6.46 7.71 26.29
CA PRO B 105 -5.84 7.96 27.60
C PRO B 105 -5.10 6.74 28.11
N GLU B 106 -4.11 7.00 28.93
CA GLU B 106 -3.36 5.93 29.61
C GLU B 106 -3.84 5.62 31.03
N THR B 107 -5.03 6.12 31.34
CA THR B 107 -5.75 5.92 32.61
C THR B 107 -6.85 4.84 32.53
N LEU B 108 -7.01 4.21 31.36
CA LEU B 108 -8.06 3.26 31.15
C LEU B 108 -7.63 1.90 31.74
N ARG B 109 -8.60 1.11 32.11
CA ARG B 109 -8.38 -0.32 32.46
C ARG B 109 -8.00 -1.16 31.25
N ASP B 110 -6.95 -1.93 31.40
CA ASP B 110 -6.36 -2.69 30.29
C ASP B 110 -5.10 -3.43 30.89
N PRO B 111 -4.77 -4.63 30.35
CA PRO B 111 -3.38 -5.06 30.45
C PRO B 111 -2.51 -4.02 29.90
N ARG B 112 -1.26 -4.05 30.29
CA ARG B 112 -0.26 -3.16 29.72
C ARG B 112 0.75 -4.10 28.99
N GLY B 113 1.06 -3.72 27.78
CA GLY B 113 2.19 -4.31 27.07
C GLY B 113 3.56 -3.95 27.56
N PHE B 114 4.45 -4.96 27.48
CA PHE B 114 5.81 -4.88 28.06
C PHE B 114 6.74 -5.62 27.06
N ALA B 115 7.09 -4.98 25.95
CA ALA B 115 7.75 -5.64 24.83
C ALA B 115 9.22 -5.32 24.86
N VAL B 116 10.11 -6.35 24.95
CA VAL B 116 11.55 -6.10 25.05
C VAL B 116 12.29 -6.72 23.89
N LYS B 117 13.02 -5.91 23.12
CA LYS B 117 13.88 -6.34 22.05
C LYS B 117 15.32 -6.34 22.53
N PHE B 118 15.94 -7.54 22.57
CA PHE B 118 17.38 -7.70 22.94
C PHE B 118 18.21 -7.85 21.68
N TYR B 119 19.19 -6.97 21.48
CA TYR B 119 20.04 -6.97 20.28
C TYR B 119 21.24 -7.90 20.50
N THR B 120 21.02 -9.19 20.40
CA THR B 120 22.06 -10.15 20.84
C THR B 120 23.07 -10.44 19.73
N GLU B 121 24.20 -11.09 20.12
CA GLU B 121 25.20 -11.43 19.13
C GLU B 121 24.75 -12.57 18.21
N GLU B 122 23.68 -13.28 18.56
CA GLU B 122 23.15 -14.31 17.72
C GLU B 122 21.79 -13.98 17.16
N GLY B 123 21.47 -12.68 17.12
CA GLY B 123 20.26 -12.19 16.50
C GLY B 123 19.40 -11.44 17.52
N ASN B 124 18.36 -10.81 17.03
CA ASN B 124 17.41 -10.13 17.91
C ASN B 124 16.48 -11.09 18.57
N TYR B 125 16.32 -10.96 19.88
CA TYR B 125 15.41 -11.74 20.62
C TYR B 125 14.33 -10.84 21.19
N ASP B 126 13.08 -11.12 20.85
CA ASP B 126 11.95 -10.32 21.33
C ASP B 126 11.16 -11.11 22.39
N LEU B 127 11.00 -10.56 23.57
CA LEU B 127 10.17 -11.12 24.60
C LEU B 127 8.98 -10.16 24.71
N VAL B 128 7.87 -10.56 24.09
CA VAL B 128 6.70 -9.63 23.89
C VAL B 128 5.72 -9.97 25.05
N GLY B 129 5.93 -9.33 26.18
CA GLY B 129 5.15 -9.55 27.34
C GLY B 129 4.02 -8.58 27.60
N ASN B 130 3.32 -8.83 28.71
CA ASN B 130 2.37 -7.91 29.31
C ASN B 130 2.69 -7.78 30.80
N ASN B 131 2.10 -6.83 31.49
CA ASN B 131 2.28 -6.79 32.98
C ASN B 131 1.69 -8.02 33.68
N LEU B 132 0.45 -8.36 33.31
CA LEU B 132 -0.25 -9.46 33.92
C LEU B 132 0.28 -10.81 33.36
N PRO B 133 0.36 -11.87 34.20
CA PRO B 133 1.13 -13.04 33.84
C PRO B 133 0.31 -14.11 33.14
N ILE B 134 -0.97 -13.87 32.89
CA ILE B 134 -1.84 -14.85 32.22
CA ILE B 134 -1.86 -14.83 32.23
C ILE B 134 -2.65 -14.12 31.13
N PHE B 135 -3.48 -14.87 30.43
CA PHE B 135 -4.27 -14.29 29.34
C PHE B 135 -5.74 -14.78 29.48
N PHE B 136 -6.62 -14.11 28.74
CA PHE B 136 -8.06 -14.37 28.71
C PHE B 136 -8.41 -15.70 28.03
N ILE B 137 -7.56 -16.13 27.09
CA ILE B 137 -7.89 -17.20 26.15
C ILE B 137 -6.66 -18.08 26.01
N ARG B 138 -6.86 -19.27 25.47
CA ARG B 138 -5.74 -20.21 25.28
C ARG B 138 -5.53 -20.70 23.86
N ASP B 139 -6.25 -20.15 22.88
CA ASP B 139 -6.08 -20.54 21.52
C ASP B 139 -6.18 -19.31 20.65
N ALA B 140 -5.21 -19.12 19.74
CA ALA B 140 -5.17 -17.91 18.90
C ALA B 140 -6.36 -17.73 17.96
N LEU B 141 -7.06 -18.80 17.63
CA LEU B 141 -8.27 -18.77 16.84
C LEU B 141 -9.34 -17.89 17.41
N LYS B 142 -9.34 -17.77 18.74
CA LYS B 142 -10.29 -16.86 19.39
C LYS B 142 -9.80 -15.41 19.50
N PHE B 143 -8.57 -15.10 19.15
CA PHE B 143 -8.08 -13.71 19.42
C PHE B 143 -8.84 -12.56 18.70
N PRO B 144 -9.18 -12.69 17.41
CA PRO B 144 -9.95 -11.64 16.78
C PRO B 144 -11.35 -11.50 17.39
N ASP B 145 -11.93 -12.58 17.81
CA ASP B 145 -13.23 -12.51 18.51
C ASP B 145 -13.08 -11.71 19.79
N MET B 146 -12.13 -12.12 20.65
CA MET B 146 -11.93 -11.51 21.96
C MET B 146 -11.71 -10.00 21.78
N VAL B 147 -10.78 -9.70 20.91
CA VAL B 147 -10.52 -8.26 20.57
C VAL B 147 -11.72 -7.50 20.05
N HIS B 148 -12.41 -8.04 19.06
CA HIS B 148 -13.61 -7.39 18.56
C HIS B 148 -14.65 -7.14 19.67
N SER B 149 -14.75 -8.05 20.64
CA SER B 149 -15.71 -7.88 21.75
C SER B 149 -15.25 -6.72 22.68
N LEU B 150 -13.95 -6.58 22.85
CA LEU B 150 -13.38 -5.55 23.74
C LEU B 150 -13.32 -4.19 23.13
N LYS B 151 -13.08 -4.16 21.83
CA LYS B 151 -12.95 -2.90 21.06
C LYS B 151 -14.25 -2.10 21.13
N PRO B 152 -14.14 -0.77 20.87
CA PRO B 152 -15.33 -0.03 20.64
C PRO B 152 -16.30 -0.76 19.66
N ASP B 153 -17.58 -0.69 19.98
CA ASP B 153 -18.64 -1.24 19.17
C ASP B 153 -18.55 -0.74 17.75
N PRO B 154 -18.78 -1.61 16.78
CA PRO B 154 -18.48 -1.20 15.37
C PRO B 154 -19.51 -0.28 14.78
N VAL B 155 -20.60 -0.05 15.50
CA VAL B 155 -21.57 0.94 15.09
C VAL B 155 -21.36 2.27 15.82
N THR B 156 -21.15 2.21 17.15
CA THR B 156 -21.14 3.43 18.00
C THR B 156 -19.79 4.02 18.23
N ASN B 157 -18.75 3.24 17.99
CA ASN B 157 -17.38 3.64 18.27
C ASN B 157 -17.15 3.88 19.77
N ILE B 158 -17.90 3.18 20.63
CA ILE B 158 -17.68 3.26 22.07
C ILE B 158 -17.62 1.81 22.66
N GLN B 159 -16.65 1.60 23.52
CA GLN B 159 -16.52 0.34 24.20
C GLN B 159 -17.77 0.04 25.00
N ASP B 160 -18.25 -1.20 24.94
CA ASP B 160 -19.48 -1.57 25.58
C ASP B 160 -19.26 -2.83 26.45
N PRO B 161 -19.27 -2.69 27.81
CA PRO B 161 -19.14 -3.91 28.65
C PRO B 161 -20.07 -5.05 28.28
N ASP B 162 -21.27 -4.77 27.79
CA ASP B 162 -22.22 -5.83 27.46
C ASP B 162 -21.67 -6.73 26.35
N ARG B 163 -20.84 -6.18 25.47
CA ARG B 163 -20.23 -6.94 24.41
C ARG B 163 -19.06 -7.82 24.90
N TYR B 164 -18.11 -7.26 25.61
CA TYR B 164 -17.01 -8.09 26.04
C TYR B 164 -17.39 -9.02 27.15
N TRP B 165 -18.36 -8.66 28.01
CA TRP B 165 -18.79 -9.69 29.00
C TRP B 165 -19.55 -10.82 28.35
N ASP B 166 -20.22 -10.59 27.25
CA ASP B 166 -20.91 -11.68 26.52
C ASP B 166 -19.90 -12.68 26.09
N PHE B 167 -18.86 -12.20 25.39
CA PHE B 167 -17.75 -13.03 25.00
C PHE B 167 -17.09 -13.69 26.19
N MET B 168 -16.68 -12.93 27.19
CA MET B 168 -15.88 -13.51 28.31
C MET B 168 -16.65 -14.55 29.10
N THR B 169 -17.92 -14.29 29.34
CA THR B 169 -18.73 -15.24 30.12
C THR B 169 -18.93 -16.58 29.41
N LEU B 170 -18.99 -16.56 28.09
CA LEU B 170 -19.08 -17.73 27.24
C LEU B 170 -17.72 -18.37 26.95
N THR B 171 -16.71 -17.83 27.59
CA THR B 171 -15.27 -18.19 27.39
C THR B 171 -14.72 -18.28 28.82
N PRO B 172 -15.24 -19.29 29.61
CA PRO B 172 -14.95 -19.37 31.04
C PRO B 172 -13.47 -19.51 31.39
N GLU B 173 -12.63 -19.89 30.43
CA GLU B 173 -11.18 -19.86 30.68
C GLU B 173 -10.62 -18.47 30.95
N SER B 174 -11.44 -17.45 30.71
CA SER B 174 -11.10 -16.06 31.02
C SER B 174 -11.18 -15.68 32.49
N THR B 175 -11.68 -16.57 33.32
CA THR B 175 -12.05 -16.18 34.67
C THR B 175 -10.79 -15.79 35.51
N HIS B 176 -9.71 -16.58 35.43
CA HIS B 176 -8.44 -16.19 36.10
C HIS B 176 -7.95 -14.79 35.69
N MET B 177 -7.85 -14.54 34.39
CA MET B 177 -7.45 -13.21 33.91
C MET B 177 -8.31 -12.06 34.45
N LEU B 178 -9.61 -12.22 34.42
CA LEU B 178 -10.50 -11.14 34.86
C LEU B 178 -10.30 -10.86 36.34
N THR B 179 -9.98 -11.93 37.11
CA THR B 179 -9.71 -11.79 38.53
C THR B 179 -8.47 -10.97 38.81
N TRP B 180 -7.49 -10.99 37.92
CA TRP B 180 -6.39 -10.04 38.02
C TRP B 180 -6.71 -8.63 37.49
N LEU B 181 -7.33 -8.56 36.30
CA LEU B 181 -7.56 -7.30 35.60
C LEU B 181 -8.56 -6.40 36.32
N PHE B 182 -9.49 -6.99 37.08
CA PHE B 182 -10.42 -6.16 37.87
C PHE B 182 -10.00 -5.90 39.30
N SER B 183 -8.82 -6.38 39.70
CA SER B 183 -8.05 -5.71 40.79
C SER B 183 -7.61 -4.33 40.37
N ASP B 184 -7.02 -3.55 41.28
CA ASP B 184 -6.58 -2.22 40.81
C ASP B 184 -5.33 -2.31 39.89
N GLU B 185 -4.73 -3.51 39.78
CA GLU B 185 -3.60 -3.70 38.85
C GLU B 185 -4.05 -3.59 37.38
N GLY B 186 -5.35 -3.61 37.16
CA GLY B 186 -5.90 -3.26 35.83
C GLY B 186 -5.60 -1.84 35.38
N ILE B 187 -5.19 -0.95 36.28
CA ILE B 187 -4.77 0.43 35.96
C ILE B 187 -3.45 0.72 36.70
N PRO B 188 -2.33 0.30 36.09
CA PRO B 188 -1.02 0.66 36.62
C PRO B 188 -0.84 2.13 36.75
N ALA B 189 -0.13 2.57 37.77
CA ALA B 189 0.05 4.03 37.94
C ALA B 189 0.80 4.67 36.81
N ASN B 190 1.73 3.91 36.26
CA ASN B 190 2.49 4.35 35.07
C ASN B 190 3.25 3.13 34.55
N TYR B 191 4.10 3.30 33.53
CA TYR B 191 4.81 2.16 32.97
C TYR B 191 5.99 1.69 33.80
N ALA B 192 6.50 2.53 34.70
CA ALA B 192 7.67 2.17 35.50
C ALA B 192 7.34 1.34 36.72
N GLU B 193 6.20 1.65 37.35
CA GLU B 193 5.83 1.02 38.63
C GLU B 193 4.88 -0.12 38.31
N MET B 194 5.40 -1.04 37.54
CA MET B 194 4.57 -2.05 36.86
C MET B 194 5.35 -3.36 36.72
N ARG B 195 4.64 -4.45 36.88
CA ARG B 195 5.11 -5.78 36.69
C ARG B 195 5.34 -6.05 35.22
N GLY B 196 6.20 -7.03 34.90
CA GLY B 196 6.23 -7.58 33.50
C GLY B 196 6.27 -9.10 33.56
N SER B 197 5.71 -9.72 32.52
CA SER B 197 5.57 -11.17 32.47
C SER B 197 5.77 -11.65 31.06
N GLY B 198 6.44 -12.79 30.85
CA GLY B 198 6.41 -13.45 29.50
C GLY B 198 5.07 -14.04 29.12
N VAL B 199 4.24 -14.33 30.16
CA VAL B 199 2.96 -14.97 30.08
C VAL B 199 3.09 -16.47 29.66
N HIS B 200 3.50 -16.75 28.42
CA HIS B 200 3.67 -18.11 27.97
C HIS B 200 4.81 -18.80 28.67
N THR B 201 4.63 -20.11 28.83
CA THR B 201 5.75 -21.00 28.91
C THR B 201 6.50 -21.04 27.60
N PHE B 202 7.82 -20.98 27.71
CA PHE B 202 8.71 -21.22 26.58
C PHE B 202 9.56 -22.47 26.87
N ARG B 203 10.39 -22.83 25.90
CA ARG B 203 11.38 -23.95 26.10
C ARG B 203 12.79 -23.36 26.10
N TRP B 204 13.55 -23.68 27.13
CA TRP B 204 14.96 -23.44 27.14
C TRP B 204 15.73 -24.74 26.85
N VAL B 205 16.73 -24.58 25.98
CA VAL B 205 17.51 -25.73 25.47
C VAL B 205 19.00 -25.44 25.64
N ASN B 206 19.68 -26.30 26.39
CA ASN B 206 21.10 -26.11 26.64
C ASN B 206 21.99 -26.77 25.59
N LYS B 207 23.31 -26.62 25.75
CA LYS B 207 24.24 -27.11 24.73
C LYS B 207 24.26 -28.65 24.60
N TYR B 208 23.70 -29.35 25.55
CA TYR B 208 23.55 -30.82 25.46
C TYR B 208 22.19 -31.22 24.90
N GLY B 209 21.37 -30.25 24.54
CA GLY B 209 20.09 -30.53 23.96
C GLY B 209 19.02 -30.84 25.00
N GLU B 210 19.31 -30.63 26.28
CA GLU B 210 18.33 -30.83 27.34
C GLU B 210 17.39 -29.66 27.35
N THR B 211 16.10 -29.95 27.52
CA THR B 211 15.05 -28.90 27.49
C THR B 211 14.38 -28.78 28.85
N LYS B 212 14.11 -27.55 29.26
CA LYS B 212 13.23 -27.22 30.39
C LYS B 212 12.16 -26.27 29.91
N TYR B 213 10.98 -26.34 30.50
CA TYR B 213 10.04 -25.23 30.41
C TYR B 213 10.50 -24.02 31.24
N VAL B 214 10.23 -22.80 30.74
CA VAL B 214 10.62 -21.57 31.44
C VAL B 214 9.46 -20.56 31.41
N LYS B 215 9.33 -19.83 32.49
CA LYS B 215 8.51 -18.62 32.56
C LYS B 215 9.39 -17.48 32.97
N TYR B 216 9.12 -16.32 32.39
CA TYR B 216 9.80 -15.07 32.67
C TYR B 216 8.98 -14.04 33.44
N HIS B 217 9.65 -13.35 34.36
CA HIS B 217 9.03 -12.34 35.24
C HIS B 217 9.94 -11.15 35.38
N TRP B 218 9.39 -9.94 35.22
CA TRP B 218 10.15 -8.73 35.41
C TRP B 218 9.65 -8.05 36.69
N ARG B 219 10.53 -7.80 37.66
CA ARG B 219 10.19 -7.08 38.89
C ARG B 219 10.69 -5.66 38.87
N PRO B 220 9.77 -4.69 38.98
CA PRO B 220 10.21 -3.29 38.93
C PRO B 220 10.98 -2.81 40.15
N SER B 221 12.12 -2.19 39.93
CA SER B 221 12.86 -1.56 41.01
C SER B 221 12.04 -0.49 41.67
N GLU B 222 11.20 0.22 40.90
CA GLU B 222 10.30 1.24 41.44
C GLU B 222 9.10 0.70 42.20
N GLY B 223 8.97 -0.63 42.36
CA GLY B 223 7.81 -1.25 42.95
C GLY B 223 6.58 -1.22 42.07
N ILE B 224 5.57 -2.00 42.44
CA ILE B 224 4.28 -2.05 41.73
C ILE B 224 3.33 -1.07 42.38
N ARG B 225 2.74 -0.17 41.62
CA ARG B 225 1.74 0.78 42.14
C ARG B 225 0.60 0.90 41.16
N ASN B 226 -0.63 0.91 41.68
CA ASN B 226 -1.84 0.89 40.91
C ASN B 226 -2.71 2.14 41.17
N LEU B 227 -3.66 2.36 40.30
CA LEU B 227 -4.68 3.34 40.52
C LEU B 227 -6.04 2.78 40.70
N SER B 228 -6.79 3.30 41.68
CA SER B 228 -8.22 3.06 41.78
C SER B 228 -8.96 3.72 40.64
N MET B 229 -10.21 3.33 40.42
CA MET B 229 -11.03 3.99 39.41
CA MET B 229 -11.02 3.98 39.41
C MET B 229 -11.07 5.48 39.66
N GLU B 230 -11.25 5.86 40.92
CA GLU B 230 -11.30 7.29 41.23
C GLU B 230 -9.95 8.05 41.01
N GLU B 231 -8.83 7.46 41.37
CA GLU B 231 -7.50 8.04 41.16
C GLU B 231 -7.23 8.16 39.67
N ALA B 232 -7.60 7.12 38.90
CA ALA B 232 -7.47 7.22 37.42
C ALA B 232 -8.27 8.36 36.79
N ALA B 233 -9.52 8.57 37.22
CA ALA B 233 -10.35 9.65 36.69
C ALA B 233 -9.71 11.01 37.04
N GLU B 234 -9.12 11.14 38.22
CA GLU B 234 -8.51 12.40 38.64
C GLU B 234 -7.30 12.75 37.77
N ILE B 235 -6.54 11.73 37.42
CA ILE B 235 -5.46 11.91 36.46
C ILE B 235 -6.03 12.22 35.07
N GLN B 236 -7.04 11.44 34.65
CA GLN B 236 -7.54 11.54 33.28
C GLN B 236 -8.06 12.96 32.98
N ALA B 237 -8.65 13.59 34.00
CA ALA B 237 -9.19 14.96 33.92
C ALA B 237 -8.16 15.95 33.33
N ASN B 238 -6.87 15.75 33.64
CA ASN B 238 -5.86 16.74 33.32
C ASN B 238 -4.78 16.26 32.39
N ASP B 239 -4.68 14.94 32.14
CA ASP B 239 -3.60 14.43 31.31
C ASP B 239 -4.04 13.06 30.75
N PHE B 240 -4.21 12.98 29.45
CA PHE B 240 -4.51 11.73 28.77
C PHE B 240 -3.26 11.00 28.24
N GLN B 241 -2.07 11.45 28.58
CA GLN B 241 -0.82 10.73 28.21
C GLN B 241 0.14 10.65 29.35
N HIS B 242 -0.38 10.46 30.55
CA HIS B 242 0.46 10.60 31.77
C HIS B 242 1.59 9.62 31.90
N ALA B 243 1.37 8.41 31.34
CA ALA B 243 2.37 7.35 31.46
C ALA B 243 3.46 7.53 30.44
N THR B 244 3.11 7.95 29.25
CA THR B 244 4.11 8.38 28.22
C THR B 244 4.98 9.54 28.78
N ARG B 245 4.32 10.47 29.43
CA ARG B 245 5.03 11.63 29.99
C ARG B 245 6.00 11.22 31.10
N ASP B 246 5.50 10.34 31.96
CA ASP B 246 6.25 9.88 33.14
C ASP B 246 7.51 9.10 32.72
N LEU B 247 7.38 8.21 31.74
CA LEU B 247 8.56 7.45 31.24
C LEU B 247 9.65 8.37 30.69
N TYR B 248 9.25 9.32 29.80
CA TYR B 248 10.17 10.20 29.20
C TYR B 248 10.86 11.10 30.24
N ASP B 249 10.05 11.57 31.16
CA ASP B 249 10.54 12.49 32.19
C ASP B 249 11.53 11.82 33.14
N ARG B 250 11.24 10.59 33.56
CA ARG B 250 12.16 9.86 34.45
C ARG B 250 13.49 9.77 33.75
N ILE B 251 13.46 9.41 32.47
CA ILE B 251 14.74 9.14 31.74
C ILE B 251 15.47 10.47 31.49
N GLU B 252 14.75 11.51 31.09
CA GLU B 252 15.38 12.80 30.83
C GLU B 252 16.06 13.33 32.11
N LYS B 253 15.53 12.99 33.29
CA LYS B 253 16.14 13.52 34.53
C LYS B 253 17.13 12.59 35.18
N GLY B 254 17.38 11.43 34.56
CA GLY B 254 18.40 10.50 35.02
C GLY B 254 17.93 9.54 36.05
N ASN B 255 16.62 9.51 36.31
CA ASN B 255 16.01 8.62 37.21
C ASN B 255 15.56 7.34 36.45
N TYR B 256 16.54 6.54 36.05
CA TYR B 256 16.26 5.44 35.13
C TYR B 256 15.45 4.32 35.74
N PRO B 257 14.29 3.95 35.16
CA PRO B 257 13.60 2.79 35.69
C PRO B 257 14.29 1.45 35.34
N ALA B 258 14.23 0.49 36.27
CA ALA B 258 14.80 -0.82 36.06
C ALA B 258 13.88 -1.94 36.49
N TRP B 259 14.12 -3.13 35.96
CA TRP B 259 13.45 -4.38 36.28
C TRP B 259 14.46 -5.45 36.40
N ASP B 260 14.36 -6.21 37.48
CA ASP B 260 15.07 -7.46 37.53
C ASP B 260 14.31 -8.57 36.82
N LEU B 261 15.04 -9.35 36.05
CA LEU B 261 14.48 -10.53 35.37
C LEU B 261 14.68 -11.76 36.25
N TYR B 262 13.59 -12.45 36.47
CA TYR B 262 13.56 -13.75 37.07
C TYR B 262 12.97 -14.78 36.16
N VAL B 263 13.40 -16.03 36.35
CA VAL B 263 12.75 -17.12 35.66
C VAL B 263 12.27 -18.19 36.63
N GLN B 264 11.25 -18.93 36.18
CA GLN B 264 10.93 -20.24 36.80
C GLN B 264 11.24 -21.29 35.80
N LEU B 265 11.71 -22.44 36.30
CA LEU B 265 12.08 -23.56 35.44
C LEU B 265 11.30 -24.80 35.89
N MET B 266 10.74 -25.52 34.93
CA MET B 266 9.97 -26.74 35.19
C MET B 266 10.38 -27.84 34.24
N PRO B 267 10.57 -29.09 34.76
CA PRO B 267 10.81 -30.21 33.84
C PRO B 267 9.61 -30.55 32.95
N LEU B 268 9.88 -30.95 31.73
CA LEU B 268 8.81 -31.42 30.83
C LEU B 268 7.94 -32.54 31.45
N SER B 269 8.60 -33.41 32.23
CA SER B 269 7.99 -34.58 32.82
C SER B 269 7.06 -34.26 33.98
N ASP B 270 6.99 -32.98 34.41
CA ASP B 270 6.01 -32.55 35.42
C ASP B 270 4.56 -32.45 34.94
N TYR B 271 4.34 -32.55 33.64
CA TYR B 271 2.96 -32.49 33.11
C TYR B 271 1.96 -33.30 33.89
N ASP B 272 2.23 -34.58 34.20
CA ASP B 272 1.25 -35.42 34.85
C ASP B 272 1.18 -35.20 36.33
N GLU B 273 2.14 -34.45 36.88
CA GLU B 273 2.15 -34.11 38.31
C GLU B 273 1.17 -33.00 38.60
N LEU B 274 0.68 -32.30 37.55
CA LEU B 274 -0.11 -31.08 37.75
C LEU B 274 -1.57 -31.27 37.39
N ASP B 275 -2.44 -30.52 38.03
CA ASP B 275 -3.87 -30.56 37.64
C ASP B 275 -4.28 -29.47 36.61
N TYR B 276 -3.29 -28.90 35.96
CA TYR B 276 -3.50 -28.04 34.84
C TYR B 276 -2.40 -28.37 33.82
N ASP B 277 -2.60 -27.86 32.61
CA ASP B 277 -1.55 -27.92 31.55
C ASP B 277 -0.56 -26.82 31.77
N PRO B 278 0.73 -27.16 31.95
CA PRO B 278 1.74 -26.07 32.18
C PRO B 278 1.91 -25.09 31.00
N CYS B 279 1.42 -25.46 29.81
CA CYS B 279 1.41 -24.58 28.64
C CYS B 279 0.07 -23.91 28.33
N ASP B 280 -0.81 -23.90 29.32
CA ASP B 280 -2.08 -23.19 29.23
C ASP B 280 -1.72 -21.81 29.75
N PRO B 281 -1.83 -20.77 28.89
CA PRO B 281 -1.48 -19.44 29.33
C PRO B 281 -2.53 -18.73 30.20
N THR B 282 -3.63 -19.41 30.51
CA THR B 282 -4.54 -18.95 31.56
C THR B 282 -4.07 -19.38 32.97
N LYS B 283 -2.91 -20.02 33.05
CA LYS B 283 -2.36 -20.56 34.26
C LYS B 283 -1.04 -19.92 34.60
N THR B 284 -0.83 -19.67 35.89
CA THR B 284 0.52 -19.48 36.45
C THR B 284 1.09 -20.79 37.07
N TRP B 285 2.39 -20.80 37.31
CA TRP B 285 3.07 -21.84 38.08
C TRP B 285 3.33 -21.31 39.49
N SER B 286 3.07 -22.18 40.48
CA SER B 286 3.35 -21.83 41.87
C SER B 286 4.81 -21.39 42.05
N GLU B 287 5.02 -20.29 42.80
CA GLU B 287 6.36 -19.86 43.14
C GLU B 287 6.98 -20.64 44.30
N GLU B 288 6.15 -21.33 45.04
CA GLU B 288 6.66 -22.26 46.06
C GLU B 288 7.25 -23.47 45.44
N ASP B 289 6.52 -24.06 44.50
CA ASP B 289 6.97 -25.28 43.85
C ASP B 289 8.02 -25.08 42.77
N TYR B 290 7.97 -23.90 42.15
CA TYR B 290 8.89 -23.52 41.06
C TYR B 290 9.45 -22.13 41.35
N PRO B 291 10.50 -22.07 42.21
CA PRO B 291 10.92 -20.77 42.74
C PRO B 291 11.49 -19.85 41.68
N LEU B 292 11.33 -18.54 41.91
CA LEU B 292 11.93 -17.53 41.06
C LEU B 292 13.45 -17.52 41.20
N GLN B 293 14.13 -17.55 40.06
CA GLN B 293 15.56 -17.54 39.99
C GLN B 293 16.04 -16.27 39.29
N LYS B 294 16.86 -15.46 39.97
CA LYS B 294 17.30 -14.22 39.41
C LYS B 294 18.26 -14.42 38.24
N VAL B 295 18.03 -13.68 37.13
CA VAL B 295 18.92 -13.72 35.99
C VAL B 295 19.74 -12.46 35.93
N GLY B 296 19.08 -11.31 35.94
CA GLY B 296 19.76 -10.06 35.72
C GLY B 296 18.83 -8.86 35.75
N ARG B 297 19.33 -7.71 35.29
CA ARG B 297 18.64 -6.43 35.46
C ARG B 297 18.66 -5.66 34.15
N MET B 298 17.51 -5.11 33.82
CA MET B 298 17.35 -4.22 32.65
C MET B 298 17.13 -2.81 33.18
N THR B 299 17.91 -1.88 32.64
CA THR B 299 17.77 -0.47 33.00
C THR B 299 17.46 0.28 31.72
N LEU B 300 16.42 1.12 31.75
CA LEU B 300 16.09 2.01 30.61
C LEU B 300 16.62 3.41 30.81
N ASN B 301 17.52 3.84 29.92
CA ASN B 301 18.30 5.04 30.18
C ASN B 301 18.46 5.98 28.98
N ARG B 302 17.67 5.76 27.92
CA ARG B 302 17.76 6.61 26.77
C ARG B 302 16.43 6.73 26.02
N ASN B 303 15.98 7.97 25.85
CA ASN B 303 14.77 8.23 25.07
C ASN B 303 15.09 8.22 23.58
N PRO B 304 14.10 7.82 22.75
CA PRO B 304 14.35 7.82 21.33
C PRO B 304 14.55 9.22 20.78
N GLU B 305 15.25 9.32 19.65
CA GLU B 305 15.42 10.65 18.95
C GLU B 305 14.17 11.07 18.20
N ASN B 306 13.38 10.09 17.73
CA ASN B 306 12.14 10.41 16.97
C ASN B 306 11.06 9.41 17.27
N PHE B 307 9.90 9.85 17.79
CA PHE B 307 8.88 8.91 18.18
C PHE B 307 8.36 8.05 17.03
N PHE B 308 8.00 8.65 15.90
CA PHE B 308 7.48 7.87 14.77
C PHE B 308 8.48 6.84 14.28
N ALA B 309 9.71 7.30 14.08
CA ALA B 309 10.71 6.42 13.39
C ALA B 309 11.12 5.20 14.20
N GLU B 310 11.17 5.42 15.50
CA GLU B 310 11.66 4.44 16.44
C GLU B 310 10.54 3.76 17.19
N THR B 311 9.69 4.50 17.91
CA THR B 311 8.65 3.89 18.67
C THR B 311 7.46 3.42 17.83
N GLU B 312 6.96 4.31 16.98
CA GLU B 312 5.79 3.92 16.17
C GLU B 312 6.14 2.81 15.20
N GLN B 313 7.34 2.83 14.63
CA GLN B 313 7.72 1.80 13.64
C GLN B 313 8.39 0.56 14.29
N ALA B 314 8.52 0.51 15.60
CA ALA B 314 9.08 -0.71 16.25
C ALA B 314 8.22 -1.87 15.94
N ALA B 315 8.87 -2.98 15.67
CA ALA B 315 8.23 -4.25 15.42
C ALA B 315 8.80 -5.40 16.29
N PHE B 316 7.94 -5.97 17.10
CA PHE B 316 8.36 -7.08 17.97
C PHE B 316 7.61 -8.31 17.51
N THR B 317 8.19 -9.50 17.74
CA THR B 317 7.43 -10.72 17.51
C THR B 317 7.85 -11.83 18.48
N PRO B 318 6.89 -12.50 19.07
CA PRO B 318 7.29 -13.74 19.85
C PRO B 318 8.09 -14.80 19.09
N SER B 319 7.96 -14.85 17.78
CA SER B 319 8.81 -15.70 16.92
C SER B 319 10.23 -15.24 16.70
N ALA B 320 10.62 -14.06 17.18
CA ALA B 320 12.04 -13.68 17.11
C ALA B 320 12.79 -14.34 18.26
N LEU B 321 13.03 -15.62 18.09
CA LEU B 321 13.68 -16.46 19.10
C LEU B 321 15.15 -16.61 18.72
N VAL B 322 16.00 -16.93 19.69
CA VAL B 322 17.43 -17.08 19.42
C VAL B 322 17.80 -18.49 19.87
N PRO B 323 18.92 -19.00 19.33
CA PRO B 323 19.37 -20.33 19.76
C PRO B 323 19.41 -20.49 21.27
N GLY B 324 18.76 -21.58 21.74
CA GLY B 324 18.61 -21.82 23.15
C GLY B 324 17.23 -21.53 23.71
N ILE B 325 16.45 -20.77 22.97
CA ILE B 325 15.13 -20.35 23.44
C ILE B 325 14.14 -20.63 22.31
N GLU B 326 13.12 -21.39 22.64
CA GLU B 326 12.17 -21.90 21.64
C GLU B 326 10.73 -21.72 22.12
N ALA B 327 9.82 -21.77 21.17
CA ALA B 327 8.36 -21.75 21.54
C ALA B 327 8.03 -23.01 22.33
N SER B 328 7.03 -22.92 23.21
CA SER B 328 6.34 -24.08 23.65
C SER B 328 5.16 -24.35 22.71
N GLU B 329 4.50 -25.47 22.99
CA GLU B 329 3.28 -25.91 22.34
C GLU B 329 1.99 -25.10 22.65
N ASP B 330 2.10 -24.11 23.53
CA ASP B 330 0.99 -23.23 23.91
C ASP B 330 0.31 -22.72 22.60
N LYS B 331 -0.99 -23.00 22.43
CA LYS B 331 -1.68 -22.83 21.19
C LYS B 331 -1.92 -21.34 20.94
N LEU B 332 -1.93 -20.55 22.00
CA LEU B 332 -2.03 -19.09 21.91
C LEU B 332 -0.73 -18.52 21.34
N LEU B 333 0.37 -18.87 21.97
CA LEU B 333 1.68 -18.58 21.42
C LEU B 333 1.86 -18.99 20.01
N GLN B 334 1.44 -20.21 19.66
CA GLN B 334 1.67 -20.68 18.34
C GLN B 334 1.08 -19.73 17.28
N GLY B 335 -0.14 -19.22 17.50
CA GLY B 335 -0.70 -18.23 16.53
C GLY B 335 0.03 -16.87 16.47
N ARG B 336 0.51 -16.44 17.64
CA ARG B 336 1.33 -15.16 17.73
C ARG B 336 2.60 -15.28 16.88
N LEU B 337 3.18 -16.48 16.81
CA LEU B 337 4.37 -16.66 15.98
C LEU B 337 4.18 -16.16 14.54
N PHE B 338 2.95 -16.37 14.03
CA PHE B 338 2.51 -15.96 12.72
C PHE B 338 2.07 -14.49 12.69
N SER B 339 1.17 -14.14 13.59
CA SER B 339 0.40 -12.88 13.45
C SER B 339 1.33 -11.67 13.45
N TYR B 340 2.43 -11.65 14.22
CA TYR B 340 3.14 -10.39 14.39
C TYR B 340 3.88 -9.98 13.09
N PRO B 341 4.71 -10.84 12.50
CA PRO B 341 5.40 -10.48 11.29
C PRO B 341 4.38 -10.29 10.16
N ASP B 342 3.24 -11.00 10.22
CA ASP B 342 2.21 -10.85 9.23
C ASP B 342 1.62 -9.46 9.28
N THR B 343 1.18 -9.03 10.48
CA THR B 343 0.68 -7.63 10.58
C THR B 343 1.72 -6.62 10.34
N GLN B 344 2.97 -6.90 10.67
CA GLN B 344 4.03 -5.87 10.49
C GLN B 344 4.35 -5.63 9.00
N ARG B 345 4.28 -6.68 8.19
CA ARG B 345 4.47 -6.55 6.74
C ARG B 345 3.45 -5.59 6.12
N HIS B 346 2.19 -5.63 6.59
CA HIS B 346 1.11 -4.71 6.21
C HIS B 346 1.36 -3.35 6.81
N ARG B 347 1.59 -3.33 8.13
CA ARG B 347 1.67 -1.99 8.82
C ARG B 347 2.90 -1.20 8.39
N LEU B 348 4.01 -1.85 8.11
CA LEU B 348 5.33 -1.14 8.04
C LEU B 348 5.99 -1.32 6.65
N GLY B 349 5.59 -2.41 5.94
CA GLY B 349 6.18 -2.73 4.63
C GLY B 349 6.93 -4.05 4.67
N ALA B 350 7.05 -4.70 3.51
CA ALA B 350 7.77 -5.99 3.42
C ALA B 350 9.17 -5.88 3.98
N ASN B 351 9.79 -4.68 3.83
CA ASN B 351 11.18 -4.47 4.30
C ASN B 351 11.26 -3.83 5.70
N TYR B 352 10.25 -4.08 6.57
CA TYR B 352 10.23 -3.45 7.90
C TYR B 352 11.44 -3.79 8.78
N MET B 353 12.06 -4.95 8.51
CA MET B 353 13.24 -5.34 9.26
C MET B 353 14.51 -4.54 8.98
N ARG B 354 14.45 -3.62 8.01
CA ARG B 354 15.53 -2.74 7.69
C ARG B 354 15.34 -1.34 8.32
N ILE B 355 14.17 -1.09 8.95
CA ILE B 355 14.00 0.09 9.71
C ILE B 355 14.98 0.05 10.90
N PRO B 356 15.67 1.14 11.18
CA PRO B 356 16.81 1.02 12.09
C PRO B 356 16.47 0.35 13.44
N VAL B 357 15.38 0.71 14.13
CA VAL B 357 15.10 0.19 15.45
C VAL B 357 14.91 -1.32 15.33
N ASN B 358 14.51 -1.79 14.18
CA ASN B 358 14.26 -3.21 14.00
C ASN B 358 15.48 -4.02 13.53
N CYS B 359 16.52 -3.35 13.10
CA CYS B 359 17.70 -4.05 12.59
C CYS B 359 18.43 -4.80 13.71
N PRO B 360 18.89 -6.00 13.41
CA PRO B 360 19.79 -6.67 14.35
C PRO B 360 21.17 -6.01 14.39
N TYR B 361 21.87 -6.30 15.48
CA TYR B 361 23.30 -5.98 15.60
C TYR B 361 24.14 -7.04 14.91
N ALA B 362 23.65 -8.26 14.97
CA ALA B 362 24.29 -9.40 14.33
C ALA B 362 24.15 -9.28 12.83
N PRO B 363 25.14 -9.83 12.12
CA PRO B 363 25.09 -9.78 10.68
C PRO B 363 23.81 -10.43 10.06
N VAL B 364 23.31 -9.86 8.95
CA VAL B 364 22.24 -10.43 8.15
C VAL B 364 22.71 -10.70 6.72
N HIS B 365 22.59 -11.95 6.32
CA HIS B 365 23.02 -12.36 4.97
C HIS B 365 22.03 -13.45 4.56
N ASN B 366 21.30 -13.21 3.50
CA ASN B 366 20.42 -14.19 2.91
C ASN B 366 20.08 -13.84 1.49
N ASN B 367 19.22 -14.65 0.89
CA ASN B 367 18.93 -14.56 -0.53
C ASN B 367 17.58 -13.87 -0.84
N GLN B 368 17.02 -13.25 0.18
CA GLN B 368 15.82 -12.43 -0.02
C GLN B 368 16.17 -11.22 -0.80
N GLN B 369 15.19 -10.70 -1.54
CA GLN B 369 15.47 -9.52 -2.38
C GLN B 369 14.22 -8.72 -2.57
N ASP B 370 14.47 -7.44 -2.90
CA ASP B 370 13.45 -6.54 -3.51
C ASP B 370 12.38 -6.18 -2.47
N GLY B 371 11.16 -5.90 -2.91
CA GLY B 371 10.10 -5.39 -2.06
C GLY B 371 10.11 -3.86 -2.02
N PHE B 372 8.97 -3.29 -1.62
CA PHE B 372 8.81 -1.83 -1.56
CA PHE B 372 8.76 -1.86 -1.46
C PHE B 372 9.92 -1.25 -0.68
N MET B 373 10.43 -0.13 -1.12
CA MET B 373 11.41 0.64 -0.41
C MET B 373 12.66 -0.14 -0.11
N THR B 374 13.27 -0.64 -1.18
CA THR B 374 14.57 -1.25 -1.13
C THR B 374 15.69 -0.20 -1.03
N THR B 375 16.22 -0.02 0.21
CA THR B 375 17.11 1.11 0.49
C THR B 375 18.56 0.64 0.76
N THR B 376 18.80 -0.66 0.69
CA THR B 376 20.03 -1.29 1.24
C THR B 376 21.21 -1.56 0.29
N ARG B 377 21.15 -0.99 -0.90
CA ARG B 377 22.25 -1.11 -1.89
C ARG B 377 22.71 -2.57 -2.11
N PRO B 378 21.78 -3.42 -2.50
CA PRO B 378 22.11 -4.86 -2.80
C PRO B 378 23.08 -4.99 -4.02
N SER B 379 23.82 -6.10 -4.05
CA SER B 379 24.75 -6.39 -5.10
C SER B 379 24.89 -7.88 -5.27
N GLY B 380 25.53 -8.27 -6.37
CA GLY B 380 25.83 -9.68 -6.60
C GLY B 380 24.85 -10.37 -7.52
N HIS B 381 25.30 -11.49 -8.09
CA HIS B 381 24.51 -12.26 -9.05
C HIS B 381 23.80 -13.44 -8.43
N ILE B 382 24.19 -13.81 -7.21
CA ILE B 382 23.76 -15.07 -6.60
C ILE B 382 22.79 -14.79 -5.47
N ASN B 383 21.55 -15.12 -5.76
CA ASN B 383 20.41 -14.93 -4.87
C ASN B 383 19.60 -16.24 -4.61
N TYR B 384 20.31 -17.39 -4.66
CA TYR B 384 19.71 -18.66 -4.59
C TYR B 384 20.74 -19.62 -3.91
N GLU B 385 20.26 -20.61 -3.21
CA GLU B 385 21.06 -21.64 -2.56
C GLU B 385 20.25 -22.93 -2.65
N PRO B 386 20.90 -24.08 -2.95
CA PRO B 386 22.32 -24.24 -3.11
C PRO B 386 22.93 -23.57 -4.33
N ASN B 387 24.23 -23.27 -4.21
CA ASN B 387 24.97 -22.77 -5.33
C ASN B 387 26.38 -23.27 -5.22
N ARG B 388 27.18 -23.02 -6.28
CA ARG B 388 28.53 -23.58 -6.39
C ARG B 388 29.62 -22.76 -5.71
N TYR B 389 29.24 -21.66 -5.02
CA TYR B 389 30.16 -20.65 -4.58
C TYR B 389 30.39 -20.73 -3.09
N ASP B 390 31.62 -21.09 -2.72
CA ASP B 390 31.94 -21.34 -1.31
C ASP B 390 31.81 -20.10 -0.39
N ASP B 391 31.96 -18.94 -0.98
CA ASP B 391 31.96 -17.65 -0.28
C ASP B 391 30.55 -17.06 -0.09
N GLN B 392 29.54 -17.64 -0.73
CA GLN B 392 28.16 -17.21 -0.53
C GLN B 392 27.60 -17.81 0.80
N PRO B 393 26.57 -17.19 1.38
CA PRO B 393 26.13 -17.67 2.69
C PRO B 393 25.59 -19.07 2.63
N LYS B 394 25.96 -19.88 3.61
CA LYS B 394 25.49 -21.25 3.75
C LYS B 394 24.84 -21.49 5.12
N GLU B 395 24.01 -22.52 5.16
CA GLU B 395 23.38 -22.99 6.42
C GLU B 395 24.49 -23.46 7.37
N ASN B 396 24.22 -23.31 8.64
CA ASN B 396 25.16 -23.71 9.68
C ASN B 396 24.50 -24.68 10.65
N PRO B 397 24.82 -25.98 10.53
CA PRO B 397 24.07 -26.96 11.34
C PRO B 397 24.28 -26.85 12.84
N HIS B 398 25.30 -26.13 13.31
CA HIS B 398 25.41 -25.85 14.73
C HIS B 398 24.19 -25.12 15.29
N TYR B 399 23.42 -24.45 14.42
CA TYR B 399 22.32 -23.63 14.86
C TYR B 399 20.96 -24.24 14.57
N LYS B 400 20.87 -25.55 14.50
CA LYS B 400 19.58 -26.20 14.40
C LYS B 400 18.80 -26.07 15.69
N GLU B 401 17.49 -25.94 15.59
CA GLU B 401 16.65 -25.98 16.80
C GLU B 401 16.49 -27.42 17.27
N SER B 402 15.96 -27.55 18.49
CA SER B 402 15.56 -28.85 19.05
C SER B 402 14.45 -29.52 18.24
N GLU B 403 14.19 -30.80 18.59
CA GLU B 403 13.14 -31.57 17.93
C GLU B 403 12.09 -32.03 18.95
N PRO B 404 11.18 -31.14 19.35
CA PRO B 404 10.24 -31.51 20.39
C PRO B 404 9.47 -32.80 20.08
N VAL B 405 9.25 -33.60 21.14
CA VAL B 405 8.49 -34.79 21.02
C VAL B 405 7.02 -34.44 20.88
N LEU B 406 6.37 -35.06 19.90
CA LEU B 406 4.94 -34.92 19.71
C LEU B 406 4.30 -36.12 20.45
N HIS B 407 3.31 -35.84 21.26
CA HIS B 407 2.57 -36.88 21.91
C HIS B 407 1.33 -37.27 21.11
N GLY B 408 0.83 -36.38 20.27
CA GLY B 408 -0.32 -36.68 19.44
C GLY B 408 -0.06 -37.53 18.20
N ASP B 409 -1.07 -38.31 17.83
CA ASP B 409 -0.98 -39.19 16.65
C ASP B 409 -1.88 -38.78 15.49
N ARG B 410 -2.68 -37.70 15.67
CA ARG B 410 -3.60 -37.24 14.64
C ARG B 410 -3.55 -35.70 14.60
N MET B 411 -3.88 -35.17 13.43
CA MET B 411 -4.14 -33.73 13.30
C MET B 411 -5.52 -33.51 13.82
N VAL B 412 -5.64 -32.74 14.90
CA VAL B 412 -6.95 -32.54 15.52
C VAL B 412 -7.25 -31.05 15.78
N ARG B 413 -8.53 -30.74 15.89
CA ARG B 413 -9.03 -29.56 16.52
C ARG B 413 -9.81 -29.90 17.79
N GLN B 414 -9.14 -29.74 18.93
CA GLN B 414 -9.69 -30.21 20.18
C GLN B 414 -9.10 -29.43 21.34
N LYS B 415 -9.93 -29.08 22.31
CA LYS B 415 -9.48 -28.38 23.53
C LYS B 415 -8.48 -29.19 24.27
N ILE B 416 -7.50 -28.54 24.88
CA ILE B 416 -6.62 -29.28 25.76
C ILE B 416 -7.38 -30.06 26.82
N GLU B 417 -6.79 -31.16 27.27
CA GLU B 417 -7.17 -31.77 28.53
C GLU B 417 -6.85 -30.88 29.74
N LYS B 418 -7.54 -31.18 30.86
CA LYS B 418 -7.47 -30.46 32.14
C LYS B 418 -7.46 -28.92 31.97
N PRO B 419 -8.50 -28.41 31.31
CA PRO B 419 -8.61 -26.95 31.19
C PRO B 419 -8.68 -26.29 32.54
N ASN B 420 -9.35 -26.92 33.52
CA ASN B 420 -9.37 -26.43 34.90
C ASN B 420 -9.58 -24.89 34.95
N ASP B 421 -10.72 -24.45 34.49
CA ASP B 421 -10.94 -23.01 34.25
C ASP B 421 -11.08 -22.16 35.52
N PHE B 422 -11.41 -22.78 36.67
CA PHE B 422 -11.81 -21.97 37.82
C PHE B 422 -10.85 -21.95 38.98
N LYS B 423 -10.04 -23.00 39.12
CA LYS B 423 -9.31 -23.20 40.35
C LYS B 423 -8.30 -22.10 40.64
N GLN B 424 -7.43 -21.77 39.67
CA GLN B 424 -6.45 -20.70 39.93
C GLN B 424 -7.14 -19.33 40.19
N ALA B 425 -8.27 -19.06 39.54
CA ALA B 425 -8.98 -17.79 39.79
C ALA B 425 -9.38 -17.74 41.28
N GLY B 426 -9.81 -18.87 41.83
CA GLY B 426 -10.16 -18.90 43.26
C GLY B 426 -8.95 -18.74 44.16
N GLU B 427 -7.86 -19.35 43.79
CA GLU B 427 -6.59 -19.17 44.51
C GLU B 427 -6.14 -17.73 44.52
N LYS B 428 -6.26 -17.07 43.36
CA LYS B 428 -5.89 -15.67 43.30
C LYS B 428 -6.80 -14.84 44.19
N TYR B 429 -8.10 -15.08 44.09
CA TYR B 429 -9.06 -14.35 44.90
C TYR B 429 -8.68 -14.46 46.36
N ARG B 430 -8.43 -15.67 46.83
CA ARG B 430 -8.13 -15.86 48.25
C ARG B 430 -6.81 -15.24 48.63
N SER B 431 -5.87 -15.12 47.69
CA SER B 431 -4.57 -14.47 47.94
C SER B 431 -4.64 -12.95 48.16
N TYR B 432 -5.76 -12.36 47.78
CA TYR B 432 -6.00 -10.94 47.97
C TYR B 432 -6.25 -10.61 49.43
N SER B 433 -5.71 -9.46 49.84
CA SER B 433 -6.07 -8.84 51.10
C SER B 433 -7.54 -8.45 51.07
N GLU B 434 -8.13 -8.19 52.23
CA GLU B 434 -9.54 -7.83 52.29
C GLU B 434 -9.75 -6.53 51.53
N GLU B 435 -8.82 -5.59 51.65
CA GLU B 435 -8.92 -4.31 50.95
C GLU B 435 -8.88 -4.55 49.42
N GLU B 436 -8.01 -5.47 48.99
CA GLU B 436 -7.93 -5.85 47.58
C GLU B 436 -9.20 -6.55 47.07
N LYS B 437 -9.79 -7.44 47.87
CA LYS B 437 -11.06 -8.09 47.54
C LYS B 437 -12.15 -7.08 47.40
N GLN B 438 -12.19 -6.10 48.30
CA GLN B 438 -13.22 -5.04 48.19
C GLN B 438 -13.08 -4.27 46.87
N ALA B 439 -11.84 -3.97 46.49
CA ALA B 439 -11.60 -3.23 45.22
C ALA B 439 -12.05 -4.05 44.01
N LEU B 440 -11.72 -5.33 44.03
CA LEU B 440 -12.04 -6.21 42.92
C LEU B 440 -13.58 -6.25 42.76
N ILE B 441 -14.28 -6.39 43.88
CA ILE B 441 -15.77 -6.50 43.82
C ILE B 441 -16.36 -5.18 43.34
N LYS B 442 -15.81 -4.09 43.83
CA LYS B 442 -16.22 -2.74 43.43
C LYS B 442 -16.04 -2.55 41.91
N ASN B 443 -14.86 -2.91 41.40
CA ASN B 443 -14.54 -2.67 40.02
C ASN B 443 -15.40 -3.57 39.12
N LEU B 444 -15.62 -4.78 39.53
CA LEU B 444 -16.45 -5.70 38.77
C LEU B 444 -17.92 -5.28 38.75
N THR B 445 -18.38 -4.76 39.90
CA THR B 445 -19.77 -4.37 40.02
C THR B 445 -20.02 -3.16 39.06
N ALA B 446 -19.11 -2.21 39.07
CA ALA B 446 -19.27 -1.03 38.19
C ALA B 446 -19.32 -1.41 36.72
N ASP B 447 -18.58 -2.46 36.39
CA ASP B 447 -18.50 -2.92 35.04
C ASP B 447 -19.66 -3.76 34.58
N LEU B 448 -20.24 -4.57 35.52
CA LEU B 448 -21.30 -5.52 35.20
C LEU B 448 -22.71 -4.97 35.43
N LYS B 449 -22.83 -3.90 36.16
CA LYS B 449 -24.20 -3.50 36.62
C LYS B 449 -25.15 -3.19 35.43
N GLY B 450 -24.61 -2.74 34.31
CA GLY B 450 -25.41 -2.43 33.11
C GLY B 450 -25.56 -3.50 32.05
N VAL B 451 -24.98 -4.67 32.23
CA VAL B 451 -25.00 -5.69 31.20
C VAL B 451 -26.24 -6.51 31.27
N ASN B 452 -26.53 -7.15 30.15
CA ASN B 452 -27.67 -8.09 30.00
C ASN B 452 -27.78 -9.04 31.20
N GLU B 453 -28.97 -9.16 31.78
CA GLU B 453 -29.12 -9.94 33.02
C GLU B 453 -28.64 -11.37 32.92
N LYS B 454 -28.90 -12.06 31.82
CA LYS B 454 -28.44 -13.40 31.62
C LYS B 454 -26.91 -13.46 31.63
N THR B 455 -26.26 -12.51 30.97
CA THR B 455 -24.79 -12.45 30.95
C THR B 455 -24.24 -12.16 32.34
N LYS B 456 -24.90 -11.25 33.05
CA LYS B 456 -24.48 -10.84 34.38
C LYS B 456 -24.52 -12.07 35.33
N LEU B 457 -25.57 -12.86 35.22
CA LEU B 457 -25.69 -14.08 36.04
C LEU B 457 -24.59 -15.09 35.69
N LEU B 458 -24.30 -15.26 34.41
CA LEU B 458 -23.29 -16.20 34.04
C LEU B 458 -21.92 -15.74 34.55
N ALA B 459 -21.66 -14.44 34.52
CA ALA B 459 -20.45 -13.91 35.13
C ALA B 459 -20.35 -14.30 36.60
N ILE B 460 -21.43 -14.07 37.34
CA ILE B 460 -21.42 -14.35 38.76
C ILE B 460 -21.15 -15.84 38.95
N CYS B 461 -21.81 -16.69 38.16
CA CYS B 461 -21.63 -18.13 38.28
CA CYS B 461 -21.64 -18.16 38.25
C CYS B 461 -20.20 -18.56 38.03
N ASN B 462 -19.53 -17.94 37.04
CA ASN B 462 -18.17 -18.30 36.80
C ASN B 462 -17.32 -17.90 37.98
N PHE B 463 -17.53 -16.71 38.54
CA PHE B 463 -16.75 -16.28 39.70
C PHE B 463 -17.10 -17.14 40.94
N TYR B 464 -18.36 -17.53 41.06
CA TYR B 464 -18.77 -18.47 42.14
C TYR B 464 -18.05 -19.79 42.05
N ARG B 465 -17.86 -20.30 40.83
CA ARG B 465 -17.13 -21.56 40.65
C ARG B 465 -15.68 -21.41 41.03
N ALA B 466 -15.15 -20.22 40.84
CA ALA B 466 -13.79 -19.87 41.29
C ALA B 466 -13.71 -19.93 42.80
N ASP B 467 -14.61 -19.19 43.47
CA ASP B 467 -14.66 -19.19 44.93
C ASP B 467 -16.06 -18.78 45.34
N GLU B 468 -16.67 -19.56 46.23
CA GLU B 468 -18.04 -19.25 46.66
C GLU B 468 -18.22 -17.87 47.30
N ASP B 469 -17.24 -17.40 48.05
CA ASP B 469 -17.28 -16.05 48.68
C ASP B 469 -17.21 -14.99 47.61
N TYR B 470 -16.33 -15.23 46.64
CA TYR B 470 -16.12 -14.28 45.54
C TYR B 470 -17.45 -14.07 44.84
N GLY B 471 -18.05 -15.13 44.39
CA GLY B 471 -19.27 -15.10 43.64
C GLY B 471 -20.40 -14.53 44.46
N GLN B 472 -20.51 -14.95 45.71
CA GLN B 472 -21.59 -14.44 46.61
C GLN B 472 -21.46 -12.92 46.85
N ARG B 473 -20.25 -12.44 47.10
CA ARG B 473 -20.00 -11.01 47.32
C ARG B 473 -20.34 -10.20 46.09
N LEU B 474 -20.04 -10.77 44.92
CA LEU B 474 -20.35 -10.06 43.68
C LEU B 474 -21.86 -10.05 43.43
N ALA B 475 -22.49 -11.17 43.67
CA ALA B 475 -23.95 -11.28 43.52
C ALA B 475 -24.61 -10.26 44.47
N ASP B 476 -24.13 -10.16 45.69
CA ASP B 476 -24.76 -9.24 46.69
C ASP B 476 -24.60 -7.81 46.25
N SER B 477 -23.42 -7.49 45.72
CA SER B 477 -23.08 -6.15 45.38
C SER B 477 -23.90 -5.74 44.12
N LEU B 478 -24.18 -6.70 43.23
CA LEU B 478 -25.01 -6.46 42.05
C LEU B 478 -26.51 -6.62 42.28
N GLY B 479 -26.90 -7.07 43.46
CA GLY B 479 -28.33 -7.20 43.78
C GLY B 479 -28.93 -8.42 43.09
N VAL B 480 -28.12 -9.48 42.84
CA VAL B 480 -28.60 -10.67 42.15
C VAL B 480 -28.76 -11.84 43.12
N ASP B 481 -29.97 -12.39 43.19
CA ASP B 481 -30.29 -13.49 44.11
C ASP B 481 -29.91 -14.79 43.46
N ILE B 482 -28.91 -15.47 44.01
CA ILE B 482 -28.47 -16.70 43.41
C ILE B 482 -28.86 -17.94 44.24
N ARG B 483 -29.71 -17.76 45.27
CA ARG B 483 -30.20 -18.86 46.07
C ARG B 483 -30.78 -20.03 45.25
N SER B 484 -31.59 -19.74 44.25
CA SER B 484 -32.18 -20.85 43.48
C SER B 484 -31.12 -21.70 42.76
N TYR B 485 -29.89 -21.21 42.59
CA TYR B 485 -28.70 -21.99 42.18
C TYR B 485 -27.64 -21.97 43.28
N HIS C 6 -31.02 -19.07 11.40
CA HIS C 6 -29.69 -19.68 11.68
C HIS C 6 -28.79 -19.72 10.43
N LYS C 7 -27.53 -19.33 10.60
CA LYS C 7 -26.58 -19.11 9.51
C LYS C 7 -25.28 -19.82 9.89
N ASN C 8 -24.58 -20.35 8.89
CA ASN C 8 -23.23 -20.86 9.09
C ASN C 8 -22.20 -19.75 9.12
N LEU C 9 -21.31 -19.83 10.08
CA LEU C 9 -20.02 -19.15 9.96
CA LEU C 9 -20.01 -19.15 9.95
C LEU C 9 -19.24 -19.78 8.80
N THR C 10 -18.65 -18.95 7.94
CA THR C 10 -17.92 -19.46 6.79
C THR C 10 -16.57 -18.87 6.70
N THR C 11 -15.71 -19.50 5.93
CA THR C 11 -14.53 -18.79 5.45
C THR C 11 -14.91 -17.78 4.35
N ASN C 12 -13.92 -16.96 3.92
CA ASN C 12 -14.19 -16.06 2.82
C ASN C 12 -14.33 -16.75 1.47
N GLN C 13 -13.96 -18.03 1.43
CA GLN C 13 -14.24 -18.89 0.26
C GLN C 13 -15.67 -19.44 0.28
N GLY C 14 -16.46 -19.17 1.33
CA GLY C 14 -17.83 -19.63 1.42
C GLY C 14 -17.94 -21.07 1.94
N VAL C 15 -16.87 -21.62 2.48
CA VAL C 15 -16.91 -22.96 3.12
C VAL C 15 -17.35 -22.84 4.59
N PRO C 16 -18.38 -23.61 5.00
CA PRO C 16 -18.80 -23.51 6.40
C PRO C 16 -17.69 -23.97 7.31
N VAL C 17 -17.52 -23.28 8.44
CA VAL C 17 -16.50 -23.57 9.43
C VAL C 17 -16.98 -24.62 10.42
N GLY C 18 -16.23 -25.71 10.52
CA GLY C 18 -16.57 -26.82 11.42
C GLY C 18 -16.26 -26.53 12.89
N ASP C 19 -15.26 -25.65 13.12
CA ASP C 19 -14.73 -25.43 14.49
C ASP C 19 -14.14 -24.04 14.51
N ASN C 20 -14.86 -23.13 15.15
CA ASN C 20 -14.33 -21.76 15.31
C ASN C 20 -13.65 -21.57 16.65
N GLN C 21 -13.36 -22.66 17.38
CA GLN C 21 -12.73 -22.55 18.73
C GLN C 21 -11.28 -23.03 18.82
N ASN C 22 -10.96 -24.10 18.10
CA ASN C 22 -9.67 -24.79 18.25
C ASN C 22 -8.86 -24.70 16.95
N SER C 23 -7.62 -24.28 17.10
CA SER C 23 -6.61 -24.42 16.10
C SER C 23 -6.34 -25.89 15.78
N ARG C 24 -5.75 -26.14 14.60
CA ARG C 24 -5.41 -27.50 14.23
C ARG C 24 -4.02 -27.88 14.68
N THR C 25 -3.90 -28.97 15.45
CA THR C 25 -2.69 -29.24 16.24
C THR C 25 -2.35 -30.69 16.21
N ALA C 26 -1.11 -30.98 16.56
CA ALA C 26 -0.67 -32.38 16.73
C ALA C 26 -1.14 -33.02 18.04
N GLY C 27 -2.32 -33.60 17.99
CA GLY C 27 -3.04 -34.02 19.17
C GLY C 27 -3.60 -32.84 19.95
N HIS C 28 -4.29 -33.15 21.05
CA HIS C 28 -5.05 -32.14 21.77
C HIS C 28 -4.17 -31.04 22.37
N ARG C 29 -2.87 -31.29 22.57
CA ARG C 29 -1.99 -30.29 23.20
C ARG C 29 -0.68 -29.95 22.45
N GLY C 30 -0.58 -30.37 21.20
CA GLY C 30 0.74 -30.29 20.52
C GLY C 30 0.79 -28.98 19.74
N PRO C 31 1.91 -28.74 19.01
CA PRO C 31 2.11 -27.53 18.21
C PRO C 31 1.13 -27.48 17.04
N SER C 32 0.97 -26.26 16.48
CA SER C 32 -0.03 -25.97 15.47
C SER C 32 0.45 -26.24 14.03
N PHE C 33 -0.45 -26.71 13.21
CA PHE C 33 -0.15 -27.01 11.84
C PHE C 33 -0.38 -25.79 10.93
N LEU C 34 0.48 -25.72 9.92
CA LEU C 34 0.32 -24.66 8.88
C LEU C 34 -0.96 -24.81 8.08
N ASP C 35 -1.36 -26.07 7.82
CA ASP C 35 -2.61 -26.37 7.07
C ASP C 35 -3.83 -26.15 7.98
N ASP C 36 -4.11 -24.90 8.27
CA ASP C 36 -5.30 -24.48 8.98
C ASP C 36 -5.79 -23.22 8.32
N TYR C 37 -6.49 -23.40 7.21
CA TYR C 37 -6.82 -22.25 6.37
C TYR C 37 -7.65 -21.25 7.17
N HIS C 38 -8.63 -21.74 7.92
CA HIS C 38 -9.50 -20.83 8.69
C HIS C 38 -8.73 -20.01 9.69
N LEU C 39 -7.79 -20.60 10.45
CA LEU C 39 -7.00 -19.82 11.41
C LEU C 39 -6.25 -18.70 10.65
N ILE C 40 -5.55 -19.10 9.56
CA ILE C 40 -4.65 -18.19 8.90
C ILE C 40 -5.47 -17.08 8.22
N GLU C 41 -6.57 -17.44 7.57
CA GLU C 41 -7.36 -16.41 6.86
C GLU C 41 -7.92 -15.43 7.88
N LYS C 42 -8.39 -15.92 9.03
CA LYS C 42 -9.04 -15.15 10.06
C LYS C 42 -8.01 -14.28 10.77
N LEU C 43 -6.87 -14.80 11.14
CA LEU C 43 -5.76 -13.97 11.67
C LEU C 43 -5.22 -12.93 10.66
N ALA C 44 -5.05 -13.34 9.40
CA ALA C 44 -4.48 -12.43 8.41
C ALA C 44 -5.39 -11.29 8.18
N HIS C 45 -6.69 -11.54 8.16
CA HIS C 45 -7.56 -10.36 7.94
C HIS C 45 -7.60 -9.47 9.15
N PHE C 46 -7.68 -10.04 10.35
CA PHE C 46 -7.54 -9.28 11.58
C PHE C 46 -6.29 -8.43 11.53
N ASP C 47 -5.18 -9.03 11.07
CA ASP C 47 -3.92 -8.36 11.00
C ASP C 47 -3.89 -7.10 10.06
N ARG C 48 -4.90 -6.98 9.20
CA ARG C 48 -4.97 -5.98 8.20
C ARG C 48 -6.19 -5.02 8.35
N GLU C 49 -6.83 -4.99 9.52
CA GLU C 49 -8.03 -4.22 9.69
C GLU C 49 -7.76 -2.74 9.58
N ARG C 50 -6.61 -2.28 10.02
CA ARG C 50 -6.36 -0.83 10.21
C ARG C 50 -5.81 -0.24 8.92
N ILE C 51 -6.28 0.99 8.65
CA ILE C 51 -5.78 1.87 7.64
C ILE C 51 -5.29 3.16 8.30
N PRO C 52 -4.48 3.98 7.59
CA PRO C 52 -3.96 5.23 8.20
C PRO C 52 -5.10 6.08 8.62
N GLU C 53 -4.97 6.71 9.77
CA GLU C 53 -5.95 7.76 10.17
C GLU C 53 -5.71 9.03 9.35
N ARG C 54 -6.71 9.88 9.36
CA ARG C 54 -6.57 11.17 8.69
C ARG C 54 -5.40 11.95 9.28
N VAL C 55 -4.61 12.63 8.47
CA VAL C 55 -3.44 13.39 8.93
C VAL C 55 -3.76 14.53 9.90
N VAL C 56 -4.96 15.12 9.73
CA VAL C 56 -5.59 15.91 10.73
C VAL C 56 -7.08 15.53 10.75
N HIS C 57 -7.76 15.92 11.81
CA HIS C 57 -9.18 15.63 12.05
C HIS C 57 -9.42 14.13 12.15
N ALA C 58 -8.44 13.48 12.77
CA ALA C 58 -8.48 12.00 12.90
C ALA C 58 -9.64 11.51 13.80
N ARG C 59 -9.94 12.23 14.89
CA ARG C 59 -11.05 11.96 15.79
C ARG C 59 -12.32 12.62 15.36
N GLY C 60 -13.33 11.80 15.06
CA GLY C 60 -14.62 12.33 14.62
C GLY C 60 -15.75 11.40 14.61
N ALA C 61 -16.89 11.91 14.18
CA ALA C 61 -18.13 11.13 14.19
C ALA C 61 -19.02 11.60 13.01
N GLY C 62 -19.82 10.70 12.50
CA GLY C 62 -20.61 10.92 11.33
C GLY C 62 -22.12 10.69 11.50
N ALA C 63 -22.89 11.36 10.67
CA ALA C 63 -24.31 11.06 10.59
C ALA C 63 -24.86 11.45 9.23
N TYR C 64 -25.98 10.86 8.86
CA TYR C 64 -26.68 11.22 7.65
C TYR C 64 -27.88 12.03 7.95
N GLY C 65 -28.33 12.76 6.92
CA GLY C 65 -29.56 13.55 7.11
C GLY C 65 -30.00 14.16 5.82
N VAL C 66 -30.72 15.27 5.93
CA VAL C 66 -31.35 15.93 4.74
C VAL C 66 -31.16 17.41 4.84
N PHE C 67 -30.91 18.07 3.70
CA PHE C 67 -30.94 19.50 3.56
C PHE C 67 -32.15 19.91 2.73
N GLU C 68 -32.89 20.89 3.25
CA GLU C 68 -34.06 21.39 2.53
C GLU C 68 -33.91 22.87 2.27
N VAL C 69 -34.14 23.25 1.03
CA VAL C 69 -34.16 24.68 0.62
C VAL C 69 -35.40 25.40 1.15
N GLU C 70 -35.19 26.51 1.84
CA GLU C 70 -36.30 27.40 2.20
C GLU C 70 -36.43 28.50 1.13
N ASN C 71 -35.31 29.09 0.69
CA ASN C 71 -35.28 30.23 -0.32
C ASN C 71 -34.39 29.87 -1.48
N SER C 72 -35.00 29.72 -2.69
CA SER C 72 -34.21 29.41 -3.88
C SER C 72 -33.09 30.43 -4.03
N MET C 73 -31.92 29.96 -4.44
CA MET C 73 -30.76 30.81 -4.61
C MET C 73 -30.49 31.13 -6.08
N GLU C 74 -31.43 30.85 -6.98
CA GLU C 74 -31.23 30.96 -8.41
C GLU C 74 -30.88 32.39 -8.94
N LYS C 75 -31.18 33.44 -8.19
CA LYS C 75 -30.69 34.78 -8.58
C LYS C 75 -29.20 34.84 -8.52
N HIS C 76 -28.59 33.98 -7.69
CA HIS C 76 -27.16 34.11 -7.38
C HIS C 76 -26.28 32.94 -7.77
N THR C 77 -26.87 31.77 -7.91
CA THR C 77 -26.13 30.57 -8.28
C THR C 77 -27.06 29.63 -9.02
N ARG C 78 -26.50 28.98 -10.04
CA ARG C 78 -27.20 27.98 -10.81
CA ARG C 78 -27.20 27.98 -10.82
C ARG C 78 -27.12 26.61 -10.14
N ALA C 79 -26.51 26.54 -8.97
CA ALA C 79 -26.41 25.20 -8.31
C ALA C 79 -27.79 24.50 -8.26
N ALA C 80 -27.82 23.22 -8.66
CA ALA C 80 -29.07 22.53 -8.76
C ALA C 80 -29.78 22.25 -7.44
N PHE C 81 -28.99 21.88 -6.42
CA PHE C 81 -29.53 21.60 -5.13
C PHE C 81 -30.11 22.79 -4.43
N LEU C 82 -29.83 24.02 -4.92
CA LEU C 82 -30.36 25.20 -4.28
C LEU C 82 -31.42 25.91 -5.18
N SER C 83 -31.90 25.22 -6.20
CA SER C 83 -32.67 25.86 -7.26
C SER C 83 -34.11 26.21 -6.87
N GLU C 84 -34.71 25.46 -5.95
CA GLU C 84 -36.18 25.51 -5.75
C GLU C 84 -36.53 25.39 -4.30
N GLU C 85 -37.48 26.22 -3.84
CA GLU C 85 -38.06 26.08 -2.50
C GLU C 85 -38.55 24.65 -2.27
N GLY C 86 -38.22 24.09 -1.10
CA GLY C 86 -38.64 22.75 -0.78
C GLY C 86 -37.73 21.62 -1.25
N LYS C 87 -36.78 21.92 -2.11
CA LYS C 87 -35.93 20.88 -2.67
C LYS C 87 -35.06 20.24 -1.60
N GLN C 88 -35.08 18.92 -1.53
CA GLN C 88 -34.39 18.13 -0.46
C GLN C 88 -33.25 17.36 -1.06
N THR C 89 -32.09 17.42 -0.39
CA THR C 89 -30.87 16.77 -0.84
C THR C 89 -30.37 15.96 0.37
N ASP C 90 -30.09 14.68 0.17
CA ASP C 90 -29.47 13.90 1.21
C ASP C 90 -28.05 14.42 1.50
N VAL C 91 -27.68 14.29 2.76
CA VAL C 91 -26.32 14.62 3.17
C VAL C 91 -25.68 13.55 4.01
N PHE C 92 -24.33 13.51 3.96
CA PHE C 92 -23.57 12.88 5.02
C PHE C 92 -22.66 13.91 5.66
N VAL C 93 -22.58 13.93 6.99
CA VAL C 93 -21.77 14.88 7.72
C VAL C 93 -20.82 14.20 8.70
N ARG C 94 -19.57 14.67 8.76
CA ARG C 94 -18.63 14.25 9.76
C ARG C 94 -18.13 15.45 10.51
N PHE C 95 -18.20 15.34 11.84
CA PHE C 95 -17.69 16.32 12.77
C PHE C 95 -16.41 15.77 13.36
N SER C 96 -15.52 16.64 13.79
CA SER C 96 -14.23 16.19 14.26
C SER C 96 -13.48 17.22 15.11
N THR C 97 -12.50 16.76 15.89
CA THR C 97 -11.48 17.60 16.42
C THR C 97 -10.40 17.76 15.31
N VAL C 98 -9.26 18.29 15.66
CA VAL C 98 -8.24 18.49 14.64
C VAL C 98 -6.91 17.83 14.87
N ILE C 99 -6.25 18.09 16.03
CA ILE C 99 -4.82 17.76 16.14
C ILE C 99 -4.51 16.35 16.57
N HIS C 100 -5.17 15.87 17.59
CA HIS C 100 -4.74 14.58 18.21
C HIS C 100 -5.27 13.38 17.47
N PRO C 101 -4.71 12.17 17.74
CA PRO C 101 -5.09 11.03 16.94
C PRO C 101 -6.50 10.50 17.20
N LYS C 102 -6.84 9.41 16.51
N LYS C 102 -6.87 9.47 16.46
CA LYS C 102 -7.98 8.60 16.83
CA LYS C 102 -8.20 8.89 16.47
C LYS C 102 -7.82 8.19 18.28
C LYS C 102 -8.86 8.64 17.80
N GLY C 103 -8.92 8.18 19.00
N GLY C 103 -8.10 8.23 18.81
CA GLY C 103 -8.83 7.72 20.33
CA GLY C 103 -8.63 7.84 20.10
C GLY C 103 -8.65 8.90 21.26
C GLY C 103 -8.58 8.90 21.18
N SER C 104 -8.27 10.09 20.74
CA SER C 104 -8.01 11.20 21.64
C SER C 104 -9.28 11.81 22.20
N PRO C 105 -9.14 12.57 23.33
CA PRO C 105 -10.42 13.09 23.94
C PRO C 105 -11.09 14.24 23.12
N GLU C 106 -12.40 14.39 23.29
CA GLU C 106 -13.18 15.40 22.54
C GLU C 106 -13.41 16.65 23.41
N THR C 107 -12.68 16.68 24.53
CA THR C 107 -12.65 17.81 25.48
C THR C 107 -11.48 18.79 25.27
N LEU C 108 -10.65 18.57 24.26
CA LEU C 108 -9.46 19.35 24.08
C LEU C 108 -9.82 20.66 23.37
N ARG C 109 -9.02 21.71 23.56
CA ARG C 109 -9.12 22.89 22.77
C ARG C 109 -8.67 22.70 21.32
N ASP C 110 -9.48 23.12 20.37
CA ASP C 110 -9.25 22.82 18.93
C ASP C 110 -10.40 23.48 18.19
N PRO C 111 -10.18 23.96 16.95
CA PRO C 111 -11.34 24.04 16.09
C PRO C 111 -12.01 22.71 15.95
N ARG C 112 -13.26 22.74 15.51
CA ARG C 112 -13.97 21.49 15.21
C ARG C 112 -14.30 21.52 13.74
N GLY C 113 -14.07 20.36 13.13
CA GLY C 113 -14.50 20.19 11.77
C GLY C 113 -16.00 19.99 11.63
N PHE C 114 -16.49 20.39 10.46
CA PHE C 114 -17.93 20.45 10.14
C PHE C 114 -18.00 20.21 8.62
N ALA C 115 -17.93 18.96 8.20
CA ALA C 115 -17.80 18.56 6.81
C ALA C 115 -19.10 17.98 6.27
N VAL C 116 -19.70 18.65 5.27
CA VAL C 116 -21.00 18.23 4.73
C VAL C 116 -20.85 17.81 3.26
N LYS C 117 -21.28 16.58 2.97
CA LYS C 117 -21.40 16.04 1.63
C LYS C 117 -22.83 16.12 1.24
N PHE C 118 -23.13 16.84 0.15
CA PHE C 118 -24.48 16.91 -0.43
C PHE C 118 -24.52 16.03 -1.66
N TYR C 119 -25.40 15.02 -1.71
CA TYR C 119 -25.54 14.13 -2.84
C TYR C 119 -26.47 14.71 -3.90
N THR C 120 -25.97 15.66 -4.68
CA THR C 120 -26.86 16.47 -5.57
C THR C 120 -27.11 15.75 -6.91
N GLU C 121 -28.10 16.24 -7.63
CA GLU C 121 -28.36 15.69 -8.95
C GLU C 121 -27.30 15.96 -9.99
N GLU C 122 -26.44 16.95 -9.72
CA GLU C 122 -25.34 17.26 -10.64
C GLU C 122 -24.00 16.94 -10.02
N GLY C 123 -24.00 16.05 -9.07
CA GLY C 123 -22.75 15.53 -8.52
C GLY C 123 -22.68 15.78 -7.01
N ASN C 124 -21.67 15.24 -6.40
CA ASN C 124 -21.46 15.43 -4.95
C ASN C 124 -20.83 16.78 -4.71
N TYR C 125 -21.39 17.52 -3.76
CA TYR C 125 -20.84 18.85 -3.36
C TYR C 125 -20.38 18.71 -1.94
N ASP C 126 -19.10 18.90 -1.69
CA ASP C 126 -18.59 18.85 -0.31
C ASP C 126 -18.33 20.34 0.17
N LEU C 127 -18.88 20.70 1.34
CA LEU C 127 -18.58 21.96 2.00
C LEU C 127 -17.84 21.60 3.25
N VAL C 128 -16.51 21.71 3.21
CA VAL C 128 -15.65 21.14 4.24
C VAL C 128 -15.27 22.30 5.21
N GLY C 129 -16.14 22.50 6.18
CA GLY C 129 -16.03 23.58 7.09
C GLY C 129 -15.44 23.24 8.40
N ASN C 130 -15.35 24.34 9.22
CA ASN C 130 -15.03 24.19 10.67
C ASN C 130 -16.07 24.99 11.47
N ASN C 131 -16.10 24.88 12.77
CA ASN C 131 -17.03 25.75 13.52
C ASN C 131 -16.61 27.22 13.46
N LEU C 132 -15.32 27.50 13.62
CA LEU C 132 -14.83 28.86 13.62
C LEU C 132 -14.74 29.36 12.19
N PRO C 133 -14.99 30.65 12.00
CA PRO C 133 -15.19 31.18 10.59
C PRO C 133 -13.93 31.66 9.90
N ILE C 134 -12.79 31.59 10.55
CA ILE C 134 -11.50 32.04 9.99
CA ILE C 134 -11.49 32.06 10.00
C ILE C 134 -10.45 31.02 10.25
N PHE C 135 -9.29 31.26 9.76
CA PHE C 135 -8.21 30.32 9.96
C PHE C 135 -6.91 31.04 10.42
N PHE C 136 -5.93 30.28 10.83
CA PHE C 136 -4.67 30.75 11.38
C PHE C 136 -3.73 31.34 10.33
N ILE C 137 -3.83 30.84 9.09
CA ILE C 137 -2.85 31.09 8.01
C ILE C 137 -3.69 31.37 6.75
N ARG C 138 -3.02 31.95 5.75
CA ARG C 138 -3.68 32.32 4.51
C ARG C 138 -3.06 31.71 3.25
N ASP C 139 -2.09 30.80 3.40
CA ASP C 139 -1.43 30.20 2.27
C ASP C 139 -1.17 28.75 2.61
N ALA C 140 -1.60 27.85 1.74
CA ALA C 140 -1.43 26.43 2.00
C ALA C 140 0.00 25.95 2.14
N LEU C 141 0.97 26.70 1.61
CA LEU C 141 2.37 26.35 1.75
C LEU C 141 2.73 26.23 3.22
N LYS C 142 2.06 26.97 4.07
CA LYS C 142 2.34 26.93 5.51
C LYS C 142 1.65 25.86 6.27
N PHE C 143 0.68 25.17 5.66
CA PHE C 143 -0.12 24.23 6.43
C PHE C 143 0.67 23.13 7.13
N PRO C 144 1.68 22.51 6.46
CA PRO C 144 2.39 21.48 7.13
C PRO C 144 3.18 22.06 8.31
N ASP C 145 3.68 23.27 8.17
CA ASP C 145 4.41 23.90 9.28
C ASP C 145 3.52 24.12 10.49
N MET C 146 2.35 24.73 10.20
CA MET C 146 1.35 25.01 11.22
C MET C 146 0.99 23.76 12.00
N VAL C 147 0.62 22.74 11.26
CA VAL C 147 0.21 21.46 11.85
C VAL C 147 1.30 20.83 12.63
N HIS C 148 2.51 20.82 12.08
CA HIS C 148 3.60 20.22 12.82
C HIS C 148 3.87 20.95 14.13
N SER C 149 3.70 22.25 14.17
CA SER C 149 3.88 23.02 15.41
C SER C 149 2.81 22.72 16.45
N LEU C 150 1.59 22.50 15.97
CA LEU C 150 0.44 22.16 16.88
C LEU C 150 0.41 20.70 17.32
N LYS C 151 0.90 19.78 16.49
CA LYS C 151 0.93 18.36 16.75
C LYS C 151 1.85 18.06 17.93
N PRO C 152 1.64 16.92 18.57
CA PRO C 152 2.61 16.50 19.56
C PRO C 152 4.02 16.57 19.06
N ASP C 153 4.93 16.98 19.93
CA ASP C 153 6.35 17.10 19.63
C ASP C 153 6.87 15.78 19.07
N PRO C 154 7.67 15.84 18.02
CA PRO C 154 8.05 14.61 17.30
C PRO C 154 9.00 13.73 18.10
N VAL C 155 9.50 14.25 19.20
CA VAL C 155 10.33 13.44 20.13
C VAL C 155 9.52 12.86 21.30
N THR C 156 8.70 13.66 21.97
CA THR C 156 8.05 13.32 23.21
C THR C 156 6.68 12.78 23.00
N ASN C 157 6.10 12.99 21.82
CA ASN C 157 4.67 12.66 21.60
C ASN C 157 3.70 13.37 22.51
N ILE C 158 4.05 14.60 22.95
CA ILE C 158 3.15 15.43 23.72
C ILE C 158 3.11 16.85 23.12
N GLN C 159 1.91 17.37 23.00
CA GLN C 159 1.70 18.68 22.46
C GLN C 159 2.41 19.69 23.37
N ASP C 160 3.07 20.70 22.78
CA ASP C 160 3.91 21.64 23.54
C ASP C 160 3.53 23.08 23.11
N PRO C 161 2.79 23.82 23.96
CA PRO C 161 2.55 25.27 23.62
C PRO C 161 3.76 26.06 23.22
N ASP C 162 4.93 25.79 23.74
CA ASP C 162 6.10 26.51 23.31
C ASP C 162 6.36 26.37 21.80
N ARG C 163 5.98 25.22 21.22
CA ARG C 163 6.24 24.98 19.80
C ARG C 163 5.21 25.73 18.95
N TYR C 164 3.94 25.56 19.24
CA TYR C 164 2.95 26.24 18.41
C TYR C 164 2.88 27.72 18.63
N TRP C 165 3.11 28.19 19.86
CA TRP C 165 3.22 29.66 19.99
C TRP C 165 4.42 30.23 19.29
N ASP C 166 5.50 29.49 19.18
CA ASP C 166 6.64 29.95 18.37
C ASP C 166 6.18 30.21 16.96
N PHE C 167 5.59 29.19 16.32
CA PHE C 167 5.02 29.41 14.97
C PHE C 167 4.02 30.52 14.92
N MET C 168 3.03 30.52 15.82
CA MET C 168 1.92 31.51 15.66
C MET C 168 2.39 32.91 15.86
N THR C 169 3.26 33.13 16.81
CA THR C 169 3.76 34.50 17.05
C THR C 169 4.55 35.04 15.88
N LEU C 170 5.30 34.21 15.18
CA LEU C 170 6.01 34.52 13.96
C LEU C 170 5.15 34.54 12.67
N THR C 171 3.83 34.35 12.87
CA THR C 171 2.81 34.16 11.82
C THR C 171 1.68 35.03 12.32
N PRO C 172 1.90 36.39 12.31
CA PRO C 172 0.95 37.30 12.97
C PRO C 172 -0.41 37.32 12.33
N GLU C 173 -0.53 36.83 11.10
CA GLU C 173 -1.85 36.66 10.55
C GLU C 173 -2.75 35.71 11.34
N SER C 174 -2.16 34.92 12.28
CA SER C 174 -2.90 34.10 13.15
C SER C 174 -3.65 34.78 14.28
N THR C 175 -3.47 36.10 14.45
CA THR C 175 -3.96 36.73 15.64
C THR C 175 -5.49 36.71 15.74
N HIS C 176 -6.20 36.97 14.62
CA HIS C 176 -7.66 36.94 14.67
C HIS C 176 -8.16 35.51 15.09
N MET C 177 -7.65 34.47 14.43
CA MET C 177 -7.99 33.10 14.84
C MET C 177 -7.79 32.78 16.27
N LEU C 178 -6.63 33.16 16.80
CA LEU C 178 -6.35 32.91 18.23
C LEU C 178 -7.34 33.63 19.18
N THR C 179 -7.77 34.85 18.78
CA THR C 179 -8.76 35.56 19.53
C THR C 179 -10.12 34.88 19.58
N TRP C 180 -10.46 34.05 18.58
CA TRP C 180 -11.65 33.21 18.67
C TRP C 180 -11.37 31.93 19.43
N LEU C 181 -10.25 31.27 19.12
CA LEU C 181 -9.99 29.88 19.63
C LEU C 181 -9.78 29.89 21.14
N PHE C 182 -9.27 31.02 21.67
CA PHE C 182 -9.04 31.08 23.11
C PHE C 182 -10.19 31.72 23.91
N SER C 183 -11.24 32.11 23.23
CA SER C 183 -12.55 32.19 23.88
C SER C 183 -12.97 30.75 24.33
N ASP C 184 -14.10 30.64 25.01
CA ASP C 184 -14.53 29.27 25.40
C ASP C 184 -15.07 28.56 24.20
N GLU C 185 -15.23 29.23 23.08
CA GLU C 185 -15.68 28.51 21.86
C GLU C 185 -14.60 27.59 21.28
N GLY C 186 -13.41 27.72 21.80
CA GLY C 186 -12.34 26.71 21.57
C GLY C 186 -12.66 25.35 22.03
N ILE C 187 -13.64 25.18 22.95
CA ILE C 187 -14.07 23.83 23.43
C ILE C 187 -15.58 23.80 23.37
N PRO C 188 -16.14 23.52 22.21
CA PRO C 188 -17.60 23.31 22.12
C PRO C 188 -18.07 22.16 23.04
N ALA C 189 -19.28 22.27 23.56
CA ALA C 189 -19.81 21.30 24.48
C ALA C 189 -19.97 19.95 23.83
N ASN C 190 -20.36 20.00 22.56
CA ASN C 190 -20.54 18.78 21.81
C ASN C 190 -20.66 19.23 20.32
N TYR C 191 -20.89 18.27 19.42
CA TYR C 191 -20.98 18.63 17.98
C TYR C 191 -22.31 19.27 17.59
N ALA C 192 -23.38 19.13 18.39
CA ALA C 192 -24.69 19.62 18.02
C ALA C 192 -24.87 21.11 18.38
N GLU C 193 -24.32 21.47 19.53
CA GLU C 193 -24.49 22.83 20.05
C GLU C 193 -23.26 23.72 19.63
N MET C 194 -23.07 23.77 18.31
CA MET C 194 -21.85 24.24 17.72
C MET C 194 -22.17 24.97 16.40
N ARG C 195 -21.43 26.01 16.14
CA ARG C 195 -21.50 26.80 14.89
C ARG C 195 -20.92 25.97 13.78
N GLY C 196 -21.24 26.32 12.54
CA GLY C 196 -20.42 25.88 11.40
C GLY C 196 -20.17 27.01 10.43
N SER C 197 -19.07 26.91 9.66
CA SER C 197 -18.65 27.95 8.77
C SER C 197 -17.95 27.36 7.56
N GLY C 198 -18.17 27.95 6.35
CA GLY C 198 -17.37 27.60 5.18
C GLY C 198 -15.95 28.06 5.26
N VAL C 199 -15.70 29.11 6.07
CA VAL C 199 -14.39 29.77 6.25
C VAL C 199 -13.99 30.59 5.03
N HIS C 200 -13.69 29.92 3.92
CA HIS C 200 -13.39 30.68 2.71
C HIS C 200 -14.53 31.35 2.07
N THR C 201 -14.18 32.41 1.34
CA THR C 201 -14.99 32.91 0.25
C THR C 201 -14.97 31.94 -0.89
N PHE C 202 -16.12 31.66 -1.45
CA PHE C 202 -16.30 30.96 -2.68
C PHE C 202 -16.92 31.89 -3.70
N ARG C 203 -16.98 31.42 -4.95
CA ARG C 203 -17.66 32.15 -6.03
C ARG C 203 -18.95 31.43 -6.41
N TRP C 204 -20.03 32.20 -6.38
CA TRP C 204 -21.31 31.78 -6.91
C TRP C 204 -21.54 32.37 -8.26
N VAL C 205 -21.98 31.51 -9.15
CA VAL C 205 -22.17 31.86 -10.57
C VAL C 205 -23.57 31.49 -11.01
N ASN C 206 -24.30 32.50 -11.53
CA ASN C 206 -25.70 32.29 -11.90
C ASN C 206 -25.85 31.96 -13.40
N LYS C 207 -27.09 31.77 -13.77
CA LYS C 207 -27.43 31.37 -15.15
C LYS C 207 -27.02 32.39 -16.20
N TYR C 208 -26.76 33.64 -15.82
CA TYR C 208 -26.28 34.70 -16.75
C TYR C 208 -24.75 34.77 -16.75
N GLY C 209 -24.09 33.92 -15.93
CA GLY C 209 -22.67 33.94 -15.79
C GLY C 209 -22.12 35.02 -14.89
N GLU C 210 -22.99 35.65 -14.12
CA GLU C 210 -22.62 36.72 -13.20
C GLU C 210 -22.11 36.02 -11.95
N THR C 211 -21.07 36.59 -11.37
CA THR C 211 -20.43 35.97 -10.18
C THR C 211 -20.59 36.87 -8.97
N LYS C 212 -20.87 36.27 -7.80
CA LYS C 212 -20.76 36.96 -6.49
C LYS C 212 -19.82 36.14 -5.61
N TYR C 213 -19.13 36.83 -4.74
CA TYR C 213 -18.48 36.16 -3.64
C TYR C 213 -19.48 35.74 -2.57
N VAL C 214 -19.26 34.57 -1.98
CA VAL C 214 -20.16 34.01 -0.97
C VAL C 214 -19.38 33.49 0.24
N LYS C 215 -19.99 33.67 1.40
CA LYS C 215 -19.57 32.97 2.64
C LYS C 215 -20.75 32.22 3.19
N TYR C 216 -20.48 31.02 3.76
CA TYR C 216 -21.50 30.13 4.34
C TYR C 216 -21.41 30.05 5.87
N HIS C 217 -22.59 30.02 6.51
CA HIS C 217 -22.70 29.91 7.96
C HIS C 217 -23.77 28.91 8.34
N TRP C 218 -23.47 28.04 9.29
CA TRP C 218 -24.48 27.13 9.84
C TRP C 218 -24.82 27.51 11.25
N ARG C 219 -26.11 27.75 11.54
CA ARG C 219 -26.59 28.12 12.86
C ARG C 219 -27.32 26.99 13.53
N PRO C 220 -26.83 26.56 14.70
CA PRO C 220 -27.42 25.34 15.31
C PRO C 220 -28.81 25.63 15.89
N SER C 221 -29.78 24.80 15.60
CA SER C 221 -31.11 24.88 16.24
C SER C 221 -30.95 24.66 17.74
N GLU C 222 -29.95 23.88 18.14
CA GLU C 222 -29.66 23.62 19.56
C GLU C 222 -28.93 24.76 20.28
N GLY C 223 -28.64 25.88 19.57
CA GLY C 223 -27.85 26.99 20.12
C GLY C 223 -26.38 26.58 20.26
N ILE C 224 -25.54 27.55 20.52
CA ILE C 224 -24.10 27.38 20.75
C ILE C 224 -23.90 27.22 22.26
N ARG C 225 -23.18 26.18 22.68
CA ARG C 225 -22.73 26.04 24.07
C ARG C 225 -21.29 25.58 24.13
N ASN C 226 -20.52 26.19 25.03
CA ASN C 226 -19.09 26.01 25.10
C ASN C 226 -18.72 25.56 26.51
N LEU C 227 -17.51 25.02 26.64
CA LEU C 227 -16.97 24.55 27.92
C LEU C 227 -15.84 25.41 28.37
N SER C 228 -15.88 25.80 29.64
CA SER C 228 -14.73 26.34 30.27
C SER C 228 -13.65 25.29 30.42
N MET C 229 -12.43 25.73 30.70
CA MET C 229 -11.37 24.74 30.96
C MET C 229 -11.75 23.80 32.08
N GLU C 230 -12.41 24.33 33.11
CA GLU C 230 -12.83 23.51 34.24
C GLU C 230 -13.92 22.48 33.90
N GLU C 231 -14.89 22.90 33.11
CA GLU C 231 -15.98 22.03 32.64
C GLU C 231 -15.36 20.96 31.73
N ALA C 232 -14.40 21.34 30.86
CA ALA C 232 -13.77 20.38 29.97
C ALA C 232 -13.00 19.30 30.74
N ALA C 233 -12.25 19.70 31.75
CA ALA C 233 -11.54 18.71 32.63
C ALA C 233 -12.53 17.78 33.29
N GLU C 234 -13.66 18.28 33.75
CA GLU C 234 -14.61 17.42 34.47
C GLU C 234 -15.20 16.37 33.55
N ILE C 235 -15.51 16.74 32.32
CA ILE C 235 -16.01 15.79 31.34
C ILE C 235 -14.89 14.84 30.95
N GLN C 236 -13.67 15.36 30.74
CA GLN C 236 -12.54 14.49 30.29
C GLN C 236 -12.27 13.36 31.29
N ALA C 237 -12.45 13.64 32.59
CA ALA C 237 -12.25 12.70 33.66
C ALA C 237 -13.04 11.39 33.48
N ASN C 238 -14.25 11.48 32.94
CA ASN C 238 -15.19 10.38 32.93
C ASN C 238 -15.58 9.94 31.52
N ASP C 239 -15.30 10.76 30.50
CA ASP C 239 -15.66 10.35 29.14
C ASP C 239 -14.70 11.04 28.16
N PHE C 240 -13.87 10.28 27.50
CA PHE C 240 -12.98 10.86 26.45
C PHE C 240 -13.66 10.89 25.05
N GLN C 241 -14.95 10.51 24.96
CA GLN C 241 -15.60 10.47 23.68
C GLN C 241 -17.02 11.03 23.76
N HIS C 242 -17.16 12.09 24.57
CA HIS C 242 -18.53 12.54 24.91
C HIS C 242 -19.30 13.13 23.72
N ALA C 243 -18.57 13.74 22.78
CA ALA C 243 -19.22 14.39 21.61
C ALA C 243 -19.67 13.31 20.65
N THR C 244 -18.84 12.32 20.42
CA THR C 244 -19.28 11.14 19.63
C THR C 244 -20.53 10.46 20.23
N ARG C 245 -20.48 10.28 21.54
CA ARG C 245 -21.60 9.67 22.25
C ARG C 245 -22.87 10.49 22.07
N ASP C 246 -22.73 11.78 22.28
CA ASP C 246 -23.85 12.71 22.27
C ASP C 246 -24.54 12.72 20.90
N LEU C 247 -23.76 12.76 19.84
CA LEU C 247 -24.33 12.83 18.49
C LEU C 247 -25.12 11.56 18.20
N TYR C 248 -24.53 10.40 18.51
CA TYR C 248 -25.19 9.13 18.27
C TYR C 248 -26.49 9.02 19.10
N ASP C 249 -26.38 9.41 20.35
CA ASP C 249 -27.50 9.27 21.33
C ASP C 249 -28.67 10.18 20.98
N ARG C 250 -28.39 11.43 20.58
CA ARG C 250 -29.45 12.33 20.14
C ARG C 250 -30.22 11.73 18.97
N ILE C 251 -29.48 11.20 18.01
CA ILE C 251 -30.14 10.63 16.84
C ILE C 251 -30.90 9.34 17.20
N GLU C 252 -30.31 8.48 18.01
CA GLU C 252 -30.93 7.19 18.31
C GLU C 252 -32.25 7.46 19.03
N LYS C 253 -32.31 8.55 19.81
CA LYS C 253 -33.56 8.82 20.54
C LYS C 253 -34.57 9.73 19.82
N GLY C 254 -34.27 10.11 18.58
CA GLY C 254 -35.16 10.89 17.78
C GLY C 254 -35.05 12.38 17.97
N ASN C 255 -34.05 12.83 18.74
CA ASN C 255 -33.82 14.26 19.01
C ASN C 255 -32.85 14.82 17.97
N TYR C 256 -33.28 14.95 16.73
CA TYR C 256 -32.38 15.19 15.59
C TYR C 256 -31.80 16.61 15.66
N PRO C 257 -30.45 16.75 15.61
CA PRO C 257 -29.90 18.12 15.58
C PRO C 257 -30.02 18.73 14.20
N ALA C 258 -30.26 20.02 14.20
CA ALA C 258 -30.37 20.76 12.91
C ALA C 258 -29.56 22.05 12.91
N TRP C 259 -29.27 22.55 11.71
CA TRP C 259 -28.61 23.77 11.48
C TRP C 259 -29.32 24.48 10.33
N ASP C 260 -29.54 25.76 10.50
CA ASP C 260 -29.92 26.60 9.40
C ASP C 260 -28.72 27.13 8.65
N LEU C 261 -28.79 27.06 7.33
CA LEU C 261 -27.74 27.57 6.49
C LEU C 261 -28.04 29.00 6.06
N TYR C 262 -27.06 29.89 6.30
CA TYR C 262 -27.12 31.29 5.82
C TYR C 262 -25.93 31.58 4.90
N VAL C 263 -26.09 32.55 4.00
CA VAL C 263 -24.98 33.07 3.23
C VAL C 263 -24.84 34.56 3.41
N GLN C 264 -23.61 35.04 3.22
CA GLN C 264 -23.38 36.43 2.88
C GLN C 264 -23.00 36.47 1.43
N LEU C 265 -23.37 37.59 0.73
CA LEU C 265 -23.02 37.77 -0.62
C LEU C 265 -22.31 39.12 -0.84
N MET C 266 -21.23 39.16 -1.60
CA MET C 266 -20.44 40.39 -1.83
C MET C 266 -20.16 40.49 -3.32
N PRO C 267 -20.37 41.69 -3.91
CA PRO C 267 -19.86 41.86 -5.26
C PRO C 267 -18.37 41.76 -5.40
N LEU C 268 -17.89 41.24 -6.53
CA LEU C 268 -16.44 41.17 -6.83
C LEU C 268 -15.79 42.53 -6.71
N SER C 269 -16.49 43.55 -7.16
CA SER C 269 -15.93 44.87 -7.17
C SER C 269 -15.63 45.39 -5.76
N ASP C 270 -16.24 44.81 -4.71
CA ASP C 270 -16.06 45.41 -3.41
C ASP C 270 -14.66 45.20 -2.90
N TYR C 271 -13.85 44.36 -3.58
CA TYR C 271 -12.44 44.25 -3.26
C TYR C 271 -11.79 45.56 -3.03
N ASP C 272 -11.95 46.47 -3.99
CA ASP C 272 -10.98 47.53 -4.14
C ASP C 272 -11.19 48.63 -3.15
N GLU C 273 -12.38 48.66 -2.53
CA GLU C 273 -12.73 49.61 -1.47
C GLU C 273 -12.54 49.13 0.00
N LEU C 274 -12.33 47.82 0.25
CA LEU C 274 -12.24 47.27 1.58
C LEU C 274 -10.82 47.42 2.05
N ASP C 275 -10.58 47.48 3.35
CA ASP C 275 -9.22 47.60 3.86
C ASP C 275 -8.56 46.25 4.18
N TYR C 276 -9.22 45.20 3.68
CA TYR C 276 -8.68 43.83 3.74
C TYR C 276 -8.98 43.16 2.41
N ASP C 277 -8.38 42.00 2.19
CA ASP C 277 -8.70 41.16 1.05
C ASP C 277 -9.89 40.24 1.39
N PRO C 278 -10.99 40.33 0.67
CA PRO C 278 -12.15 39.54 1.01
C PRO C 278 -11.94 38.02 0.85
N CYS C 279 -10.87 37.61 0.14
CA CYS C 279 -10.47 36.19 0.00
C CYS C 279 -9.31 35.80 0.95
N ASP C 280 -9.02 36.63 1.96
CA ASP C 280 -8.11 36.29 3.02
C ASP C 280 -8.91 35.54 4.06
N PRO C 281 -8.60 34.23 4.28
CA PRO C 281 -9.40 33.46 5.23
C PRO C 281 -9.08 33.71 6.69
N THR C 282 -8.20 34.69 7.00
CA THR C 282 -8.05 35.22 8.36
C THR C 282 -9.09 36.32 8.66
N LYS C 283 -9.94 36.64 7.68
CA LYS C 283 -10.90 37.72 7.76
C LYS C 283 -12.33 37.16 7.75
N THR C 284 -13.22 37.81 8.47
CA THR C 284 -14.66 37.78 8.26
C THR C 284 -15.16 38.97 7.46
N TRP C 285 -16.41 38.88 7.02
CA TRP C 285 -17.13 40.05 6.45
C TRP C 285 -18.17 40.55 7.46
N SER C 286 -18.23 41.89 7.63
CA SER C 286 -19.19 42.50 8.53
C SER C 286 -20.63 41.98 8.23
N GLU C 287 -21.36 41.56 9.26
CA GLU C 287 -22.77 41.16 9.10
C GLU C 287 -23.72 42.36 8.98
N GLU C 288 -23.23 43.54 9.33
CA GLU C 288 -24.00 44.75 9.06
C GLU C 288 -23.92 45.07 7.61
N ASP C 289 -22.72 45.04 7.04
CA ASP C 289 -22.55 45.44 5.65
C ASP C 289 -22.95 44.39 4.67
N TYR C 290 -22.79 43.12 5.09
CA TYR C 290 -23.14 41.96 4.26
C TYR C 290 -24.04 41.05 5.06
N PRO C 291 -25.34 41.32 5.04
CA PRO C 291 -26.22 40.61 5.95
C PRO C 291 -26.38 39.11 5.64
N LEU C 292 -26.62 38.34 6.69
CA LEU C 292 -26.89 36.91 6.54
C LEU C 292 -28.23 36.75 5.85
N GLN C 293 -28.27 35.89 4.84
CA GLN C 293 -29.45 35.57 4.07
C GLN C 293 -29.78 34.07 4.24
N LYS C 294 -30.98 33.74 4.69
CA LYS C 294 -31.33 32.32 4.94
C LYS C 294 -31.54 31.51 3.68
N VAL C 295 -30.89 30.34 3.61
CA VAL C 295 -31.02 29.45 2.50
C VAL C 295 -31.90 28.23 2.81
N GLY C 296 -31.61 27.53 3.91
CA GLY C 296 -32.37 26.37 4.24
C GLY C 296 -31.90 25.75 5.54
N ARG C 297 -32.29 24.48 5.73
CA ARG C 297 -32.05 23.78 7.00
C ARG C 297 -31.57 22.38 6.69
N MET C 298 -30.57 21.97 7.46
CA MET C 298 -30.05 20.60 7.47
C MET C 298 -30.43 19.91 8.81
N THR C 299 -31.00 18.73 8.73
CA THR C 299 -31.41 17.98 9.87
C THR C 299 -30.67 16.64 9.75
N LEU C 300 -29.99 16.27 10.79
CA LEU C 300 -29.29 14.95 10.83
C LEU C 300 -30.09 13.91 11.61
N ASN C 301 -30.48 12.83 10.92
CA ASN C 301 -31.51 11.96 11.45
C ASN C 301 -31.21 10.47 11.34
N ARG C 302 -29.97 10.11 10.98
CA ARG C 302 -29.69 8.72 10.80
C ARG C 302 -28.22 8.43 11.13
N ASN C 303 -28.00 7.51 12.08
CA ASN C 303 -26.63 7.02 12.33
C ASN C 303 -26.17 6.07 11.26
N PRO C 304 -24.82 6.03 10.98
CA PRO C 304 -24.34 5.09 10.06
C PRO C 304 -24.49 3.61 10.54
N GLU C 305 -24.48 2.69 9.61
CA GLU C 305 -24.64 1.26 10.02
C GLU C 305 -23.32 0.68 10.51
N ASN C 306 -22.20 1.20 9.99
CA ASN C 306 -20.85 0.70 10.36
C ASN C 306 -19.88 1.88 10.40
N PHE C 307 -19.26 2.10 11.54
CA PHE C 307 -18.42 3.31 11.73
C PHE C 307 -17.19 3.30 10.81
N PHE C 308 -16.52 2.15 10.68
CA PHE C 308 -15.33 2.11 9.84
C PHE C 308 -15.69 2.33 8.38
N ALA C 309 -16.71 1.61 7.90
CA ALA C 309 -16.99 1.65 6.46
C ALA C 309 -17.44 3.00 5.97
N GLU C 310 -18.16 3.70 6.84
CA GLU C 310 -18.89 4.94 6.46
C GLU C 310 -18.19 6.13 7.02
N THR C 311 -18.01 6.20 8.32
CA THR C 311 -17.40 7.40 8.89
C THR C 311 -15.87 7.40 8.73
N GLU C 312 -15.23 6.31 9.11
CA GLU C 312 -13.76 6.29 8.95
C GLU C 312 -13.33 6.49 7.47
N GLN C 313 -14.01 5.84 6.55
CA GLN C 313 -13.63 5.86 5.17
C GLN C 313 -14.19 7.05 4.44
N ALA C 314 -15.01 7.88 5.09
CA ALA C 314 -15.57 9.07 4.41
C ALA C 314 -14.47 9.96 3.88
N ALA C 315 -14.67 10.45 2.65
CA ALA C 315 -13.72 11.35 2.03
C ALA C 315 -14.43 12.60 1.52
N PHE C 316 -14.04 13.76 2.06
CA PHE C 316 -14.56 15.08 1.61
C PHE C 316 -13.45 15.86 0.95
N THR C 317 -13.76 16.73 -0.05
CA THR C 317 -12.76 17.63 -0.57
C THR C 317 -13.38 18.99 -0.96
N PRO C 318 -12.70 20.07 -0.60
CA PRO C 318 -13.24 21.35 -1.08
C PRO C 318 -13.33 21.50 -2.60
N SER C 319 -12.53 20.72 -3.33
CA SER C 319 -12.64 20.68 -4.78
C SER C 319 -13.78 19.90 -5.33
N ALA C 320 -14.62 19.32 -4.47
CA ALA C 320 -15.88 18.70 -4.95
C ALA C 320 -16.94 19.74 -5.07
N LEU C 321 -16.81 20.52 -6.15
CA LEU C 321 -17.67 21.65 -6.42
C LEU C 321 -18.69 21.23 -7.48
N VAL C 322 -19.81 21.91 -7.52
CA VAL C 322 -20.84 21.61 -8.52
C VAL C 322 -21.12 22.83 -9.35
N PRO C 323 -21.75 22.64 -10.52
CA PRO C 323 -21.99 23.82 -11.34
C PRO C 323 -22.70 24.87 -10.61
N GLY C 324 -22.19 26.13 -10.76
CA GLY C 324 -22.72 27.25 -10.02
C GLY C 324 -21.92 27.64 -8.79
N ILE C 325 -21.03 26.75 -8.31
CA ILE C 325 -20.26 26.99 -7.12
C ILE C 325 -18.80 26.70 -7.47
N GLU C 326 -17.96 27.69 -7.29
CA GLU C 326 -16.57 27.63 -7.67
C GLU C 326 -15.64 28.08 -6.55
N ALA C 327 -14.34 27.74 -6.67
CA ALA C 327 -13.35 28.23 -5.73
C ALA C 327 -13.16 29.73 -5.93
N SER C 328 -12.80 30.40 -4.88
CA SER C 328 -12.22 31.70 -5.02
C SER C 328 -10.68 31.52 -5.13
N GLU C 329 -10.04 32.64 -5.30
CA GLU C 329 -8.60 32.81 -5.39
C GLU C 329 -7.84 32.67 -4.03
N ASP C 330 -8.56 32.49 -2.93
CA ASP C 330 -8.01 32.24 -1.57
C ASP C 330 -6.92 31.20 -1.65
N LYS C 331 -5.69 31.59 -1.37
CA LYS C 331 -4.50 30.78 -1.60
C LYS C 331 -4.46 29.61 -0.65
N LEU C 332 -5.17 29.72 0.44
CA LEU C 332 -5.32 28.62 1.35
C LEU C 332 -6.22 27.55 0.75
N LEU C 333 -7.39 27.97 0.34
CA LEU C 333 -8.31 27.08 -0.40
C LEU C 333 -7.65 26.47 -1.60
N GLN C 334 -6.88 27.23 -2.36
CA GLN C 334 -6.33 26.65 -3.56
C GLN C 334 -5.52 25.34 -3.23
N GLY C 335 -4.71 25.36 -2.18
CA GLY C 335 -3.94 24.17 -1.78
C GLY C 335 -4.80 23.01 -1.32
N ARG C 336 -5.91 23.33 -0.64
CA ARG C 336 -6.85 22.35 -0.21
C ARG C 336 -7.39 21.60 -1.41
N LEU C 337 -7.63 22.31 -2.52
CA LEU C 337 -8.20 21.61 -3.64
C LEU C 337 -7.42 20.35 -4.04
N PHE C 338 -6.10 20.49 -3.92
CA PHE C 338 -5.16 19.44 -4.22
C PHE C 338 -5.08 18.42 -3.07
N SER C 339 -4.89 18.93 -1.87
CA SER C 339 -4.46 18.06 -0.75
C SER C 339 -5.46 16.95 -0.41
N TYR C 340 -6.76 17.24 -0.45
CA TYR C 340 -7.70 16.27 0.08
C TYR C 340 -7.79 14.96 -0.77
N PRO C 341 -8.03 15.10 -2.08
CA PRO C 341 -8.08 13.85 -2.88
C PRO C 341 -6.69 13.19 -2.94
N ASP C 342 -5.63 13.96 -2.81
CA ASP C 342 -4.24 13.45 -2.78
C ASP C 342 -4.07 12.56 -1.54
N THR C 343 -4.43 13.06 -0.36
CA THR C 343 -4.28 12.28 0.90
C THR C 343 -5.20 11.10 0.80
N GLN C 344 -6.39 11.25 0.22
CA GLN C 344 -7.39 10.17 0.18
C GLN C 344 -6.97 8.97 -0.68
N ARG C 345 -6.30 9.27 -1.77
CA ARG C 345 -5.75 8.19 -2.58
C ARG C 345 -4.79 7.34 -1.78
N HIS C 346 -4.01 7.92 -0.90
CA HIS C 346 -3.08 7.25 0.01
C HIS C 346 -3.80 6.56 1.14
N ARG C 347 -4.71 7.29 1.76
CA ARG C 347 -5.43 6.81 2.96
C ARG C 347 -6.39 5.63 2.64
N LEU C 348 -7.06 5.75 1.53
CA LEU C 348 -8.22 4.90 1.19
C LEU C 348 -8.06 4.03 -0.03
N GLY C 349 -7.14 4.38 -0.92
CA GLY C 349 -6.97 3.67 -2.16
C GLY C 349 -7.34 4.51 -3.35
N ALA C 350 -6.71 4.18 -4.50
CA ALA C 350 -6.99 4.92 -5.73
C ALA C 350 -8.49 4.95 -6.08
N ASN C 351 -9.20 3.85 -5.80
CA ASN C 351 -10.64 3.74 -5.98
C ASN C 351 -11.55 4.17 -4.84
N TYR C 352 -11.08 5.10 -4.00
CA TYR C 352 -11.84 5.52 -2.85
C TYR C 352 -13.18 6.11 -3.16
N MET C 353 -13.34 6.68 -4.37
CA MET C 353 -14.65 7.19 -4.77
C MET C 353 -15.74 6.12 -5.04
N ARG C 354 -15.39 4.85 -5.02
CA ARG C 354 -16.34 3.76 -5.16
C ARG C 354 -16.82 3.26 -3.81
N ILE C 355 -16.22 3.75 -2.73
CA ILE C 355 -16.61 3.32 -1.40
C ILE C 355 -18.03 3.91 -1.18
N PRO C 356 -18.98 3.10 -0.71
CA PRO C 356 -20.41 3.58 -0.78
C PRO C 356 -20.70 5.01 -0.28
N VAL C 357 -20.17 5.39 0.89
CA VAL C 357 -20.43 6.70 1.44
C VAL C 357 -19.90 7.80 0.52
N ASN C 358 -18.86 7.50 -0.25
CA ASN C 358 -18.30 8.47 -1.17
C ASN C 358 -18.94 8.54 -2.55
N CYS C 359 -19.74 7.55 -2.89
CA CYS C 359 -20.32 7.47 -4.21
C CYS C 359 -21.32 8.63 -4.43
N PRO C 360 -21.36 9.17 -5.64
CA PRO C 360 -22.45 10.09 -5.97
C PRO C 360 -23.74 9.41 -6.25
N TYR C 361 -24.82 10.15 -6.11
CA TYR C 361 -26.14 9.70 -6.53
C TYR C 361 -26.27 9.89 -8.05
N ALA C 362 -25.64 10.95 -8.56
CA ALA C 362 -25.61 11.24 -9.98
C ALA C 362 -24.74 10.20 -10.71
N PRO C 363 -25.05 9.95 -11.98
CA PRO C 363 -24.37 8.90 -12.72
C PRO C 363 -22.90 9.24 -12.88
N VAL C 364 -22.05 8.23 -12.87
CA VAL C 364 -20.62 8.41 -13.16
C VAL C 364 -20.30 7.59 -14.43
N HIS C 365 -19.72 8.26 -15.44
CA HIS C 365 -19.28 7.58 -16.66
C HIS C 365 -18.01 8.29 -17.11
N ASN C 366 -16.93 7.56 -17.19
CA ASN C 366 -15.72 8.10 -17.70
C ASN C 366 -14.79 7.01 -18.09
N ASN C 367 -13.62 7.40 -18.55
CA ASN C 367 -12.66 6.51 -19.18
C ASN C 367 -11.50 6.11 -18.25
N GLN C 368 -11.66 6.43 -16.96
CA GLN C 368 -10.68 5.94 -15.93
C GLN C 368 -10.84 4.46 -15.82
N GLN C 369 -9.76 3.81 -15.42
CA GLN C 369 -9.83 2.32 -15.22
C GLN C 369 -8.86 1.82 -14.19
N ASP C 370 -9.11 0.59 -13.75
CA ASP C 370 -8.17 -0.26 -13.03
C ASP C 370 -7.84 0.36 -11.64
N GLY C 371 -6.63 0.17 -11.15
CA GLY C 371 -6.31 0.51 -9.77
C GLY C 371 -6.69 -0.53 -8.75
N PHE C 372 -6.06 -0.49 -7.58
N PHE C 372 -6.05 -0.45 -7.58
CA PHE C 372 -6.25 -1.50 -6.52
CA PHE C 372 -6.22 -1.34 -6.40
C PHE C 372 -7.72 -1.63 -6.18
C PHE C 372 -7.70 -1.60 -6.13
N MET C 373 -8.14 -2.86 -6.00
CA MET C 373 -9.51 -3.19 -5.59
C MET C 373 -10.53 -2.60 -6.55
N THR C 374 -10.42 -3.02 -7.80
CA THR C 374 -11.47 -2.80 -8.77
C THR C 374 -12.63 -3.78 -8.56
N THR C 375 -13.76 -3.27 -8.04
CA THR C 375 -14.89 -4.13 -7.65
C THR C 375 -16.13 -3.88 -8.53
N THR C 376 -16.05 -2.98 -9.51
CA THR C 376 -17.23 -2.44 -10.17
C THR C 376 -17.73 -3.14 -11.47
N ARG C 377 -17.16 -4.28 -11.80
CA ARG C 377 -17.51 -5.00 -13.06
C ARG C 377 -17.47 -4.19 -14.35
N PRO C 378 -16.32 -3.63 -14.66
CA PRO C 378 -16.17 -2.87 -15.89
C PRO C 378 -16.30 -3.75 -17.13
N SER C 379 -16.62 -3.17 -18.27
CA SER C 379 -16.78 -3.86 -19.52
C SER C 379 -16.57 -2.85 -20.65
N GLY C 380 -16.44 -3.36 -21.87
CA GLY C 380 -16.34 -2.48 -23.04
C GLY C 380 -14.89 -2.34 -23.50
N HIS C 381 -14.77 -1.98 -24.78
CA HIS C 381 -13.45 -1.88 -25.46
C HIS C 381 -12.91 -0.47 -25.41
N ILE C 382 -13.79 0.51 -25.11
CA ILE C 382 -13.50 1.91 -25.42
C ILE C 382 -13.29 2.66 -24.09
N ASN C 383 -12.03 2.99 -23.84
CA ASN C 383 -11.59 3.65 -22.63
C ASN C 383 -10.81 4.93 -22.93
N TYR C 384 -11.11 5.48 -24.10
CA TYR C 384 -10.43 6.70 -24.58
C TYR C 384 -11.42 7.62 -25.30
N GLU C 385 -11.09 8.88 -25.29
CA GLU C 385 -11.91 9.90 -26.02
C GLU C 385 -10.96 11.00 -26.49
N PRO C 386 -11.12 11.49 -27.72
CA PRO C 386 -12.18 11.22 -28.68
C PRO C 386 -12.18 9.88 -29.30
N ASN C 387 -13.37 9.46 -29.66
CA ASN C 387 -13.59 8.17 -30.28
C ASN C 387 -14.75 8.32 -31.24
N ARG C 388 -14.91 7.32 -32.08
CA ARG C 388 -15.87 7.38 -33.18
C ARG C 388 -17.30 7.04 -32.77
N TYR C 389 -17.56 6.74 -31.51
CA TYR C 389 -18.80 6.09 -31.04
C TYR C 389 -19.75 7.08 -30.36
N ASP C 390 -20.88 7.30 -30.99
CA ASP C 390 -21.75 8.37 -30.54
C ASP C 390 -22.38 8.10 -29.17
N ASP C 391 -22.47 6.84 -28.80
CA ASP C 391 -23.08 6.39 -27.55
C ASP C 391 -22.12 6.40 -26.35
N GLN C 392 -20.81 6.56 -26.59
CA GLN C 392 -19.84 6.57 -25.49
C GLN C 392 -19.96 7.93 -24.83
N PRO C 393 -19.56 8.02 -23.57
CA PRO C 393 -19.66 9.36 -22.94
C PRO C 393 -18.89 10.48 -23.61
N LYS C 394 -19.52 11.68 -23.71
CA LYS C 394 -18.89 12.86 -24.28
C LYS C 394 -18.96 14.04 -23.33
N GLU C 395 -18.05 14.98 -23.53
CA GLU C 395 -18.12 16.27 -22.84
C GLU C 395 -19.43 16.97 -23.14
N ASN C 396 -19.83 17.81 -22.21
CA ASN C 396 -21.05 18.55 -22.29
C ASN C 396 -20.81 20.04 -22.03
N PRO C 397 -20.75 20.84 -23.09
CA PRO C 397 -20.37 22.25 -22.90
C PRO C 397 -21.34 23.08 -22.05
N HIS C 398 -22.57 22.61 -21.83
CA HIS C 398 -23.46 23.31 -20.90
C HIS C 398 -22.85 23.42 -19.50
N TYR C 399 -21.88 22.54 -19.20
CA TYR C 399 -21.35 22.46 -17.87
C TYR C 399 -19.92 23.02 -17.76
N LYS C 400 -19.55 23.96 -18.61
CA LYS C 400 -18.26 24.65 -18.43
C LYS C 400 -18.29 25.54 -17.17
N GLU C 401 -17.16 25.68 -16.51
CA GLU C 401 -17.04 26.63 -15.40
C GLU C 401 -16.84 28.05 -15.96
N SER C 402 -16.97 29.03 -15.06
CA SER C 402 -16.69 30.42 -15.36
C SER C 402 -15.18 30.60 -15.68
N GLU C 403 -14.84 31.79 -16.16
CA GLU C 403 -13.47 32.19 -16.52
C GLU C 403 -13.05 33.40 -15.72
N PRO C 404 -12.67 33.21 -14.46
CA PRO C 404 -12.33 34.34 -13.62
C PRO C 404 -11.29 35.24 -14.23
N VAL C 405 -11.48 36.55 -14.08
CA VAL C 405 -10.51 37.49 -14.56
C VAL C 405 -9.27 37.47 -13.65
N LEU C 406 -8.11 37.48 -14.27
CA LEU C 406 -6.84 37.54 -13.56
C LEU C 406 -6.42 39.01 -13.55
N HIS C 407 -6.10 39.52 -12.38
CA HIS C 407 -5.59 40.87 -12.25
C HIS C 407 -4.06 40.90 -12.30
N GLY C 408 -3.42 39.79 -12.00
CA GLY C 408 -1.97 39.70 -12.07
C GLY C 408 -1.38 39.50 -13.47
N ASP C 409 -0.16 40.00 -13.61
CA ASP C 409 0.66 40.10 -14.80
C ASP C 409 1.61 38.93 -14.95
N ARG C 410 2.01 38.35 -13.83
CA ARG C 410 3.19 37.51 -13.73
C ARG C 410 2.90 36.33 -12.75
N MET C 411 3.66 35.25 -12.92
CA MET C 411 3.71 34.17 -11.94
C MET C 411 4.60 34.62 -10.80
N VAL C 412 4.03 34.82 -9.62
CA VAL C 412 4.75 35.34 -8.49
C VAL C 412 4.58 34.50 -7.22
N ARG C 413 5.53 34.60 -6.31
CA ARG C 413 5.37 34.24 -4.94
C ARG C 413 5.44 35.40 -4.04
N GLN C 414 4.25 35.88 -3.65
CA GLN C 414 4.17 37.15 -2.98
C GLN C 414 2.96 37.21 -2.09
N LYS C 415 3.11 37.77 -0.87
CA LYS C 415 1.99 37.90 0.02
C LYS C 415 0.92 38.78 -0.58
N ILE C 416 -0.33 38.49 -0.29
CA ILE C 416 -1.38 39.41 -0.68
C ILE C 416 -1.12 40.82 -0.16
N GLU C 417 -1.66 41.75 -0.90
CA GLU C 417 -1.79 43.14 -0.40
C GLU C 417 -2.87 43.26 0.65
N LYS C 418 -2.83 44.37 1.40
CA LYS C 418 -3.70 44.60 2.56
C LYS C 418 -3.83 43.36 3.55
N PRO C 419 -2.72 42.87 4.01
CA PRO C 419 -2.84 41.73 4.98
C PRO C 419 -3.59 42.13 6.25
N ASN C 420 -3.43 43.38 6.69
CA ASN C 420 -4.15 43.86 7.86
C ASN C 420 -4.31 42.86 9.02
N ASP C 421 -3.18 42.43 9.58
CA ASP C 421 -3.15 41.25 10.47
C ASP C 421 -3.89 41.48 11.81
N PHE C 422 -4.06 42.76 12.26
CA PHE C 422 -4.48 43.02 13.63
C PHE C 422 -5.85 43.56 13.83
N LYS C 423 -6.41 44.19 12.79
CA LYS C 423 -7.61 45.01 12.97
C LYS C 423 -8.84 44.21 13.36
N GLN C 424 -9.15 43.12 12.63
CA GLN C 424 -10.29 42.34 13.02
C GLN C 424 -10.15 41.65 14.38
N ALA C 425 -8.94 41.23 14.73
CA ALA C 425 -8.72 40.62 16.05
C ALA C 425 -9.11 41.61 17.14
N GLY C 426 -8.75 42.87 16.95
CA GLY C 426 -9.21 43.93 17.84
C GLY C 426 -10.71 44.16 17.84
N GLU C 427 -11.33 44.12 16.67
CA GLU C 427 -12.77 44.22 16.60
C GLU C 427 -13.46 43.06 17.30
N LYS C 428 -12.93 41.87 17.11
CA LYS C 428 -13.51 40.69 17.79
C LYS C 428 -13.38 40.87 19.29
N TYR C 429 -12.21 41.26 19.74
CA TYR C 429 -11.97 41.44 21.16
C TYR C 429 -12.97 42.43 21.76
N ARG C 430 -13.12 43.58 21.10
CA ARG C 430 -14.08 44.59 21.60
C ARG C 430 -15.53 44.13 21.54
N SER C 431 -15.88 43.19 20.64
CA SER C 431 -17.23 42.63 20.56
C SER C 431 -17.59 41.66 21.73
N TYR C 432 -16.57 41.16 22.44
CA TYR C 432 -16.76 40.28 23.61
C TYR C 432 -17.36 41.04 24.81
N SER C 433 -18.29 40.38 25.50
CA SER C 433 -18.74 40.82 26.81
C SER C 433 -17.60 40.80 27.79
N GLU C 434 -17.76 41.43 28.92
CA GLU C 434 -16.68 41.46 29.89
C GLU C 434 -16.36 40.04 30.39
N GLU C 435 -17.39 39.19 30.56
CA GLU C 435 -17.17 37.81 31.01
C GLU C 435 -16.37 37.09 29.94
N GLU C 436 -16.71 37.33 28.67
CA GLU C 436 -16.03 36.69 27.57
C GLU C 436 -14.56 37.15 27.42
N LYS C 437 -14.32 38.46 27.58
CA LYS C 437 -12.93 38.95 27.69
C LYS C 437 -12.15 38.33 28.83
N GLN C 438 -12.76 38.23 30.00
CA GLN C 438 -12.09 37.52 31.11
C GLN C 438 -11.72 36.08 30.79
N ALA C 439 -12.61 35.38 30.16
CA ALA C 439 -12.34 33.99 29.81
C ALA C 439 -11.18 33.90 28.80
N LEU C 440 -11.20 34.78 27.82
CA LEU C 440 -10.16 34.81 26.79
C LEU C 440 -8.82 34.99 27.47
N ILE C 441 -8.72 35.98 28.37
CA ILE C 441 -7.44 36.27 28.96
C ILE C 441 -7.01 35.09 29.82
N LYS C 442 -7.96 34.56 30.55
CA LYS C 442 -7.68 33.41 31.42
C LYS C 442 -7.11 32.22 30.62
N ASN C 443 -7.79 31.91 29.52
CA ASN C 443 -7.38 30.72 28.71
C ASN C 443 -6.04 30.97 28.01
N LEU C 444 -5.82 32.24 27.53
CA LEU C 444 -4.52 32.61 26.95
C LEU C 444 -3.40 32.53 27.97
N THR C 445 -3.68 32.99 29.18
CA THR C 445 -2.67 33.05 30.20
C THR C 445 -2.24 31.62 30.60
N ALA C 446 -3.19 30.72 30.68
CA ALA C 446 -2.86 29.33 31.11
C ALA C 446 -1.99 28.67 30.03
N ASP C 447 -2.26 29.06 28.79
CA ASP C 447 -1.51 28.51 27.64
C ASP C 447 -0.13 29.06 27.50
N LEU C 448 0.06 30.37 27.80
CA LEU C 448 1.31 31.02 27.54
C LEU C 448 2.26 31.05 28.74
N LYS C 449 1.74 30.83 29.92
CA LYS C 449 2.54 31.08 31.12
C LYS C 449 3.90 30.30 31.16
N GLY C 450 3.94 29.10 30.57
CA GLY C 450 5.16 28.31 30.50
C GLY C 450 6.03 28.42 29.24
N VAL C 451 5.66 29.26 28.28
CA VAL C 451 6.34 29.41 27.01
C VAL C 451 7.57 30.31 27.17
N ASN C 452 8.54 30.12 26.29
CA ASN C 452 9.76 30.91 26.20
C ASN C 452 9.45 32.40 26.37
N GLU C 453 10.19 33.10 27.20
CA GLU C 453 9.89 34.53 27.43
C GLU C 453 9.83 35.40 26.19
N LYS C 454 10.75 35.21 25.24
CA LYS C 454 10.72 36.05 24.03
C LYS C 454 9.42 35.79 23.20
N THR C 455 9.05 34.52 23.08
CA THR C 455 7.81 34.17 22.37
C THR C 455 6.59 34.69 23.10
N LYS C 456 6.60 34.55 24.42
CA LYS C 456 5.53 35.12 25.26
C LYS C 456 5.34 36.66 25.03
N LEU C 457 6.44 37.41 25.01
CA LEU C 457 6.37 38.82 24.75
C LEU C 457 5.84 39.14 23.36
N LEU C 458 6.26 38.37 22.38
CA LEU C 458 5.80 38.60 21.02
C LEU C 458 4.30 38.34 20.93
N ALA C 459 3.81 37.32 21.62
CA ALA C 459 2.38 37.05 21.70
C ALA C 459 1.64 38.26 22.26
N ILE C 460 2.17 38.79 23.38
CA ILE C 460 1.53 39.96 24.04
C ILE C 460 1.52 41.11 23.02
N CYS C 461 2.64 41.35 22.36
CA CYS C 461 2.73 42.46 21.40
C CYS C 461 1.73 42.31 20.27
N ASN C 462 1.53 41.07 19.78
CA ASN C 462 0.64 40.91 18.65
C ASN C 462 -0.79 41.21 19.14
N PHE C 463 -1.13 40.78 20.33
CA PHE C 463 -2.48 41.06 20.88
C PHE C 463 -2.62 42.54 21.20
N TYR C 464 -1.53 43.14 21.66
CA TYR C 464 -1.52 44.63 21.89
C TYR C 464 -1.79 45.45 20.65
N ARG C 465 -1.25 44.99 19.54
CA ARG C 465 -1.51 45.61 18.23
C ARG C 465 -2.94 45.45 17.78
N ALA C 466 -3.55 44.32 18.14
CA ALA C 466 -4.98 44.09 17.97
C ALA C 466 -5.80 45.10 18.77
N ASP C 467 -5.53 45.19 20.07
CA ASP C 467 -6.21 46.15 20.92
C ASP C 467 -5.36 46.38 22.18
N GLU C 468 -5.16 47.63 22.51
CA GLU C 468 -4.29 47.94 23.66
C GLU C 468 -4.75 47.36 24.95
N ASP C 469 -6.07 47.34 25.20
CA ASP C 469 -6.61 46.85 26.44
C ASP C 469 -6.42 45.31 26.48
N TYR C 470 -6.62 44.69 25.32
CA TYR C 470 -6.37 43.22 25.15
C TYR C 470 -4.97 42.86 25.55
N GLY C 471 -4.00 43.47 24.89
CA GLY C 471 -2.62 43.17 25.15
C GLY C 471 -2.23 43.53 26.58
N GLN C 472 -2.67 44.71 27.06
CA GLN C 472 -2.33 45.09 28.44
C GLN C 472 -2.88 44.09 29.46
N ARG C 473 -4.11 43.66 29.27
CA ARG C 473 -4.73 42.70 30.22
C ARG C 473 -4.01 41.37 30.22
N LEU C 474 -3.56 40.94 29.03
CA LEU C 474 -2.82 39.68 28.94
C LEU C 474 -1.46 39.84 29.65
N ALA C 475 -0.80 40.96 29.42
CA ALA C 475 0.50 41.22 30.01
C ALA C 475 0.38 41.23 31.53
N ASP C 476 -0.70 41.88 32.04
CA ASP C 476 -0.97 41.90 33.50
C ASP C 476 -1.17 40.54 34.05
N SER C 477 -1.96 39.74 33.35
CA SER C 477 -2.31 38.42 33.82
C SER C 477 -1.07 37.50 33.79
N LEU C 478 -0.16 37.74 32.83
CA LEU C 478 1.11 37.00 32.75
C LEU C 478 2.26 37.56 33.58
N GLY C 479 2.05 38.74 34.19
CA GLY C 479 3.07 39.33 35.07
C GLY C 479 4.16 39.97 34.27
N VAL C 480 3.88 40.42 33.04
CA VAL C 480 4.90 40.92 32.14
C VAL C 480 4.73 42.44 32.10
N ASP C 481 5.76 43.17 32.43
CA ASP C 481 5.73 44.64 32.36
C ASP C 481 6.10 45.10 30.95
N ILE C 482 5.15 45.71 30.26
CA ILE C 482 5.39 46.16 28.87
C ILE C 482 5.44 47.68 28.77
N ARG C 483 5.52 48.39 29.89
CA ARG C 483 5.74 49.85 29.88
C ARG C 483 6.93 50.30 29.05
N SER C 484 8.06 49.63 29.16
CA SER C 484 9.24 50.05 28.39
C SER C 484 9.03 49.97 26.84
N TYR C 485 8.00 49.25 26.38
CA TYR C 485 7.49 49.32 24.98
C TYR C 485 6.03 49.77 24.94
N HIS D 6 33.74 -16.93 4.07
CA HIS D 6 32.54 -17.77 4.39
C HIS D 6 31.59 -17.05 5.36
N LYS D 7 30.30 -17.10 5.06
CA LYS D 7 29.24 -16.33 5.80
C LYS D 7 28.11 -17.28 6.14
N ASN D 8 27.44 -17.05 7.29
CA ASN D 8 26.20 -17.77 7.59
C ASN D 8 25.05 -17.19 6.82
N LEU D 9 24.23 -18.06 6.25
CA LEU D 9 22.84 -17.68 5.92
C LEU D 9 22.08 -17.38 7.21
N THR D 10 21.37 -16.26 7.26
CA THR D 10 20.65 -15.88 8.49
C THR D 10 19.22 -15.52 8.19
N THR D 11 18.42 -15.46 9.23
CA THR D 11 17.11 -14.85 9.07
C THR D 11 17.31 -13.32 9.02
N ASN D 12 16.22 -12.59 8.86
CA ASN D 12 16.31 -11.14 8.91
C ASN D 12 16.49 -10.62 10.33
N GLN D 13 16.29 -11.50 11.31
CA GLN D 13 16.59 -11.20 12.73
C GLN D 13 18.06 -11.39 13.04
N GLY D 14 18.86 -11.90 12.10
CA GLY D 14 20.30 -12.12 12.32
C GLY D 14 20.60 -13.46 12.98
N VAL D 15 19.61 -14.34 13.02
CA VAL D 15 19.81 -15.72 13.56
C VAL D 15 20.34 -16.60 12.44
N PRO D 16 21.51 -17.23 12.66
CA PRO D 16 21.96 -18.18 11.63
C PRO D 16 20.98 -19.29 11.39
N VAL D 17 20.81 -19.63 10.09
CA VAL D 17 19.92 -20.70 9.70
C VAL D 17 20.59 -22.10 9.79
N GLY D 18 19.99 -23.02 10.55
CA GLY D 18 20.51 -24.37 10.69
C GLY D 18 20.30 -25.25 9.48
N ASP D 19 19.25 -24.96 8.71
CA ASP D 19 18.78 -25.85 7.65
C ASP D 19 17.98 -25.01 6.68
N ASN D 20 18.56 -24.78 5.51
CA ASN D 20 17.87 -24.06 4.46
C ASN D 20 17.26 -24.99 3.41
N GLN D 21 17.20 -26.29 3.68
CA GLN D 21 16.63 -27.26 2.76
C GLN D 21 15.24 -27.79 3.16
N ASN D 22 15.01 -28.05 4.45
CA ASN D 22 13.82 -28.75 4.89
C ASN D 22 12.94 -27.88 5.71
N SER D 23 11.67 -27.90 5.36
CA SER D 23 10.59 -27.38 6.22
C SER D 23 10.51 -28.16 7.53
N ARG D 24 9.90 -27.57 8.57
CA ARG D 24 9.72 -28.29 9.84
C ARG D 24 8.39 -29.05 9.85
N THR D 25 8.45 -30.36 10.10
CA THR D 25 7.35 -31.21 9.81
C THR D 25 7.19 -32.29 10.87
N ALA D 26 6.03 -32.90 10.90
CA ALA D 26 5.75 -34.00 11.83
C ALA D 26 6.39 -35.30 11.34
N GLY D 27 7.63 -35.52 11.75
CA GLY D 27 8.48 -36.53 11.17
C GLY D 27 8.91 -36.20 9.74
N HIS D 28 9.63 -37.12 9.14
CA HIS D 28 10.24 -36.85 7.88
C HIS D 28 9.24 -36.72 6.72
N ARG D 29 8.03 -37.23 6.85
CA ARG D 29 7.08 -37.14 5.75
C ARG D 29 5.74 -36.51 6.12
N GLY D 30 5.68 -35.87 7.26
CA GLY D 30 4.35 -35.49 7.80
C GLY D 30 4.10 -34.07 7.35
N PRO D 31 2.96 -33.54 7.76
CA PRO D 31 2.60 -32.17 7.40
C PRO D 31 3.46 -31.16 8.15
N SER D 32 3.35 -29.91 7.73
CA SER D 32 4.23 -28.83 8.16
C SER D 32 3.68 -28.05 9.36
N PHE D 33 4.58 -27.61 10.20
CA PHE D 33 4.27 -26.89 11.37
C PHE D 33 4.27 -25.37 11.10
N LEU D 34 3.38 -24.70 11.81
CA LEU D 34 3.34 -23.22 11.78
C LEU D 34 4.62 -22.61 12.39
N ASP D 35 5.18 -23.23 13.44
CA ASP D 35 6.39 -22.73 14.07
C ASP D 35 7.64 -23.04 13.24
N ASP D 36 7.73 -22.35 12.11
CA ASP D 36 8.91 -22.44 11.24
C ASP D 36 9.18 -20.99 10.72
N TYR D 37 9.81 -20.17 11.57
CA TYR D 37 9.92 -18.76 11.28
C TYR D 37 10.73 -18.56 10.03
N HIS D 38 11.80 -19.34 9.83
CA HIS D 38 12.61 -19.20 8.61
C HIS D 38 11.80 -19.48 7.34
N LEU D 39 10.96 -20.51 7.34
CA LEU D 39 10.11 -20.80 6.18
C LEU D 39 9.17 -19.55 5.89
N ILE D 40 8.46 -19.13 6.96
CA ILE D 40 7.43 -18.18 6.80
C ILE D 40 8.05 -16.83 6.45
N GLU D 41 9.16 -16.46 7.07
CA GLU D 41 9.77 -15.20 6.76
C GLU D 41 10.25 -15.19 5.27
N LYS D 42 10.87 -16.27 4.83
CA LYS D 42 11.44 -16.38 3.51
C LYS D 42 10.38 -16.44 2.43
N LEU D 43 9.29 -17.17 2.67
CA LEU D 43 8.16 -17.20 1.71
C LEU D 43 7.43 -15.80 1.69
N ALA D 44 7.24 -15.23 2.87
CA ALA D 44 6.50 -13.96 2.97
C ALA D 44 7.24 -12.85 2.31
N HIS D 45 8.56 -12.85 2.42
CA HIS D 45 9.31 -11.80 1.66
C HIS D 45 9.33 -12.05 0.16
N PHE D 46 9.51 -13.29 -0.26
CA PHE D 46 9.30 -13.69 -1.65
C PHE D 46 7.94 -13.30 -2.19
N ASP D 47 6.91 -13.45 -1.38
CA ASP D 47 5.52 -13.12 -1.72
C ASP D 47 5.29 -11.61 -1.92
N ARG D 48 6.24 -10.83 -1.45
CA ARG D 48 6.15 -9.35 -1.52
C ARG D 48 7.23 -8.69 -2.41
N GLU D 49 7.95 -9.45 -3.24
CA GLU D 49 9.05 -8.89 -4.03
C GLU D 49 8.60 -7.83 -5.02
N ARG D 50 7.45 -8.01 -5.62
CA ARG D 50 7.01 -7.18 -6.72
C ARG D 50 6.35 -5.93 -6.25
N ILE D 51 6.64 -4.84 -6.99
CA ILE D 51 5.94 -3.56 -6.92
C ILE D 51 5.26 -3.29 -8.23
N PRO D 52 4.36 -2.29 -8.29
CA PRO D 52 3.76 -1.93 -9.62
C PRO D 52 4.81 -1.51 -10.60
N GLU D 53 4.66 -1.93 -11.86
CA GLU D 53 5.51 -1.39 -12.96
C GLU D 53 5.06 0.01 -13.29
N ARG D 54 5.94 0.69 -13.95
CA ARG D 54 5.60 2.02 -14.47
C ARG D 54 4.36 1.96 -15.36
N VAL D 55 3.46 2.97 -15.26
CA VAL D 55 2.26 2.95 -16.03
C VAL D 55 2.50 3.02 -17.53
N VAL D 56 3.57 3.75 -17.95
CA VAL D 56 4.12 3.72 -19.29
C VAL D 56 5.66 3.59 -19.13
N HIS D 57 6.32 3.16 -20.18
CA HIS D 57 7.79 2.98 -20.17
C HIS D 57 8.22 1.90 -19.12
N ALA D 58 7.40 0.88 -19.03
CA ALA D 58 7.62 -0.20 -18.06
C ALA D 58 8.87 -1.02 -18.39
N ARG D 59 9.14 -1.24 -19.66
CA ARG D 59 10.32 -1.99 -20.14
C ARG D 59 11.47 -1.05 -20.34
N GLY D 60 12.58 -1.30 -19.64
CA GLY D 60 13.74 -0.44 -19.79
C GLY D 60 14.98 -0.93 -19.14
N ALA D 61 16.05 -0.13 -19.32
CA ALA D 61 17.40 -0.55 -18.88
C ALA D 61 18.16 0.68 -18.47
N GLY D 62 19.01 0.51 -17.47
CA GLY D 62 19.70 1.63 -16.82
C GLY D 62 21.21 1.56 -16.88
N ALA D 63 21.85 2.72 -16.79
CA ALA D 63 23.29 2.78 -16.62
C ALA D 63 23.73 4.11 -16.04
N TYR D 64 24.89 4.10 -15.39
CA TYR D 64 25.48 5.33 -14.87
C TYR D 64 26.58 5.81 -15.75
N GLY D 65 26.87 7.09 -15.62
CA GLY D 65 27.99 7.65 -16.34
C GLY D 65 28.29 9.07 -15.89
N VAL D 66 28.89 9.82 -16.82
CA VAL D 66 29.39 11.15 -16.49
C VAL D 66 29.02 12.09 -17.63
N PHE D 67 28.66 13.31 -17.28
CA PHE D 67 28.43 14.40 -18.26
C PHE D 67 29.49 15.46 -18.05
N GLU D 68 30.17 15.80 -19.13
CA GLU D 68 31.27 16.80 -19.07
C GLU D 68 30.99 17.98 -19.99
N VAL D 69 31.08 19.18 -19.41
CA VAL D 69 30.82 20.43 -20.13
C VAL D 69 31.99 20.71 -21.09
N GLU D 70 31.66 20.97 -22.35
CA GLU D 70 32.66 21.52 -23.34
C GLU D 70 32.59 23.03 -23.49
N ASN D 71 31.37 23.57 -23.55
CA ASN D 71 31.14 25.02 -23.67
C ASN D 71 30.23 25.46 -22.53
N SER D 72 30.76 26.27 -21.63
CA SER D 72 29.94 26.75 -20.54
CA SER D 72 29.99 26.83 -20.54
C SER D 72 28.75 27.55 -21.07
N MET D 73 27.61 27.43 -20.37
CA MET D 73 26.39 28.01 -20.79
C MET D 73 25.96 29.18 -19.91
N GLU D 74 26.86 29.74 -19.11
CA GLU D 74 26.51 30.79 -18.19
C GLU D 74 25.92 32.07 -18.78
N LYS D 75 26.22 32.35 -20.04
CA LYS D 75 25.60 33.54 -20.65
C LYS D 75 24.09 33.34 -20.75
N HIS D 76 23.61 32.06 -20.72
CA HIS D 76 22.22 31.78 -21.04
C HIS D 76 21.47 31.17 -19.88
N THR D 77 22.19 30.47 -18.99
CA THR D 77 21.58 29.84 -17.82
C THR D 77 22.55 29.84 -16.65
N ARG D 78 21.99 30.11 -15.47
CA ARG D 78 22.77 30.06 -14.22
C ARG D 78 22.95 28.60 -13.71
N ALA D 79 22.45 27.62 -14.45
CA ALA D 79 22.57 26.24 -13.99
C ALA D 79 24.00 25.91 -13.60
N ALA D 80 24.16 25.40 -12.37
CA ALA D 80 25.49 25.18 -11.81
C ALA D 80 26.26 24.15 -12.63
N PHE D 81 25.61 23.07 -13.03
CA PHE D 81 26.32 21.98 -13.66
C PHE D 81 26.81 22.37 -15.05
N LEU D 82 26.33 23.49 -15.59
CA LEU D 82 26.75 23.92 -16.94
C LEU D 82 27.69 25.16 -16.87
N SER D 83 28.22 25.47 -15.68
CA SER D 83 28.81 26.81 -15.45
C SER D 83 30.24 26.96 -15.99
N GLU D 84 30.96 25.86 -16.14
CA GLU D 84 32.39 25.91 -16.48
C GLU D 84 32.77 24.78 -17.41
N GLU D 85 33.68 25.11 -18.34
CA GLU D 85 34.35 24.11 -19.18
C GLU D 85 35.01 23.04 -18.36
N GLY D 86 34.77 21.78 -18.71
CA GLY D 86 35.39 20.63 -18.03
C GLY D 86 34.65 20.14 -16.79
N LYS D 87 33.63 20.87 -16.37
CA LYS D 87 32.86 20.45 -15.18
C LYS D 87 32.15 19.13 -15.45
N GLN D 88 32.36 18.18 -14.56
CA GLN D 88 31.80 16.83 -14.69
C GLN D 88 30.70 16.63 -13.66
N THR D 89 29.59 16.03 -14.10
CA THR D 89 28.43 15.74 -13.23
C THR D 89 28.09 14.25 -13.48
N ASP D 90 27.93 13.47 -12.40
CA ASP D 90 27.49 12.08 -12.49
C ASP D 90 26.04 12.03 -12.97
N VAL D 91 25.75 11.08 -13.83
CA VAL D 91 24.41 10.84 -14.30
C VAL D 91 23.97 9.40 -14.01
N PHE D 92 22.66 9.26 -13.92
CA PHE D 92 22.00 7.94 -14.10
C PHE D 92 21.02 8.06 -15.24
N VAL D 93 21.00 7.09 -16.17
CA VAL D 93 20.12 7.12 -17.36
C VAL D 93 19.34 5.85 -17.49
N ARG D 94 18.05 5.99 -17.79
CA ARG D 94 17.24 4.86 -18.12
C ARG D 94 16.71 5.06 -19.50
N PHE D 95 16.83 4.00 -20.29
CA PHE D 95 16.22 3.90 -21.59
C PHE D 95 15.03 2.92 -21.53
N SER D 96 14.10 3.04 -22.46
CA SER D 96 12.86 2.32 -22.36
C SER D 96 12.10 2.30 -23.65
N THR D 97 11.22 1.33 -23.77
CA THR D 97 10.08 1.45 -24.68
C THR D 97 8.91 2.13 -23.95
N VAL D 98 7.72 2.07 -24.52
CA VAL D 98 6.62 2.85 -23.96
C VAL D 98 5.41 2.11 -23.57
N ILE D 99 4.81 1.38 -24.51
CA ILE D 99 3.43 0.89 -24.32
C ILE D 99 3.30 -0.43 -23.59
N HIS D 100 4.08 -1.42 -23.94
CA HIS D 100 3.84 -2.77 -23.38
C HIS D 100 4.47 -2.95 -21.99
N PRO D 101 4.16 -4.07 -21.30
CA PRO D 101 4.61 -4.21 -19.92
C PRO D 101 6.06 -4.59 -19.80
N LYS D 102 6.51 -4.71 -18.58
N LYS D 102 6.52 -4.81 -18.58
CA LYS D 102 7.92 -4.96 -18.25
CA LYS D 102 7.80 -5.50 -18.38
C LYS D 102 8.65 -5.98 -19.06
C LYS D 102 7.74 -6.83 -19.04
N GLY D 103 8.00 -7.11 -19.41
N GLY D 103 8.91 -7.30 -19.45
CA GLY D 103 8.74 -8.24 -20.04
CA GLY D 103 9.04 -8.49 -20.21
C GLY D 103 8.62 -8.30 -21.55
C GLY D 103 8.66 -8.37 -21.64
N SER D 104 8.09 -7.23 -22.09
CA SER D 104 7.73 -7.13 -23.49
C SER D 104 8.96 -6.92 -24.40
N PRO D 105 8.84 -7.33 -25.65
CA PRO D 105 10.06 -7.25 -26.55
C PRO D 105 10.51 -5.82 -26.81
N GLU D 106 11.82 -5.66 -27.05
CA GLU D 106 12.39 -4.38 -27.40
C GLU D 106 12.49 -4.12 -28.95
N THR D 107 11.80 -4.97 -29.70
CA THR D 107 11.75 -4.89 -31.14
C THR D 107 10.46 -4.22 -31.64
N LEU D 108 9.60 -3.77 -30.73
CA LEU D 108 8.30 -3.27 -31.12
C LEU D 108 8.45 -1.82 -31.56
N ARG D 109 7.53 -1.33 -32.39
CA ARG D 109 7.44 0.05 -32.72
C ARG D 109 6.98 0.87 -31.51
N ASP D 110 7.68 1.96 -31.24
CA ASP D 110 7.37 2.80 -30.08
C ASP D 110 8.40 3.93 -30.07
N PRO D 111 8.03 5.13 -29.55
CA PRO D 111 9.11 6.02 -29.10
C PRO D 111 9.94 5.28 -28.06
N ARG D 112 11.17 5.73 -27.87
CA ARG D 112 12.05 5.20 -26.81
C ARG D 112 12.28 6.30 -25.82
N GLY D 113 12.16 5.95 -24.54
CA GLY D 113 12.51 6.83 -23.49
C GLY D 113 14.00 7.00 -23.32
N PHE D 114 14.36 8.20 -22.89
CA PHE D 114 15.76 8.61 -22.78
C PHE D 114 15.79 9.58 -21.58
N ALA D 115 15.86 9.04 -20.39
CA ALA D 115 15.69 9.79 -19.13
C ALA D 115 17.04 9.96 -18.38
N VAL D 116 17.46 11.20 -18.16
CA VAL D 116 18.80 11.50 -17.66
C VAL D 116 18.64 12.24 -16.34
N LYS D 117 19.20 11.67 -15.27
CA LYS D 117 19.27 12.31 -13.98
C LYS D 117 20.67 12.80 -13.75
N PHE D 118 20.80 14.10 -13.52
CA PHE D 118 22.15 14.74 -13.31
C PHE D 118 22.20 15.03 -11.79
N TYR D 119 23.23 14.53 -11.11
CA TYR D 119 23.42 14.76 -9.68
C TYR D 119 24.20 16.04 -9.40
N THR D 120 23.55 17.18 -9.57
CA THR D 120 24.29 18.46 -9.57
C THR D 120 24.50 18.99 -8.14
N GLU D 121 25.37 19.99 -8.02
CA GLU D 121 25.65 20.55 -6.69
C GLU D 121 24.51 21.44 -6.17
N GLU D 122 23.54 21.78 -7.01
CA GLU D 122 22.35 22.48 -6.58
C GLU D 122 21.09 21.65 -6.72
N GLY D 123 21.24 20.32 -6.71
CA GLY D 123 20.09 19.41 -6.65
C GLY D 123 20.06 18.49 -7.86
N ASN D 124 19.21 17.44 -7.84
CA ASN D 124 19.09 16.61 -8.98
C ASN D 124 18.28 17.32 -10.08
N TYR D 125 18.78 17.21 -11.32
CA TYR D 125 18.11 17.74 -12.51
C TYR D 125 17.76 16.57 -13.42
N ASP D 126 16.49 16.34 -13.64
CA ASP D 126 16.01 15.25 -14.51
C ASP D 126 15.59 15.84 -15.86
N LEU D 127 16.16 15.32 -16.94
CA LEU D 127 15.76 15.67 -18.31
C LEU D 127 15.13 14.42 -18.86
N VAL D 128 13.79 14.37 -18.83
CA VAL D 128 13.07 13.13 -19.14
C VAL D 128 12.66 13.18 -20.59
N GLY D 129 13.59 12.79 -21.47
CA GLY D 129 13.36 12.77 -22.90
C GLY D 129 12.91 11.48 -23.55
N ASN D 130 12.69 11.61 -24.86
CA ASN D 130 12.47 10.41 -25.72
C ASN D 130 13.50 10.51 -26.85
N ASN D 131 13.61 9.49 -27.68
CA ASN D 131 14.40 9.66 -28.90
C ASN D 131 13.80 10.69 -29.87
N LEU D 132 12.48 10.62 -30.12
CA LEU D 132 11.82 11.43 -31.11
C LEU D 132 11.58 12.80 -30.48
N PRO D 133 11.66 13.91 -31.27
CA PRO D 133 11.74 15.25 -30.72
C PRO D 133 10.38 15.98 -30.51
N ILE D 134 9.28 15.29 -30.84
CA ILE D 134 7.93 15.84 -30.74
CA ILE D 134 7.92 15.85 -30.73
C ILE D 134 7.01 14.80 -30.11
N PHE D 135 5.76 15.17 -29.90
CA PHE D 135 4.84 14.26 -29.29
C PHE D 135 3.52 14.25 -30.09
N PHE D 136 2.64 13.34 -29.73
CA PHE D 136 1.36 13.11 -30.38
C PHE D 136 0.32 14.19 -30.06
N ILE D 137 0.45 14.74 -28.83
CA ILE D 137 -0.60 15.57 -28.23
C ILE D 137 0.10 16.79 -27.62
N ARG D 138 -0.69 17.81 -27.30
CA ARG D 138 -0.13 19.06 -26.79
C ARG D 138 -0.74 19.48 -25.45
N ASP D 139 -1.61 18.70 -24.85
CA ASP D 139 -2.25 19.02 -23.59
C ASP D 139 -2.33 17.73 -22.74
N ALA D 140 -1.82 17.78 -21.51
CA ALA D 140 -1.76 16.54 -20.67
C ALA D 140 -3.12 15.96 -20.34
N LEU D 141 -4.19 16.77 -20.43
CA LEU D 141 -5.54 16.26 -20.20
C LEU D 141 -5.84 15.03 -21.13
N LYS D 142 -5.18 15.00 -22.29
CA LYS D 142 -5.43 13.92 -23.23
C LYS D 142 -4.56 12.70 -22.99
N PHE D 143 -3.59 12.78 -22.07
CA PHE D 143 -2.59 11.72 -21.99
C PHE D 143 -3.20 10.35 -21.63
N PRO D 144 -4.10 10.30 -20.63
CA PRO D 144 -4.69 8.97 -20.34
C PRO D 144 -5.50 8.40 -21.53
N ASP D 145 -6.12 9.27 -22.29
CA ASP D 145 -6.85 8.84 -23.51
C ASP D 145 -5.94 8.26 -24.57
N MET D 146 -4.87 8.98 -24.84
CA MET D 146 -3.90 8.60 -25.84
C MET D 146 -3.33 7.23 -25.45
N VAL D 147 -2.83 7.16 -24.23
CA VAL D 147 -2.24 5.95 -23.71
C VAL D 147 -3.24 4.79 -23.77
N HIS D 148 -4.47 5.00 -23.28
CA HIS D 148 -5.41 3.95 -23.30
C HIS D 148 -5.69 3.45 -24.73
N SER D 149 -5.67 4.35 -25.72
CA SER D 149 -5.90 3.92 -27.10
C SER D 149 -4.77 3.05 -27.61
N LEU D 150 -3.55 3.38 -27.22
CA LEU D 150 -2.35 2.68 -27.68
C LEU D 150 -2.15 1.34 -26.95
N LYS D 151 -2.49 1.32 -25.69
CA LYS D 151 -2.32 0.13 -24.85
C LYS D 151 -3.14 -1.03 -25.38
N PRO D 152 -2.74 -2.26 -24.95
CA PRO D 152 -3.59 -3.44 -25.23
C PRO D 152 -5.04 -3.17 -24.88
N ASP D 153 -5.92 -3.58 -25.76
CA ASP D 153 -7.38 -3.51 -25.55
C ASP D 153 -7.71 -4.07 -24.16
N PRO D 154 -8.61 -3.38 -23.41
CA PRO D 154 -8.86 -3.75 -22.03
C PRO D 154 -9.66 -5.02 -21.89
N VAL D 155 -10.20 -5.51 -23.01
CA VAL D 155 -10.84 -6.84 -23.03
C VAL D 155 -9.88 -7.93 -23.42
N THR D 156 -9.15 -7.73 -24.52
CA THR D 156 -8.40 -8.81 -25.14
C THR D 156 -6.95 -8.89 -24.71
N ASN D 157 -6.45 -7.82 -24.12
CA ASN D 157 -5.02 -7.71 -23.80
C ASN D 157 -4.13 -7.81 -24.98
N ILE D 158 -4.60 -7.36 -26.15
CA ILE D 158 -3.76 -7.22 -27.34
C ILE D 158 -3.93 -5.78 -27.91
N GLN D 159 -2.81 -5.18 -28.31
CA GLN D 159 -2.81 -3.87 -28.91
C GLN D 159 -3.62 -3.97 -30.21
N ASP D 160 -4.46 -2.97 -30.46
CA ASP D 160 -5.32 -2.96 -31.64
C ASP D 160 -5.15 -1.63 -32.39
N PRO D 161 -4.55 -1.67 -33.60
CA PRO D 161 -4.44 -0.42 -34.40
C PRO D 161 -5.75 0.29 -34.62
N ASP D 162 -6.87 -0.43 -34.65
CA ASP D 162 -8.15 0.24 -34.88
C ASP D 162 -8.48 1.19 -33.72
N ARG D 163 -7.98 0.89 -32.52
CA ARG D 163 -8.23 1.73 -31.38
C ARG D 163 -7.37 2.96 -31.37
N TYR D 164 -6.07 2.84 -31.56
CA TYR D 164 -5.22 4.03 -31.49
C TYR D 164 -5.32 4.88 -32.74
N TRP D 165 -5.60 4.28 -33.89
CA TRP D 165 -5.89 5.13 -35.04
C TRP D 165 -7.22 5.89 -34.93
N ASP D 166 -8.23 5.33 -34.25
CA ASP D 166 -9.43 6.07 -33.95
C ASP D 166 -9.10 7.34 -33.18
N PHE D 167 -8.40 7.18 -32.05
CA PHE D 167 -7.93 8.35 -31.33
C PHE D 167 -7.05 9.30 -32.12
N MET D 168 -6.02 8.77 -32.76
CA MET D 168 -5.04 9.64 -33.47
C MET D 168 -5.66 10.44 -34.65
N THR D 169 -6.55 9.79 -35.38
CA THR D 169 -7.18 10.46 -36.52
C THR D 169 -8.08 11.62 -36.07
N LEU D 170 -8.72 11.46 -34.92
CA LEU D 170 -9.58 12.45 -34.31
C LEU D 170 -8.81 13.51 -33.48
N THR D 171 -7.48 13.36 -33.49
CA THR D 171 -6.52 14.17 -32.77
C THR D 171 -5.43 14.61 -33.78
N PRO D 172 -5.83 15.40 -34.80
CA PRO D 172 -4.95 15.68 -35.96
C PRO D 172 -3.63 16.32 -35.58
N GLU D 173 -3.49 16.84 -34.37
CA GLU D 173 -2.14 17.36 -33.99
C GLU D 173 -1.11 16.25 -33.90
N SER D 174 -1.58 14.99 -33.94
CA SER D 174 -0.68 13.84 -33.93
C SER D 174 0.05 13.55 -35.23
N THR D 175 -0.33 14.23 -36.28
CA THR D 175 0.12 13.89 -37.61
C THR D 175 1.65 14.03 -37.76
N HIS D 176 2.26 15.12 -37.23
CA HIS D 176 3.72 15.22 -37.26
C HIS D 176 4.40 14.02 -36.56
N MET D 177 3.99 13.75 -35.33
CA MET D 177 4.57 12.59 -34.62
C MET D 177 4.47 11.28 -35.40
N LEU D 178 3.31 10.99 -35.97
CA LEU D 178 3.12 9.71 -36.67
C LEU D 178 4.01 9.62 -37.91
N THR D 179 4.30 10.77 -38.52
CA THR D 179 5.21 10.82 -39.64
C THR D 179 6.66 10.54 -39.28
N TRP D 180 7.05 10.79 -38.04
CA TRP D 180 8.31 10.27 -37.54
C TRP D 180 8.28 8.80 -37.11
N LEU D 181 7.24 8.44 -36.36
CA LEU D 181 7.15 7.10 -35.68
C LEU D 181 6.97 5.99 -36.66
N PHE D 182 6.33 6.28 -37.82
CA PHE D 182 6.19 5.24 -38.83
C PHE D 182 7.27 5.24 -39.95
N SER D 183 8.28 6.10 -39.83
CA SER D 183 9.58 5.85 -40.42
C SER D 183 10.21 4.66 -39.73
N ASP D 184 11.36 4.20 -40.22
CA ASP D 184 11.98 3.09 -39.47
C ASP D 184 12.56 3.56 -38.16
N GLU D 185 12.62 4.87 -37.90
CA GLU D 185 13.09 5.37 -36.57
C GLU D 185 12.09 5.05 -35.44
N GLY D 186 10.91 4.58 -35.82
CA GLY D 186 9.99 3.93 -34.88
C GLY D 186 10.51 2.67 -34.23
N ILE D 187 11.58 2.06 -34.79
CA ILE D 187 12.22 0.89 -34.18
C ILE D 187 13.74 1.09 -34.19
N PRO D 188 14.26 1.86 -33.24
CA PRO D 188 15.72 1.95 -33.09
C PRO D 188 16.38 0.55 -32.95
N ALA D 189 17.57 0.41 -33.53
CA ALA D 189 18.26 -0.86 -33.48
C ALA D 189 18.57 -1.32 -32.04
N ASN D 190 18.90 -0.34 -31.22
CA ASN D 190 19.24 -0.59 -29.82
C ASN D 190 19.26 0.79 -29.14
N TYR D 191 19.58 0.84 -27.85
CA TYR D 191 19.52 2.12 -27.11
C TYR D 191 20.73 3.03 -27.38
N ALA D 192 21.85 2.46 -27.90
CA ALA D 192 23.10 3.22 -28.07
C ALA D 192 23.09 3.99 -29.39
N GLU D 193 22.54 3.37 -30.42
CA GLU D 193 22.52 3.94 -31.77
C GLU D 193 21.19 4.68 -32.01
N MET D 194 20.96 5.65 -31.16
CA MET D 194 19.63 6.25 -30.97
C MET D 194 19.79 7.70 -30.59
N ARG D 195 18.94 8.51 -31.16
CA ARG D 195 18.86 9.93 -30.77
C ARG D 195 18.25 10.16 -29.42
N GLY D 196 18.46 11.35 -28.85
CA GLY D 196 17.63 11.79 -27.71
C GLY D 196 17.17 13.22 -27.88
N SER D 197 16.03 13.55 -27.24
CA SER D 197 15.42 14.84 -27.36
C SER D 197 14.81 15.24 -26.02
N GLY D 198 14.89 16.53 -25.64
CA GLY D 198 14.05 17.02 -24.51
C GLY D 198 12.58 17.07 -24.80
N VAL D 199 12.27 17.15 -26.10
CA VAL D 199 10.94 17.34 -26.67
C VAL D 199 10.46 18.77 -26.38
N HIS D 200 10.14 19.08 -25.13
CA HIS D 200 9.62 20.41 -24.82
C HIS D 200 10.60 21.47 -24.94
N THR D 201 10.09 22.68 -25.29
CA THR D 201 10.75 23.90 -24.93
C THR D 201 10.78 24.08 -23.43
N PHE D 202 11.94 24.44 -22.91
CA PHE D 202 12.13 24.84 -21.53
C PHE D 202 12.58 26.29 -21.51
N ARG D 203 12.66 26.87 -20.32
CA ARG D 203 13.13 28.27 -20.16
C ARG D 203 14.49 28.18 -19.48
N TRP D 204 15.47 28.83 -20.06
CA TRP D 204 16.76 29.04 -19.44
C TRP D 204 16.84 30.47 -18.95
N VAL D 205 17.30 30.61 -17.71
CA VAL D 205 17.34 31.91 -17.04
C VAL D 205 18.73 32.13 -16.50
N ASN D 206 19.33 33.25 -16.89
CA ASN D 206 20.70 33.56 -16.47
C ASN D 206 20.74 34.43 -15.21
N LYS D 207 21.94 34.76 -14.76
CA LYS D 207 22.09 35.45 -13.49
C LYS D 207 21.53 36.91 -13.52
N TYR D 208 21.24 37.44 -14.69
CA TYR D 208 20.64 38.77 -14.83
C TYR D 208 19.11 38.67 -14.91
N GLY D 209 18.60 37.46 -14.89
CA GLY D 209 17.16 37.26 -14.94
C GLY D 209 16.65 37.33 -16.35
N GLU D 210 17.53 37.20 -17.33
CA GLU D 210 17.13 37.11 -18.74
C GLU D 210 16.75 35.67 -19.08
N THR D 211 15.68 35.50 -19.85
CA THR D 211 15.13 34.20 -20.19
C THR D 211 15.20 33.97 -21.68
N LYS D 212 15.62 32.76 -22.06
CA LYS D 212 15.55 32.27 -23.42
C LYS D 212 14.74 30.95 -23.38
N TYR D 213 14.02 30.68 -24.46
CA TYR D 213 13.55 29.34 -24.75
C TYR D 213 14.67 28.42 -25.21
N VAL D 214 14.64 27.15 -24.77
CA VAL D 214 15.72 26.17 -25.03
C VAL D 214 15.09 24.84 -25.45
N LYS D 215 15.74 24.17 -26.38
CA LYS D 215 15.46 22.79 -26.71
C LYS D 215 16.75 22.02 -26.67
N TYR D 216 16.66 20.80 -26.16
CA TYR D 216 17.80 19.88 -25.99
C TYR D 216 17.79 18.73 -26.99
N HIS D 217 18.97 18.38 -27.46
CA HIS D 217 19.19 17.28 -28.40
C HIS D 217 20.41 16.44 -27.97
N TRP D 218 20.27 15.11 -27.99
CA TRP D 218 21.40 14.22 -27.74
C TRP D 218 21.76 13.53 -29.04
N ARG D 219 23.03 13.63 -29.43
CA ARG D 219 23.52 12.99 -30.66
C ARG D 219 24.46 11.82 -30.32
N PRO D 220 24.08 10.62 -30.74
CA PRO D 220 24.86 9.45 -30.37
C PRO D 220 26.22 9.43 -31.07
N SER D 221 27.30 9.20 -30.31
CA SER D 221 28.61 8.91 -30.89
C SER D 221 28.57 7.60 -31.72
N GLU D 222 27.73 6.64 -31.36
CA GLU D 222 27.56 5.41 -32.13
C GLU D 222 26.72 5.57 -33.42
N GLY D 223 26.31 6.80 -33.76
CA GLY D 223 25.41 7.05 -34.89
C GLY D 223 24.01 6.49 -34.65
N ILE D 224 23.09 6.81 -35.54
CA ILE D 224 21.68 6.41 -35.46
C ILE D 224 21.52 5.22 -36.38
N ARG D 225 20.94 4.15 -35.88
CA ARG D 225 20.58 3.02 -36.70
C ARG D 225 19.19 2.53 -36.33
N ASN D 226 18.39 2.22 -37.34
CA ASN D 226 17.00 1.83 -37.23
C ASN D 226 16.74 0.47 -37.81
N LEU D 227 15.62 -0.15 -37.43
CA LEU D 227 15.24 -1.45 -37.97
C LEU D 227 14.03 -1.32 -38.83
N SER D 228 14.04 -2.01 -39.97
CA SER D 228 12.82 -2.29 -40.71
C SER D 228 11.91 -3.25 -39.97
N MET D 229 10.65 -3.37 -40.41
CA MET D 229 9.77 -4.34 -39.79
C MET D 229 10.38 -5.72 -39.92
N GLU D 230 10.99 -6.01 -41.10
CA GLU D 230 11.51 -7.38 -41.27
C GLU D 230 12.72 -7.66 -40.36
N GLU D 231 13.58 -6.67 -40.21
CA GLU D 231 14.77 -6.77 -39.36
C GLU D 231 14.32 -6.93 -37.90
N ALA D 232 13.33 -6.14 -37.49
CA ALA D 232 12.79 -6.27 -36.15
C ALA D 232 12.23 -7.66 -35.84
N ALA D 233 11.47 -8.23 -36.78
CA ALA D 233 10.90 -9.59 -36.60
C ALA D 233 12.01 -10.61 -36.47
N GLU D 234 13.05 -10.45 -37.25
CA GLU D 234 14.14 -11.47 -37.22
C GLU D 234 14.84 -11.45 -35.82
N ILE D 235 15.05 -10.25 -35.28
CA ILE D 235 15.61 -10.14 -33.95
C ILE D 235 14.64 -10.67 -32.94
N GLN D 236 13.35 -10.28 -33.07
CA GLN D 236 12.37 -10.65 -32.08
C GLN D 236 12.30 -12.22 -31.95
N ALA D 237 12.53 -12.91 -33.07
CA ALA D 237 12.48 -14.38 -33.09
C ALA D 237 13.36 -15.03 -32.03
N ASN D 238 14.51 -14.43 -31.77
CA ASN D 238 15.52 -15.03 -30.95
C ASN D 238 15.87 -14.27 -29.71
N ASP D 239 15.43 -13.02 -29.58
CA ASP D 239 15.76 -12.27 -28.38
C ASP D 239 14.72 -11.20 -28.16
N PHE D 240 13.96 -11.33 -27.08
CA PHE D 240 12.97 -10.26 -26.76
C PHE D 240 13.56 -9.20 -25.82
N GLN D 241 14.85 -9.21 -25.53
CA GLN D 241 15.46 -8.16 -24.69
C GLN D 241 16.81 -7.69 -25.29
N HIS D 242 16.83 -7.60 -26.60
CA HIS D 242 18.11 -7.38 -27.28
C HIS D 242 18.76 -6.03 -26.93
N ALA D 243 17.94 -5.03 -26.68
CA ALA D 243 18.46 -3.69 -26.40
C ALA D 243 19.03 -3.62 -24.98
N THR D 244 18.33 -4.20 -24.01
CA THR D 244 18.83 -4.38 -22.65
C THR D 244 20.20 -5.10 -22.67
N ARG D 245 20.25 -6.20 -23.42
CA ARG D 245 21.45 -6.98 -23.57
C ARG D 245 22.60 -6.16 -24.11
N ASP D 246 22.32 -5.43 -25.18
CA ASP D 246 23.33 -4.70 -25.94
C ASP D 246 23.93 -3.62 -25.06
N LEU D 247 23.11 -2.90 -24.29
CA LEU D 247 23.61 -1.85 -23.46
C LEU D 247 24.52 -2.37 -22.40
N TYR D 248 24.11 -3.46 -21.71
CA TYR D 248 24.85 -4.01 -20.61
C TYR D 248 26.18 -4.49 -21.20
N ASP D 249 26.08 -5.16 -22.32
CA ASP D 249 27.26 -5.81 -22.93
C ASP D 249 28.28 -4.79 -23.35
N ARG D 250 27.84 -3.66 -23.97
CA ARG D 250 28.79 -2.63 -24.42
C ARG D 250 29.56 -2.17 -23.23
N ILE D 251 28.83 -1.89 -22.15
CA ILE D 251 29.49 -1.31 -20.97
C ILE D 251 30.42 -2.33 -20.29
N GLU D 252 30.00 -3.58 -20.22
CA GLU D 252 30.83 -4.65 -19.58
C GLU D 252 32.12 -4.83 -20.39
N LYS D 253 32.07 -4.56 -21.69
CA LYS D 253 33.26 -4.73 -22.56
C LYS D 253 34.12 -3.47 -22.67
N GLY D 254 33.70 -2.37 -22.06
CA GLY D 254 34.50 -1.14 -22.08
C GLY D 254 34.21 -0.28 -23.27
N ASN D 255 33.22 -0.68 -24.07
CA ASN D 255 32.82 0.05 -25.27
C ASN D 255 31.70 1.04 -24.91
N TYR D 256 32.06 2.09 -24.17
CA TYR D 256 31.07 2.97 -23.52
C TYR D 256 30.33 3.83 -24.55
N PRO D 257 28.97 3.75 -24.58
CA PRO D 257 28.27 4.66 -25.51
C PRO D 257 28.26 6.09 -25.00
N ALA D 258 28.26 7.04 -25.92
CA ALA D 258 28.20 8.43 -25.56
C ALA D 258 27.27 9.24 -26.46
N TRP D 259 26.82 10.37 -25.93
CA TRP D 259 26.04 11.33 -26.66
C TRP D 259 26.54 12.72 -26.41
N ASP D 260 26.58 13.50 -27.46
CA ASP D 260 26.87 14.93 -27.32
C ASP D 260 25.53 15.66 -27.13
N LEU D 261 25.53 16.58 -26.19
CA LEU D 261 24.38 17.38 -25.90
C LEU D 261 24.50 18.71 -26.67
N TYR D 262 23.47 18.98 -27.45
CA TYR D 262 23.29 20.28 -28.14
C TYR D 262 22.04 20.97 -27.71
N VAL D 263 22.05 22.32 -27.78
CA VAL D 263 20.84 23.07 -27.50
C VAL D 263 20.53 24.01 -28.65
N GLN D 264 19.24 24.31 -28.79
CA GLN D 264 18.83 25.43 -29.59
C GLN D 264 18.29 26.48 -28.64
N LEU D 265 18.54 27.76 -28.95
CA LEU D 265 18.10 28.85 -28.13
C LEU D 265 17.23 29.83 -28.94
N MET D 266 16.10 30.25 -28.40
CA MET D 266 15.17 31.14 -29.10
C MET D 266 14.70 32.26 -28.17
N PRO D 267 14.75 33.52 -28.63
CA PRO D 267 14.13 34.56 -27.80
C PRO D 267 12.63 34.42 -27.58
N LEU D 268 12.14 34.85 -26.41
CA LEU D 268 10.72 34.85 -26.12
C LEU D 268 9.91 35.68 -27.14
N SER D 269 10.53 36.75 -27.59
CA SER D 269 9.93 37.67 -28.56
C SER D 269 9.79 37.11 -29.96
N ASP D 270 10.33 35.91 -30.25
CA ASP D 270 10.16 35.28 -31.58
C ASP D 270 8.79 34.65 -31.77
N TYR D 271 7.97 34.60 -30.70
CA TYR D 271 6.62 34.09 -30.84
C TYR D 271 5.91 34.61 -32.05
N ASP D 272 5.88 35.93 -32.27
CA ASP D 272 5.08 36.47 -33.40
C ASP D 272 5.81 36.33 -34.72
N GLU D 273 7.10 35.94 -34.69
CA GLU D 273 7.87 35.73 -35.97
C GLU D 273 7.47 34.39 -36.59
N LEU D 274 6.79 33.51 -35.82
CA LEU D 274 6.56 32.15 -36.26
C LEU D 274 5.13 31.83 -36.64
N ASP D 275 4.93 30.85 -37.52
CA ASP D 275 3.57 30.37 -37.81
C ASP D 275 3.09 29.14 -36.98
N TYR D 276 3.81 28.88 -35.88
CA TYR D 276 3.44 27.92 -34.93
C TYR D 276 3.79 28.49 -33.59
N ASP D 277 3.26 27.82 -32.55
CA ASP D 277 3.61 28.18 -31.15
C ASP D 277 4.91 27.47 -30.78
N PRO D 278 5.98 28.22 -30.40
CA PRO D 278 7.24 27.57 -30.11
C PRO D 278 7.16 26.60 -28.91
N CYS D 279 6.09 26.67 -28.09
CA CYS D 279 5.88 25.76 -26.95
C CYS D 279 4.82 24.68 -27.21
N ASP D 280 4.52 24.48 -28.49
CA ASP D 280 3.69 23.35 -28.94
C ASP D 280 4.61 22.18 -29.16
N PRO D 281 4.50 21.10 -28.33
CA PRO D 281 5.41 20.00 -28.41
C PRO D 281 5.14 19.07 -29.58
N THR D 282 4.22 19.47 -30.47
CA THR D 282 4.06 18.78 -31.76
C THR D 282 4.97 19.41 -32.84
N LYS D 283 5.75 20.43 -32.44
CA LYS D 283 6.58 21.25 -33.32
C LYS D 283 8.04 21.11 -33.00
N THR D 284 8.89 21.08 -34.03
CA THR D 284 10.32 21.35 -33.93
C THR D 284 10.62 22.76 -34.34
N TRP D 285 11.82 23.21 -33.98
CA TRP D 285 12.38 24.48 -34.45
C TRP D 285 13.40 24.22 -35.52
N SER D 286 13.35 25.04 -36.59
CA SER D 286 14.31 24.92 -37.68
C SER D 286 15.74 24.97 -37.15
N GLU D 287 16.60 24.04 -37.60
CA GLU D 287 18.02 24.09 -37.28
C GLU D 287 18.81 25.11 -38.08
N GLU D 288 18.26 25.58 -39.18
CA GLU D 288 18.82 26.72 -39.89
C GLU D 288 18.63 28.00 -39.12
N ASP D 289 17.40 28.25 -38.67
CA ASP D 289 17.07 29.50 -38.00
C ASP D 289 17.50 29.51 -36.54
N TYR D 290 17.59 28.32 -35.93
CA TYR D 290 18.00 28.16 -34.53
C TYR D 290 19.04 27.04 -34.43
N PRO D 291 20.32 27.41 -34.60
CA PRO D 291 21.31 26.39 -34.88
C PRO D 291 21.63 25.65 -33.63
N LEU D 292 22.02 24.40 -33.79
CA LEU D 292 22.45 23.59 -32.68
C LEU D 292 23.79 24.12 -32.15
N GLN D 293 23.87 24.27 -30.84
CA GLN D 293 25.02 24.75 -30.14
C GLN D 293 25.53 23.66 -29.19
N LYS D 294 26.78 23.24 -29.36
CA LYS D 294 27.29 22.14 -28.53
C LYS D 294 27.48 22.57 -27.09
N VAL D 295 27.02 21.73 -26.16
CA VAL D 295 27.22 21.96 -24.75
C VAL D 295 28.25 21.03 -24.13
N GLY D 296 28.13 19.74 -24.39
CA GLY D 296 29.03 18.77 -23.76
C GLY D 296 28.73 17.36 -24.18
N ARG D 297 29.30 16.39 -23.44
CA ARG D 297 29.20 14.96 -23.77
C ARG D 297 28.88 14.15 -22.53
N MET D 298 27.96 13.21 -22.69
CA MET D 298 27.63 12.21 -21.67
C MET D 298 28.17 10.86 -22.13
N THR D 299 28.88 10.19 -21.23
CA THR D 299 29.42 8.85 -21.50
C THR D 299 28.86 7.93 -20.42
N LEU D 300 28.26 6.83 -20.84
CA LEU D 300 27.76 5.80 -19.90
C LEU D 300 28.76 4.71 -19.74
N ASN D 301 29.23 4.53 -18.51
CA ASN D 301 30.36 3.67 -18.28
C ASN D 301 30.26 2.73 -17.11
N ARG D 302 29.05 2.56 -16.56
CA ARG D 302 28.90 1.69 -15.43
C ARG D 302 27.51 1.09 -15.40
N ASN D 303 27.43 -0.23 -15.34
CA ASN D 303 26.18 -0.95 -15.07
C ASN D 303 25.80 -0.88 -13.61
N PRO D 304 24.50 -0.86 -13.33
CA PRO D 304 24.10 -0.87 -11.94
C PRO D 304 24.48 -2.18 -11.21
N GLU D 305 24.52 -2.10 -9.89
CA GLU D 305 24.84 -3.32 -9.11
C GLU D 305 23.60 -4.21 -8.98
N ASN D 306 22.40 -3.63 -8.93
CA ASN D 306 21.15 -4.42 -8.78
C ASN D 306 20.01 -3.83 -9.56
N PHE D 307 19.43 -4.57 -10.52
CA PHE D 307 18.52 -3.97 -11.48
C PHE D 307 17.25 -3.46 -10.75
N PHE D 308 16.69 -4.26 -9.83
CA PHE D 308 15.45 -3.80 -9.12
C PHE D 308 15.71 -2.55 -8.31
N ALA D 309 16.77 -2.59 -7.53
CA ALA D 309 17.01 -1.47 -6.58
C ALA D 309 17.32 -0.12 -7.23
N GLU D 310 18.01 -0.16 -8.39
CA GLU D 310 18.50 0.98 -9.04
C GLU D 310 17.70 1.30 -10.28
N THR D 311 17.52 0.37 -11.19
CA THR D 311 16.80 0.70 -12.45
C THR D 311 15.29 0.64 -12.23
N GLU D 312 14.80 -0.44 -11.65
CA GLU D 312 13.29 -0.51 -11.50
C GLU D 312 12.81 0.58 -10.57
N GLN D 313 13.55 0.89 -9.50
CA GLN D 313 13.08 1.87 -8.55
C GLN D 313 13.44 3.27 -8.92
N ALA D 314 14.19 3.48 -10.02
CA ALA D 314 14.52 4.89 -10.47
C ALA D 314 13.30 5.71 -10.76
N ALA D 315 13.35 6.96 -10.29
CA ALA D 315 12.25 7.91 -10.42
C ALA D 315 12.77 9.22 -11.00
N PHE D 316 12.28 9.55 -12.18
CA PHE D 316 12.61 10.78 -12.85
C PHE D 316 11.39 11.65 -12.94
N THR D 317 11.56 13.00 -12.93
CA THR D 317 10.42 13.86 -13.17
C THR D 317 10.85 15.12 -13.91
N PRO D 318 10.09 15.52 -14.94
CA PRO D 318 10.40 16.82 -15.57
C PRO D 318 10.41 18.02 -14.58
N SER D 319 9.70 17.91 -13.48
CA SER D 319 9.70 18.96 -12.46
C SER D 319 10.90 18.99 -11.54
N ALA D 320 11.82 18.04 -11.70
CA ALA D 320 13.10 18.15 -11.02
C ALA D 320 14.00 19.07 -11.76
N LEU D 321 13.72 20.35 -11.59
CA LEU D 321 14.42 21.42 -12.29
C LEU D 321 15.44 22.02 -11.31
N VAL D 322 16.47 22.67 -11.83
CA VAL D 322 17.49 23.28 -10.95
C VAL D 322 17.56 24.77 -11.28
N PRO D 323 18.12 25.56 -10.36
CA PRO D 323 18.14 27.02 -10.63
C PRO D 323 18.78 27.32 -11.94
N GLY D 324 18.12 28.20 -12.71
CA GLY D 324 18.51 28.47 -14.08
C GLY D 324 17.74 27.73 -15.17
N ILE D 325 16.97 26.71 -14.81
CA ILE D 325 16.26 25.89 -15.80
C ILE D 325 14.86 25.73 -15.27
N GLU D 326 13.89 26.15 -16.07
CA GLU D 326 12.53 26.25 -15.66
C GLU D 326 11.62 25.60 -16.73
N ALA D 327 10.40 25.33 -16.33
CA ALA D 327 9.41 24.85 -17.29
C ALA D 327 9.07 25.96 -18.26
N SER D 328 8.68 25.63 -19.47
CA SER D 328 7.88 26.53 -20.24
C SER D 328 6.39 26.30 -19.98
N GLU D 329 5.62 27.16 -20.62
CA GLU D 329 4.14 27.13 -20.61
C GLU D 329 3.49 26.00 -21.44
N ASP D 330 4.30 25.14 -22.11
CA ASP D 330 3.82 23.98 -22.82
C ASP D 330 2.83 23.22 -21.93
N LYS D 331 1.59 23.07 -22.38
CA LYS D 331 0.52 22.57 -21.55
C LYS D 331 0.68 21.04 -21.34
N LEU D 332 1.42 20.39 -22.24
CA LEU D 332 1.77 19.00 -22.05
C LEU D 332 2.78 18.85 -20.91
N LEU D 333 3.89 19.57 -21.02
CA LEU D 333 4.88 19.62 -19.95
C LEU D 333 4.22 19.98 -18.59
N GLN D 334 3.33 20.93 -18.59
CA GLN D 334 2.77 21.34 -17.30
C GLN D 334 2.11 20.14 -16.54
N GLY D 335 1.35 19.27 -17.22
CA GLY D 335 0.77 18.11 -16.58
C GLY D 335 1.81 17.10 -16.08
N ARG D 336 2.92 16.98 -16.86
CA ARG D 336 4.00 16.09 -16.50
C ARG D 336 4.62 16.54 -15.18
N LEU D 337 4.69 17.86 -14.95
CA LEU D 337 5.25 18.35 -13.68
C LEU D 337 4.58 17.65 -12.44
N PHE D 338 3.29 17.41 -12.53
CA PHE D 338 2.48 16.83 -11.49
C PHE D 338 2.55 15.29 -11.55
N SER D 339 2.40 14.72 -12.75
CA SER D 339 2.13 13.28 -12.84
C SER D 339 3.26 12.41 -12.36
N TYR D 340 4.51 12.81 -12.60
CA TYR D 340 5.59 11.91 -12.27
C TYR D 340 5.76 11.66 -10.76
N PRO D 341 5.90 12.73 -9.95
CA PRO D 341 6.07 12.46 -8.50
C PRO D 341 4.78 11.82 -7.94
N ASP D 342 3.65 12.14 -8.54
CA ASP D 342 2.35 11.62 -8.16
C ASP D 342 2.31 10.10 -8.34
N THR D 343 2.70 9.64 -9.52
CA THR D 343 2.77 8.20 -9.77
C THR D 343 3.85 7.55 -8.95
N GLN D 344 4.99 8.25 -8.73
CA GLN D 344 6.10 7.64 -7.97
C GLN D 344 5.76 7.43 -6.53
N ARG D 345 5.00 8.34 -5.96
CA ARG D 345 4.58 8.13 -4.58
C ARG D 345 3.76 6.85 -4.41
N HIS D 346 2.91 6.52 -5.40
CA HIS D 346 2.18 5.28 -5.49
C HIS D 346 3.08 4.09 -5.76
N ARG D 347 3.91 4.19 -6.81
CA ARG D 347 4.70 3.08 -7.32
C ARG D 347 5.83 2.67 -6.35
N LEU D 348 6.36 3.65 -5.63
CA LEU D 348 7.61 3.45 -4.85
C LEU D 348 7.55 3.79 -3.37
N GLY D 349 6.49 4.52 -2.98
CA GLY D 349 6.32 4.90 -1.59
C GLY D 349 6.48 6.41 -1.43
N ALA D 350 5.84 6.91 -0.34
CA ALA D 350 5.97 8.34 -0.06
C ALA D 350 7.43 8.79 0.03
N ASN D 351 8.29 7.91 0.59
CA ASN D 351 9.69 8.20 0.80
C ASN D 351 10.61 7.75 -0.35
N TYR D 352 10.07 7.67 -1.55
CA TYR D 352 10.86 7.24 -2.73
C TYR D 352 12.15 8.05 -2.97
N MET D 353 12.17 9.35 -2.62
CA MET D 353 13.36 10.12 -2.76
C MET D 353 14.52 9.75 -1.88
N ARG D 354 14.32 8.81 -0.97
CA ARG D 354 15.37 8.31 -0.11
C ARG D 354 15.99 7.04 -0.67
N ILE D 355 15.40 6.48 -1.72
CA ILE D 355 15.92 5.30 -2.37
C ILE D 355 17.27 5.74 -3.00
N PRO D 356 18.35 4.98 -2.80
CA PRO D 356 19.69 5.53 -3.18
C PRO D 356 19.84 6.14 -4.56
N VAL D 357 19.34 5.50 -5.62
CA VAL D 357 19.48 6.02 -6.94
C VAL D 357 18.80 7.42 -7.07
N ASN D 358 17.76 7.64 -6.30
CA ASN D 358 17.01 8.85 -6.37
C ASN D 358 17.52 9.93 -5.50
N CYS D 359 18.41 9.59 -4.60
CA CYS D 359 18.92 10.61 -3.66
C CYS D 359 19.79 11.65 -4.40
N PRO D 360 19.69 12.92 -3.98
CA PRO D 360 20.64 13.87 -4.42
C PRO D 360 22.01 13.74 -3.82
N TYR D 361 22.97 14.30 -4.53
CA TYR D 361 24.30 14.54 -3.98
C TYR D 361 24.31 15.80 -3.10
N ALA D 362 23.53 16.80 -3.49
CA ALA D 362 23.38 18.02 -2.70
C ALA D 362 22.60 17.72 -1.39
N PRO D 363 22.88 18.48 -0.33
CA PRO D 363 22.29 18.27 1.01
C PRO D 363 20.77 18.48 0.96
N VAL D 364 20.06 17.66 1.71
CA VAL D 364 18.59 17.75 1.85
C VAL D 364 18.30 18.09 3.30
N HIS D 365 17.63 19.23 3.51
CA HIS D 365 17.23 19.67 4.84
C HIS D 365 15.88 20.31 4.73
N ASN D 366 14.87 19.70 5.32
CA ASN D 366 13.56 20.29 5.37
C ASN D 366 12.75 19.77 6.53
N ASN D 367 11.48 20.20 6.60
CA ASN D 367 10.62 19.89 7.72
C ASN D 367 9.60 18.79 7.45
N GLN D 368 9.82 18.05 6.36
CA GLN D 368 8.98 16.91 6.06
C GLN D 368 9.29 15.83 7.06
N GLN D 369 8.35 14.93 7.29
CA GLN D 369 8.61 13.83 8.26
C GLN D 369 7.76 12.62 7.96
N ASP D 370 8.22 11.52 8.48
CA ASP D 370 7.42 10.28 8.66
C ASP D 370 7.10 9.67 7.29
N GLY D 371 5.94 9.00 7.16
CA GLY D 371 5.66 8.21 5.98
C GLY D 371 6.21 6.79 6.05
N PHE D 372 5.66 5.91 5.24
N PHE D 372 5.61 5.91 5.27
CA PHE D 372 6.05 4.52 5.27
CA PHE D 372 6.05 4.56 5.03
C PHE D 372 7.53 4.40 5.06
C PHE D 372 7.53 4.38 4.99
N MET D 373 8.10 3.42 5.75
CA MET D 373 9.51 3.11 5.63
C MET D 373 10.43 4.31 5.82
N THR D 374 10.34 4.89 7.01
CA THR D 374 11.28 5.93 7.44
C THR D 374 12.54 5.27 7.93
N THR D 375 13.62 5.41 7.15
CA THR D 375 14.86 4.68 7.41
C THR D 375 16.02 5.64 7.73
N THR D 376 15.77 6.96 7.75
CA THR D 376 16.80 7.99 7.74
C THR D 376 17.29 8.53 9.09
N ARG D 377 16.88 7.89 10.18
CA ARG D 377 17.27 8.30 11.52
C ARG D 377 17.03 9.77 11.82
N PRO D 378 15.78 10.19 11.77
CA PRO D 378 15.49 11.61 12.02
C PRO D 378 15.72 11.95 13.49
N SER D 379 15.90 13.23 13.80
CA SER D 379 16.04 13.69 15.15
C SER D 379 15.62 15.16 15.19
N GLY D 380 15.46 15.68 16.42
CA GLY D 380 15.19 17.12 16.62
C GLY D 380 13.73 17.38 16.95
N HIS D 381 13.51 18.50 17.60
CA HIS D 381 12.20 18.91 18.09
C HIS D 381 11.49 19.80 17.10
N ILE D 382 12.20 20.34 16.10
CA ILE D 382 11.71 21.46 15.27
C ILE D 382 11.49 21.02 13.85
N ASN D 383 10.23 20.81 13.53
CA ASN D 383 9.79 20.32 12.24
C ASN D 383 8.83 21.33 11.55
N TYR D 384 9.02 22.60 11.87
CA TYR D 384 8.13 23.67 11.41
C TYR D 384 8.93 24.96 11.19
N GLU D 385 8.45 25.80 10.29
CA GLU D 385 9.09 27.08 9.98
C GLU D 385 7.98 28.04 9.55
N PRO D 386 8.03 29.29 9.99
CA PRO D 386 9.06 29.93 10.82
C PRO D 386 9.23 29.39 12.24
N ASN D 387 10.45 29.55 12.75
CA ASN D 387 10.79 29.20 14.10
C ASN D 387 11.84 30.16 14.61
N ARG D 388 12.04 30.13 15.90
CA ARG D 388 12.91 31.09 16.56
C ARG D 388 14.40 30.71 16.49
N TYR D 389 14.73 29.61 15.80
CA TYR D 389 16.07 29.00 15.90
C TYR D 389 16.90 29.31 14.63
N ASP D 390 17.98 30.05 14.81
CA ASP D 390 18.77 30.52 13.69
C ASP D 390 19.51 29.42 12.92
N ASP D 391 19.79 28.32 13.61
CA ASP D 391 20.51 27.18 13.09
C ASP D 391 19.61 26.20 12.32
N GLN D 392 18.28 26.35 12.40
CA GLN D 392 17.38 25.45 11.64
C GLN D 392 17.32 25.93 10.17
N PRO D 393 16.93 25.05 9.25
CA PRO D 393 16.97 25.46 7.83
C PRO D 393 16.02 26.63 7.51
N LYS D 394 16.48 27.59 6.72
CA LYS D 394 15.68 28.71 6.26
C LYS D 394 15.66 28.80 4.76
N GLU D 395 14.66 29.49 4.28
CA GLU D 395 14.53 29.84 2.86
C GLU D 395 15.71 30.69 2.45
N ASN D 396 16.07 30.59 1.19
CA ASN D 396 17.22 31.34 0.68
C ASN D 396 16.82 32.10 -0.57
N PRO D 397 16.57 33.43 -0.42
CA PRO D 397 16.02 34.16 -1.54
C PRO D 397 16.93 34.24 -2.79
N HIS D 398 18.22 33.94 -2.69
CA HIS D 398 19.07 33.85 -3.90
C HIS D 398 18.55 32.78 -4.88
N TYR D 399 17.76 31.81 -4.39
CA TYR D 399 17.31 30.73 -5.20
C TYR D 399 15.84 30.84 -5.60
N LYS D 400 15.29 32.05 -5.64
CA LYS D 400 13.94 32.22 -6.24
C LYS D 400 13.93 31.96 -7.76
N GLU D 401 12.84 31.41 -8.26
CA GLU D 401 12.66 31.22 -9.68
C GLU D 401 12.29 32.58 -10.33
N SER D 402 12.33 32.59 -11.65
CA SER D 402 11.84 33.75 -12.41
C SER D 402 10.33 33.91 -12.23
N GLU D 403 9.85 35.04 -12.73
CA GLU D 403 8.43 35.37 -12.71
C GLU D 403 7.88 35.52 -14.12
N PRO D 404 7.63 34.43 -14.83
CA PRO D 404 7.14 34.58 -16.20
C PRO D 404 5.93 35.51 -16.37
N VAL D 405 5.94 36.29 -17.46
CA VAL D 405 4.84 37.15 -17.80
C VAL D 405 3.68 36.33 -18.31
N LEU D 406 2.51 36.65 -17.83
CA LEU D 406 1.28 36.01 -18.28
C LEU D 406 0.67 36.99 -19.32
N HIS D 407 0.34 36.46 -20.48
CA HIS D 407 -0.33 37.22 -21.50
C HIS D 407 -1.85 37.10 -21.39
N GLY D 408 -2.35 36.04 -20.79
CA GLY D 408 -3.80 35.87 -20.60
C GLY D 408 -4.39 36.67 -19.44
N ASP D 409 -5.64 37.06 -19.59
CA ASP D 409 -6.34 37.83 -18.57
C ASP D 409 -7.44 37.04 -17.86
N ARG D 410 -7.70 35.79 -18.27
CA ARG D 410 -8.74 34.96 -17.69
C ARG D 410 -8.23 33.49 -17.51
N MET D 411 -8.83 32.81 -16.60
CA MET D 411 -8.66 31.35 -16.49
C MET D 411 -9.52 30.72 -17.55
N VAL D 412 -8.91 30.09 -18.53
CA VAL D 412 -9.65 29.53 -19.63
C VAL D 412 -9.30 28.02 -19.84
N ARG D 413 -10.20 27.31 -20.50
CA ARG D 413 -9.89 26.11 -21.23
C ARG D 413 -10.06 26.29 -22.71
N GLN D 414 -8.92 26.41 -23.40
CA GLN D 414 -8.96 26.76 -24.81
C GLN D 414 -7.68 26.33 -25.51
N LYS D 415 -7.83 25.80 -26.71
CA LYS D 415 -6.70 25.37 -27.50
C LYS D 415 -5.81 26.54 -27.81
N ILE D 416 -4.50 26.31 -27.84
CA ILE D 416 -3.61 27.38 -28.31
C ILE D 416 -4.06 27.91 -29.68
N GLU D 417 -3.72 29.17 -29.91
CA GLU D 417 -3.69 29.73 -31.24
CA GLU D 417 -3.67 29.76 -31.25
C GLU D 417 -2.60 29.11 -32.12
N LYS D 418 -2.79 29.23 -33.42
CA LYS D 418 -1.89 28.67 -34.44
C LYS D 418 -1.45 27.21 -34.16
N PRO D 419 -2.44 26.32 -34.00
CA PRO D 419 -2.09 24.93 -33.91
C PRO D 419 -1.32 24.38 -35.08
N ASN D 420 -1.62 24.87 -36.30
CA ASN D 420 -0.87 24.46 -37.49
C ASN D 420 -0.53 22.93 -37.49
N ASP D 421 -1.56 22.11 -37.57
CA ASP D 421 -1.38 20.67 -37.34
C ASP D 421 -0.66 19.92 -38.45
N PHE D 422 -0.62 20.45 -39.69
CA PHE D 422 -0.18 19.65 -40.85
C PHE D 422 1.14 20.07 -41.47
N LYS D 423 1.52 21.35 -41.28
CA LYS D 423 2.66 21.89 -42.07
C LYS D 423 3.98 21.21 -41.80
N GLN D 424 4.35 21.06 -40.52
CA GLN D 424 5.64 20.39 -40.24
C GLN D 424 5.66 18.89 -40.58
N ALA D 425 4.52 18.20 -40.51
CA ALA D 425 4.46 16.83 -40.94
C ALA D 425 4.80 16.75 -42.45
N GLY D 426 4.30 17.69 -43.22
CA GLY D 426 4.65 17.73 -44.63
C GLY D 426 6.11 18.03 -44.87
N GLU D 427 6.66 18.99 -44.13
CA GLU D 427 8.09 19.25 -44.21
C GLU D 427 8.89 18.02 -43.88
N LYS D 428 8.49 17.31 -42.83
CA LYS D 428 9.24 16.11 -42.46
C LYS D 428 9.17 15.08 -43.58
N TYR D 429 7.98 14.86 -44.09
CA TYR D 429 7.78 13.93 -45.21
C TYR D 429 8.68 14.25 -46.39
N ARG D 430 8.69 15.52 -46.82
CA ARG D 430 9.56 15.92 -47.94
C ARG D 430 11.04 15.85 -47.62
N SER D 431 11.42 15.94 -46.34
CA SER D 431 12.82 15.77 -45.93
C SER D 431 13.37 14.32 -46.04
N TYR D 432 12.47 13.34 -46.15
CA TYR D 432 12.83 11.98 -46.28
C TYR D 432 13.44 11.72 -47.67
N SER D 433 14.44 10.83 -47.70
CA SER D 433 14.89 10.20 -48.94
C SER D 433 13.77 9.32 -49.54
N GLU D 434 13.90 8.97 -50.83
CA GLU D 434 12.89 8.12 -51.46
C GLU D 434 12.80 6.78 -50.72
N GLU D 435 13.92 6.21 -50.31
CA GLU D 435 13.95 4.95 -49.61
C GLU D 435 13.18 5.12 -48.24
N GLU D 436 13.39 6.24 -47.59
CA GLU D 436 12.71 6.54 -46.33
C GLU D 436 11.21 6.72 -46.51
N LYS D 437 10.79 7.41 -47.57
CA LYS D 437 9.38 7.56 -47.88
C LYS D 437 8.73 6.23 -48.17
N GLN D 438 9.42 5.36 -48.89
CA GLN D 438 8.90 4.03 -49.15
C GLN D 438 8.70 3.20 -47.86
N ALA D 439 9.63 3.34 -46.95
CA ALA D 439 9.51 2.59 -45.66
C ALA D 439 8.36 3.15 -44.78
N LEU D 440 8.18 4.47 -44.80
CA LEU D 440 7.06 5.12 -44.14
C LEU D 440 5.75 4.61 -44.67
N ILE D 441 5.60 4.60 -46.01
CA ILE D 441 4.31 4.23 -46.54
C ILE D 441 4.07 2.74 -46.22
N LYS D 442 5.09 1.94 -46.40
CA LYS D 442 5.00 0.49 -46.11
C LYS D 442 4.55 0.22 -44.65
N ASN D 443 5.20 0.92 -43.72
CA ASN D 443 4.89 0.75 -42.32
C ASN D 443 3.48 1.26 -41.97
N LEU D 444 3.10 2.42 -42.51
CA LEU D 444 1.74 2.90 -42.33
C LEU D 444 0.72 1.90 -42.89
N THR D 445 1.01 1.33 -44.06
CA THR D 445 0.03 0.53 -44.76
C THR D 445 -0.21 -0.73 -43.95
N ALA D 446 0.87 -1.33 -43.41
CA ALA D 446 0.71 -2.57 -42.64
C ALA D 446 -0.08 -2.30 -41.37
N ASP D 447 0.02 -1.05 -40.87
CA ASP D 447 -0.71 -0.66 -39.66
C ASP D 447 -2.15 -0.30 -39.82
N LEU D 448 -2.50 0.24 -40.99
CA LEU D 448 -3.83 0.75 -41.27
C LEU D 448 -4.69 -0.19 -42.06
N LYS D 449 -4.09 -1.18 -42.70
CA LYS D 449 -4.87 -1.97 -43.64
C LYS D 449 -6.10 -2.65 -43.01
N GLY D 450 -6.04 -3.03 -41.73
CA GLY D 450 -7.17 -3.65 -41.02
C GLY D 450 -8.13 -2.77 -40.24
N VAL D 451 -7.93 -1.46 -40.20
CA VAL D 451 -8.75 -0.58 -39.40
C VAL D 451 -10.04 -0.18 -40.10
N ASN D 452 -10.98 0.26 -39.29
CA ASN D 452 -12.28 0.73 -39.72
C ASN D 452 -12.13 1.64 -40.94
N GLU D 453 -12.92 1.44 -41.99
CA GLU D 453 -12.76 2.21 -43.22
C GLU D 453 -12.87 3.73 -43.06
N LYS D 454 -13.80 4.21 -42.26
CA LYS D 454 -13.96 5.64 -42.02
C LYS D 454 -12.71 6.23 -41.33
N THR D 455 -12.17 5.50 -40.36
CA THR D 455 -10.92 5.90 -39.71
C THR D 455 -9.73 5.88 -40.65
N LYS D 456 -9.67 4.85 -41.48
CA LYS D 456 -8.60 4.76 -42.48
C LYS D 456 -8.62 5.95 -43.43
N LEU D 457 -9.79 6.33 -43.91
CA LEU D 457 -9.91 7.47 -44.78
C LEU D 457 -9.50 8.77 -44.08
N LEU D 458 -9.89 8.93 -42.83
CA LEU D 458 -9.49 10.11 -42.12
C LEU D 458 -7.97 10.19 -41.95
N ALA D 459 -7.34 9.05 -41.70
CA ALA D 459 -5.88 8.99 -41.62
C ALA D 459 -5.23 9.46 -42.92
N ILE D 460 -5.75 8.96 -44.03
CA ILE D 460 -5.25 9.32 -45.36
C ILE D 460 -5.43 10.84 -45.57
N CYS D 461 -6.60 11.37 -45.24
CA CYS D 461 -6.91 12.78 -45.34
C CYS D 461 -5.98 13.62 -44.48
N ASN D 462 -5.64 13.16 -43.27
CA ASN D 462 -4.73 13.94 -42.47
C ASN D 462 -3.36 13.98 -43.08
N PHE D 463 -2.88 12.82 -43.56
CA PHE D 463 -1.56 12.79 -44.22
C PHE D 463 -1.58 13.57 -45.57
N TYR D 464 -2.70 13.52 -46.28
CA TYR D 464 -2.87 14.34 -47.51
C TYR D 464 -2.74 15.86 -47.24
N ARG D 465 -3.30 16.30 -46.11
CA ARG D 465 -3.21 17.68 -45.69
C ARG D 465 -1.77 18.05 -45.36
N ALA D 466 -1.02 17.10 -44.83
CA ALA D 466 0.40 17.26 -44.63
C ALA D 466 1.16 17.44 -45.97
N ASP D 467 0.96 16.51 -46.89
CA ASP D 467 1.55 16.57 -48.22
C ASP D 467 0.73 15.74 -49.18
N GLU D 468 0.36 16.33 -50.32
CA GLU D 468 -0.49 15.60 -51.25
C GLU D 468 0.11 14.27 -51.73
N ASP D 469 1.43 14.18 -51.92
CA ASP D 469 2.09 13.03 -52.46
C ASP D 469 2.06 11.98 -51.37
N TYR D 470 2.27 12.42 -50.13
CA TYR D 470 2.22 11.53 -48.94
C TYR D 470 0.87 10.84 -48.86
N GLY D 471 -0.19 11.62 -48.83
CA GLY D 471 -1.53 11.09 -48.75
C GLY D 471 -1.94 10.25 -49.95
N GLN D 472 -1.63 10.72 -51.15
CA GLN D 472 -1.90 9.88 -52.35
C GLN D 472 -1.16 8.53 -52.40
N ARG D 473 0.13 8.53 -52.07
CA ARG D 473 0.88 7.27 -52.00
C ARG D 473 0.27 6.32 -50.97
N LEU D 474 -0.18 6.85 -49.84
CA LEU D 474 -0.73 5.99 -48.81
C LEU D 474 -2.06 5.43 -49.29
N ALA D 475 -2.87 6.28 -49.91
CA ALA D 475 -4.18 5.86 -50.39
C ALA D 475 -3.99 4.77 -51.45
N ASP D 476 -3.04 4.94 -52.37
CA ASP D 476 -2.77 3.91 -53.40
C ASP D 476 -2.35 2.58 -52.75
N SER D 477 -1.50 2.68 -51.73
CA SER D 477 -0.92 1.51 -51.14
C SER D 477 -2.01 0.76 -50.35
N LEU D 478 -2.96 1.51 -49.80
CA LEU D 478 -4.11 0.92 -49.09
C LEU D 478 -5.30 0.54 -49.98
N GLY D 479 -5.25 0.91 -51.27
CA GLY D 479 -6.30 0.56 -52.20
C GLY D 479 -7.52 1.43 -51.99
N VAL D 480 -7.30 2.66 -51.50
CA VAL D 480 -8.41 3.57 -51.20
C VAL D 480 -8.47 4.66 -52.26
N ASP D 481 -9.66 4.79 -52.87
CA ASP D 481 -9.89 5.79 -53.89
C ASP D 481 -10.30 7.08 -53.23
N ILE D 482 -9.45 8.11 -53.36
CA ILE D 482 -9.76 9.43 -52.76
C ILE D 482 -10.07 10.52 -53.79
N ARG D 483 -10.29 10.11 -55.06
CA ARG D 483 -10.86 10.98 -56.08
C ARG D 483 -12.23 11.30 -55.50
N SER D 484 -12.67 12.55 -55.44
CA SER D 484 -13.99 12.89 -54.87
C SER D 484 -13.84 13.53 -53.51
N TYR D 485 -12.67 13.33 -52.90
CA TYR D 485 -12.07 14.37 -52.07
C TYR D 485 -10.68 14.70 -52.60
CHA HEM E . 1.23 -18.67 -9.02
CHB HEM E . 3.78 -19.84 -5.11
CHC HEM E . 4.47 -24.40 -6.92
CHD HEM E . 0.95 -23.44 -10.12
C1A HEM E . 1.90 -18.59 -7.83
C2A HEM E . 2.08 -17.40 -7.07
C3A HEM E . 2.77 -17.74 -5.96
C4A HEM E . 3.07 -19.11 -6.06
CMA HEM E . 3.18 -16.85 -4.83
CAA HEM E . 1.48 -16.07 -7.39
CBA HEM E . 0.03 -16.08 -6.90
CGA HEM E . -0.75 -14.80 -7.14
O1A HEM E . -2.04 -14.82 -7.12
O2A HEM E . -0.10 -13.72 -7.30
C1B HEM E . 4.19 -21.17 -5.31
C2B HEM E . 5.06 -21.84 -4.40
C3B HEM E . 5.29 -23.07 -4.92
C4B HEM E . 4.48 -23.20 -6.13
CMB HEM E . 5.64 -21.26 -3.14
CAB HEM E . 6.10 -24.15 -4.35
CBB HEM E . 6.62 -23.87 -3.19
C1C HEM E . 3.54 -24.54 -7.95
C2C HEM E . 3.01 -25.77 -8.36
C3C HEM E . 2.05 -25.50 -9.30
C4C HEM E . 1.86 -24.09 -9.37
CMC HEM E . 3.51 -27.12 -7.98
CAC HEM E . 1.20 -26.46 -9.93
CBC HEM E . 1.09 -27.67 -9.39
C1D HEM E . 0.81 -22.03 -10.06
C2D HEM E . -0.09 -21.35 -10.98
C3D HEM E . -0.01 -20.03 -10.70
C4D HEM E . 0.95 -19.92 -9.60
CMD HEM E . -0.93 -22.04 -12.03
CAD HEM E . -0.76 -18.92 -11.39
CBD HEM E . -2.21 -18.84 -10.88
CGD HEM E . -2.95 -17.75 -11.62
O1D HEM E . -3.37 -18.05 -12.76
O2D HEM E . -3.05 -16.59 -11.09
NA HEM E . 2.50 -19.64 -7.21
NB HEM E . 3.86 -22.04 -6.26
NC HEM E . 2.74 -23.56 -8.48
ND HEM E . 1.41 -21.15 -9.27
FE HEM E . 2.57 -21.57 -7.83
CHA HEM F . 1.40 -18.74 -8.65
CHB HEM F . 1.53 -23.39 -9.96
CHC HEM F . 4.55 -24.35 -6.30
CHD HEM F . 4.16 -19.68 -4.80
C1A HEM F . 1.20 -19.92 -9.32
C2A HEM F . 0.33 -20.06 -10.45
C3A HEM F . 0.39 -21.37 -10.80
C4A HEM F . 1.27 -22.03 -9.92
CMA HEM F . -0.37 -21.99 -11.95
CAA HEM F . -0.51 -19.03 -11.17
CBA HEM F . -1.98 -18.97 -10.66
CGA HEM F . -2.79 -17.92 -11.36
O1A HEM F . -3.27 -16.94 -10.73
O2A HEM F . -2.93 -18.00 -12.60
C1B HEM F . 2.37 -24.03 -9.06
C2B HEM F . 2.64 -25.42 -9.13
C3B HEM F . 3.51 -25.70 -8.12
C4B HEM F . 3.77 -24.46 -7.42
CMB HEM F . 2.04 -26.33 -10.14
CAB HEM F . 4.05 -26.96 -7.65
CBB HEM F . 3.30 -28.03 -7.90
C1C HEM F . 4.68 -23.15 -5.57
C2C HEM F . 5.19 -23.11 -4.28
C3C HEM F . 5.06 -21.82 -3.82
C4C HEM F . 4.49 -21.02 -4.86
CMC HEM F . 5.74 -24.36 -3.58
CAC HEM F . 5.44 -21.36 -2.50
CBC HEM F . 5.62 -22.23 -1.55
C1D HEM F . 3.37 -19.08 -5.78
C2D HEM F . 3.02 -17.66 -5.71
C3D HEM F . 2.28 -17.38 -6.79
C4D HEM F . 2.15 -18.69 -7.49
CMD HEM F . 3.45 -16.75 -4.61
CAD HEM F . 1.60 -16.09 -7.20
CBD HEM F . 0.10 -16.17 -6.82
CGD HEM F . -0.75 -14.89 -6.81
O1D HEM F . -2.04 -14.94 -6.77
O2D HEM F . -0.20 -13.79 -6.75
NA HEM F . 1.69 -21.15 -8.98
NB HEM F . 3.04 -23.52 -8.02
NC HEM F . 4.16 -21.93 -5.84
ND HEM F . 2.80 -19.68 -6.86
FE HEM F . 2.90 -21.52 -7.40
C1 PYG G . 12.02 -22.75 -16.87
C2 PYG G . 12.55 -21.80 -17.86
C3 PYG G . 13.75 -22.21 -18.66
C4 PYG G . 14.30 -23.47 -18.45
C5 PYG G . 13.77 -24.32 -17.50
C6 PYG G . 12.66 -23.98 -16.73
O1 PYG G . 10.95 -22.51 -16.05
O2 PYG G . 11.98 -20.57 -17.97
O3 PYG G . 14.35 -21.43 -19.64
C1 PYG H . 6.08 -21.99 -10.22
C2 PYG H . 5.81 -22.99 -11.24
C3 PYG H . 6.96 -23.54 -11.98
C4 PYG H . 8.27 -23.12 -11.72
C5 PYG H . 8.50 -22.15 -10.75
C6 PYG H . 7.43 -21.61 -10.05
O1 PYG H . 5.02 -21.48 -9.47
O2 PYG H . 4.57 -23.38 -11.48
O3 PYG H . 6.69 -24.43 -12.91
CL CL I . -0.48 7.44 -3.29
CL CL J . -14.66 -15.11 11.77
NA NA K . -22.57 -42.60 -9.87
CHA HEM L . 0.42 -6.41 19.72
CHB HEM L . -1.81 -10.39 18.13
CHC HEM L . -1.76 -12.26 22.65
CHD HEM L . 1.06 -8.62 24.03
C1A HEM L . -0.20 -7.34 18.93
C2A HEM L . -0.44 -7.12 17.54
C3A HEM L . -1.06 -8.25 17.07
C4A HEM L . -1.22 -9.14 18.16
CMA HEM L . -1.48 -8.52 15.62
CAA HEM L . -0.01 -5.92 16.74
CBA HEM L . 1.51 -5.92 16.43
CGA HEM L . 1.99 -4.88 15.42
O1A HEM L . 3.23 -4.67 15.28
O2A HEM L . 1.22 -4.28 14.66
C1B HEM L . -1.97 -11.21 19.25
C2B HEM L . -2.58 -12.47 19.16
C3B HEM L . -2.60 -13.01 20.41
C4B HEM L . -1.96 -12.04 21.32
CMB HEM L . -3.13 -13.06 17.90
CAB HEM L . -3.09 -14.29 20.80
CBB HEM L . -3.35 -15.19 19.88
C1C HEM L . -0.95 -11.44 23.39
C2C HEM L . -0.22 -11.91 24.50
C3C HEM L . 0.61 -10.87 24.90
C4C HEM L . 0.37 -9.79 24.02
CMC HEM L . -0.35 -13.26 25.14
CAC HEM L . 1.58 -10.85 25.98
CBC HEM L . 1.96 -11.96 26.57
C1D HEM L . 1.04 -7.77 22.92
C2D HEM L . 1.84 -6.53 22.95
C3D HEM L . 1.66 -5.92 21.81
C4D HEM L . 0.75 -6.78 21.02
CMD HEM L . 2.68 -6.04 24.10
CAD HEM L . 2.31 -4.58 21.50
CBD HEM L . 3.80 -4.74 21.12
CGD HEM L . 4.36 -3.34 20.84
O1D HEM L . 4.58 -2.58 21.80
O2D HEM L . 4.53 -2.95 19.65
NA HEM L . -0.71 -8.56 19.34
NB HEM L . -1.66 -11.02 20.54
NC HEM L . -0.52 -10.21 23.09
ND HEM L . 0.40 -7.88 21.75
FE HEM L . -0.60 -9.38 21.18
CHA HEM M . 0.81 -6.36 19.74
CHB HEM M . 1.45 -8.83 23.93
CHC HEM M . -1.64 -12.27 22.33
CHD HEM M . -1.40 -10.29 17.90
C1A HEM M . 1.17 -6.72 21.02
C2A HEM M . 2.02 -5.95 21.83
C3A HEM M . 2.22 -6.64 22.97
C4A HEM M . 1.48 -7.85 22.92
CMA HEM M . 3.06 -6.19 24.15
CAA HEM M . 2.62 -4.59 21.50
CBA HEM M . 4.03 -4.74 20.88
CGA HEM M . 4.62 -3.36 20.52
O1A HEM M . 4.80 -3.03 19.30
O2A HEM M . 4.91 -2.61 21.46
C1B HEM M . 0.63 -9.99 23.88
C2B HEM M . 0.45 -10.95 24.94
C3B HEM M . -0.45 -11.87 24.50
C4B HEM M . -0.81 -11.48 23.13
CMB HEM M . 1.08 -10.92 26.30
CAB HEM M . -0.94 -13.12 25.12
CBB HEM M . -0.23 -13.81 26.01
C1C HEM M . -1.83 -12.08 20.99
C2C HEM M . -2.33 -13.01 20.07
C3C HEM M . -2.27 -12.42 18.83
C4C HEM M . -1.68 -11.12 18.95
CMC HEM M . -2.91 -14.39 20.30
CAC HEM M . -2.64 -13.08 17.58
CBC HEM M . -2.64 -14.43 17.60
C1D HEM M . -0.82 -9.03 18.07
C2D HEM M . -0.73 -8.06 16.98
C3D HEM M . -0.15 -6.95 17.52
C4D HEM M . 0.16 -7.31 18.93
CMD HEM M . -1.22 -8.35 15.55
CAD HEM M . 0.29 -5.68 16.82
CBD HEM M . 1.75 -5.95 16.37
CGD HEM M . 2.43 -4.86 15.56
O1D HEM M . 3.69 -4.79 15.47
O2D HEM M . 1.72 -4.14 14.84
NA HEM M . 0.94 -7.95 21.65
NB HEM M . -0.09 -10.41 22.82
NC HEM M . -1.34 -11.03 20.27
ND HEM M . -0.27 -8.57 19.24
FE HEM M . -0.17 -9.48 20.94
C1 PYG N . -9.87 -4.80 28.78
C2 PYG N . -10.55 -3.47 28.78
C3 PYG N . -11.69 -3.25 29.73
C4 PYG N . -12.10 -4.25 30.55
C5 PYG N . -11.48 -5.46 30.50
C6 PYG N . -10.41 -5.72 29.63
O1 PYG N . -8.81 -5.19 27.99
O2 PYG N . -10.22 -2.46 27.96
O3 PYG N . -12.35 -2.04 29.80
C1 PYG O . -4.45 -7.99 25.78
C2 PYG O . -3.40 -8.10 24.80
C3 PYG O . -3.67 -8.18 23.38
C4 PYG O . -5.06 -8.22 23.09
C5 PYG O . -6.10 -8.14 24.05
C6 PYG O . -5.79 -8.01 25.41
O1 PYG O . -3.99 -7.93 27.03
O2 PYG O . -2.18 -8.03 25.16
O3 PYG O . -2.59 -8.32 22.51
CL CL P . 17.11 -16.88 2.09
NA NA Q . 27.97 -18.37 36.26
CHA HEM R . -9.16 17.10 7.08
CHB HEM R . -5.53 19.34 4.74
CHC HEM R . -7.42 23.70 6.01
CHD HEM R . -11.33 21.42 7.74
C1A HEM R . -8.00 17.32 6.38
C2A HEM R . -7.14 16.35 5.80
C3A HEM R . -6.11 16.99 5.16
C4A HEM R . -6.36 18.37 5.29
CMA HEM R . -4.94 16.45 4.38
CAA HEM R . -7.37 14.86 5.96
CBA HEM R . -8.37 14.49 4.87
CGA HEM R . -8.61 13.02 4.79
O1A HEM R . -9.69 12.64 4.27
O2A HEM R . -7.73 12.24 5.27
C1B HEM R . -5.74 20.73 4.89
C2B HEM R . -4.91 21.75 4.34
C3B HEM R . -5.40 22.98 4.70
C4B HEM R . -6.63 22.67 5.49
CMB HEM R . -3.66 21.65 3.49
CAB HEM R . -4.99 24.36 4.39
CBB HEM R . -4.20 24.71 3.35
C1C HEM R . -8.65 23.47 6.55
C2C HEM R . -9.65 24.43 6.65
C3C HEM R . -10.77 23.77 7.15
C4C HEM R . -10.47 22.40 7.34
CMC HEM R . -9.62 25.93 6.30
CAC HEM R . -12.13 24.36 7.36
CBC HEM R . -12.42 25.57 6.90
C1D HEM R . -11.01 20.05 7.69
C2D HEM R . -11.96 19.04 8.14
C3D HEM R . -11.39 17.84 7.97
C4D HEM R . -10.05 18.12 7.40
CMD HEM R . -13.31 19.31 8.70
CAD HEM R . -12.05 16.54 8.34
CBD HEM R . -12.75 15.95 7.10
CGD HEM R . -13.37 14.68 7.57
O1D HEM R . -14.14 14.83 8.59
O2D HEM R . -13.15 13.58 7.04
NA HEM R . -7.53 18.57 6.07
NB HEM R . -6.75 21.33 5.57
NC HEM R . -9.17 22.20 6.91
ND HEM R . -9.86 19.45 7.32
FE HEM R . -8.37 20.35 6.48
CHA HEM S . -9.13 17.32 6.83
CHB HEM S . -11.27 21.72 7.37
CHC HEM S . -7.19 23.85 5.81
CHD HEM S . -5.55 19.55 4.37
C1A HEM S . -10.00 18.33 7.15
C2A HEM S . -11.30 18.10 7.65
C3A HEM S . -11.92 19.31 7.82
C4A HEM S . -11.04 20.34 7.42
CMA HEM S . -13.33 19.38 8.37
CAA HEM S . -11.85 16.76 7.93
CBA HEM S . -12.91 16.30 6.92
CGA HEM S . -13.48 14.97 7.31
O1A HEM S . -13.02 13.96 6.77
O2A HEM S . -14.42 14.88 8.19
C1B HEM S . -10.31 22.68 7.01
C2B HEM S . -10.49 24.07 7.12
C3B HEM S . -9.31 24.66 6.73
C4B HEM S . -8.44 23.60 6.32
CMB HEM S . -11.78 24.71 7.59
CAB HEM S . -9.00 26.07 6.51
CBB HEM S . -9.99 26.89 6.21
C1C HEM S . -6.38 22.89 5.24
C2C HEM S . -5.29 23.14 4.40
C3C HEM S . -4.84 21.87 4.00
C4C HEM S . -5.66 20.90 4.55
CMC HEM S . -4.73 24.51 4.09
CAC HEM S . -3.79 21.56 3.03
CBC HEM S . -3.56 22.40 2.08
C1D HEM S . -6.39 18.60 4.99
C2D HEM S . -6.09 17.17 4.90
C3D HEM S . -7.09 16.51 5.55
C4D HEM S . -7.97 17.59 6.08
CMD HEM S . -4.93 16.57 4.17
CAD HEM S . -7.25 14.99 5.75
CBD HEM S . -8.34 14.57 4.76
CGD HEM S . -8.64 13.11 4.48
O1D HEM S . -9.69 12.83 3.85
O2D HEM S . -7.88 12.18 4.88
NA HEM S . -9.90 19.70 6.93
NB HEM S . -9.08 22.45 6.47
NC HEM S . -6.66 21.55 5.22
ND HEM S . -7.54 18.84 5.72
FE HEM S . -8.32 20.59 6.07
C1 PYG T . -5.02 24.16 18.34
C2 PYG T . -4.71 23.45 19.57
C3 PYG T . -4.23 24.15 20.77
C4 PYG T . -4.09 25.49 20.75
C5 PYG T . -4.34 26.15 19.54
C6 PYG T . -4.79 25.52 18.38
O1 PYG T . -5.43 23.58 17.18
O2 PYG T . -4.81 22.08 19.71
O3 PYG T . -3.99 23.39 21.93
C1 PYG U . -7.47 23.43 11.91
C2 PYG U . -7.82 22.60 10.76
C3 PYG U . -6.85 21.86 10.03
C4 PYG U . -5.52 22.00 10.50
C5 PYG U . -5.19 22.85 11.55
C6 PYG U . -6.14 23.57 12.23
O1 PYG U . -8.44 24.15 12.48
O2 PYG U . -9.00 22.38 10.43
O3 PYG U . -7.31 21.07 8.97
CL CL V . 0.56 -7.56 3.24
CL CL W . -11.90 10.27 -18.29
CHA HEM X . 7.02 7.62 -17.78
CHB HEM X . 3.13 10.47 -17.63
CHC HEM X . 4.59 12.59 -21.84
CHD HEM X . 8.78 10.25 -21.50
C1A HEM X . 5.82 8.17 -17.39
C2A HEM X . 5.10 7.86 -16.23
C3A HEM X . 4.01 8.68 -16.19
C4A HEM X . 4.05 9.50 -17.34
CMA HEM X . 2.92 8.75 -15.15
CAA HEM X . 5.54 6.81 -15.21
CBA HEM X . 6.73 7.41 -14.43
CGA HEM X . 7.20 6.63 -13.20
O1A HEM X . 8.22 7.01 -12.56
O2A HEM X . 6.58 5.59 -12.80
C1B HEM X . 3.20 11.30 -18.76
C2B HEM X . 2.25 12.32 -19.12
C3B HEM X . 2.64 12.85 -20.32
C4B HEM X . 3.89 12.22 -20.69
CMB HEM X . 1.01 12.65 -18.33
CAB HEM X . 2.10 13.96 -21.09
CBB HEM X . 1.24 14.80 -20.51
C1C HEM X . 5.90 12.19 -22.10
C2C HEM X . 6.80 12.89 -22.92
C3C HEM X . 7.99 12.19 -22.85
C4C HEM X . 7.81 11.12 -21.91
CMC HEM X . 6.56 14.07 -23.82
CAC HEM X . 9.29 12.55 -23.42
CBC HEM X . 9.53 13.80 -23.76
C1D HEM X . 8.55 9.36 -20.44
C2D HEM X . 9.67 8.49 -20.08
C3D HEM X . 9.23 7.68 -19.06
C4D HEM X . 7.83 8.12 -18.79
CMD HEM X . 11.01 8.52 -20.80
CAD HEM X . 10.00 6.60 -18.37
CBD HEM X . 10.80 7.18 -17.21
CGD HEM X . 11.78 6.14 -16.77
O1D HEM X . 12.65 5.76 -17.62
O2D HEM X . 11.72 5.74 -15.58
NA HEM X . 5.16 9.18 -18.07
NB HEM X . 4.13 11.27 -19.72
NC HEM X . 6.52 11.15 -21.42
ND HEM X . 7.47 9.12 -19.66
FE HEM X . 5.85 10.14 -19.70
CHA HEM Y . 7.40 7.84 -17.80
CHB HEM Y . 9.01 10.62 -21.50
CHC HEM Y . 4.58 12.82 -21.68
CHD HEM Y . 3.38 10.52 -17.62
C1A HEM Y . 8.19 8.36 -18.79
C2A HEM Y . 9.52 7.96 -19.05
C3A HEM Y . 9.98 8.79 -20.06
C4A HEM Y . 8.93 9.62 -20.50
CMA HEM Y . 11.35 8.74 -20.67
CAA HEM Y . 10.30 6.93 -18.31
CBA HEM Y . 11.29 7.56 -17.28
CGA HEM Y . 11.90 6.38 -16.52
O1A HEM Y . 11.50 6.05 -15.36
O2A HEM Y . 12.86 5.74 -17.05
C1B HEM Y . 7.91 11.47 -21.86
C2B HEM Y . 7.93 12.42 -22.95
C3B HEM Y . 6.70 12.99 -23.03
C4B HEM Y . 5.91 12.44 -21.95
CMB HEM Y . 9.16 12.54 -23.75
CAB HEM Y . 6.16 14.09 -23.86
CBB HEM Y . 6.97 15.03 -24.36
C1C HEM Y . 3.86 12.42 -20.58
C2C HEM Y . 2.69 12.99 -20.10
C3C HEM Y . 2.37 12.35 -18.92
C4C HEM Y . 3.34 11.34 -18.70
CMC HEM Y . 1.95 14.13 -20.72
CAC HEM Y . 1.27 12.63 -18.01
CBC HEM Y . 0.77 13.85 -17.98
C1D HEM Y . 4.41 9.62 -17.44
C2D HEM Y . 4.27 8.68 -16.32
C3D HEM Y . 5.37 7.92 -16.34
C4D HEM Y . 6.17 8.37 -17.48
CMD HEM Y . 3.10 8.68 -15.39
CAD HEM Y . 5.72 6.80 -15.37
CBD HEM Y . 6.81 7.38 -14.47
CGD HEM Y . 7.14 6.49 -13.27
O1D HEM Y . 8.21 6.70 -12.63
O2D HEM Y . 6.37 5.54 -12.91
NA HEM Y . 7.87 9.43 -19.65
NB HEM Y . 6.68 11.55 -21.30
NC HEM Y . 4.30 11.49 -19.63
ND HEM Y . 5.55 9.45 -18.10
FE HEM Y . 6.10 10.48 -19.63
C1 PYG Z . 3.03 3.48 -30.39
C2 PYG Z . 2.89 2.04 -30.65
C3 PYG Z . 2.37 1.58 -31.96
C4 PYG Z . 2.02 2.52 -32.95
C5 PYG Z . 2.15 3.87 -32.66
C6 PYG Z . 2.62 4.34 -31.42
O1 PYG Z . 3.50 4.04 -29.22
O2 PYG Z . 3.17 1.10 -29.74
O3 PYG Z . 2.28 0.24 -32.22
C1 PYG AA . 4.96 8.10 -25.58
C2 PYG AA . 5.43 8.48 -24.24
C3 PYG AA . 4.57 8.36 -23.06
C4 PYG AA . 3.28 7.90 -23.37
C5 PYG AA . 2.85 7.55 -24.66
C6 PYG AA . 3.66 7.65 -25.79
O1 PYG AA . 5.85 8.25 -26.56
O2 PYG AA . 6.65 8.82 -24.08
O3 PYG AA . 5.04 8.78 -21.82
CL CL BA . 9.52 21.67 4.45
#